data_7NWB
#
_entry.id   7NWB
#
_cell.length_a   81.990
_cell.length_b   110.448
_cell.length_c   107.832
_cell.angle_alpha   90.000
_cell.angle_beta   103.400
_cell.angle_gamma   90.000
#
_symmetry.space_group_name_H-M   'P 1 21 1'
#
loop_
_entity.id
_entity.type
_entity.pdbx_description
1 polymer 'Branched-chain-amino-acid aminotransferase, cytosolic'
2 non-polymer 4-[2,4-bis(oxidanylidene)-6-(trifluoromethyl)-1H-pyrimidin-3-yl]-5-fluoranyl-2-(2-methylphenoxy)benzenecarbonitrile
3 non-polymer "PYRIDOXAL-5'-PHOSPHATE"
4 water water
#
_entity_poly.entity_id   1
_entity_poly.type   'polypeptide(L)'
_entity_poly.pdbx_seq_one_letter_code
;GPGMKDCSNGCSAECTGEGGSKEVVGTFKAKDLIVTPATILKEKPDPNNLVFGTVFTDHMLTVEWSSEFGWEKPHIKPLQ
NLSLHPGSSALHYAVELFEGLKAFRGVDNKIRLFQPNLNMDRMYRSAVRATLPVFDKEELLECIQQLVKLDQEWVPYSTS
ASLYIRPTFIGTEPSLGVKKPTKALLFVLLSPVGPYFSSGTFNPVSLWANPKYVRAWKGGTGDCKMGGNYGSSLFAQCEA
VDNGCQQVLWLYGEDHQITEVGTMNLFLYWINEDGEEELATPPLDGIILPGVTRRCILDLAHQWGEFKVSERYLTMDDLT
TALEGNRVREMFGSGTACVVCPVSDILYKGETIHIPTMENGPKLASRILSKLTDIQYGREERDWTIVLS
;
_entity_poly.pdbx_strand_id   A,B,C,D
#
loop_
_chem_comp.id
_chem_comp.type
_chem_comp.name
_chem_comp.formula
PLP non-polymer PYRIDOXAL-5'-PHOSPHATE 'C8 H10 N O6 P'
UTK non-polymer 4-[2,4-bis(oxidanylidene)-6-(trifluoromethyl)-1H-pyrimidin-3-yl]-5-fluoranyl-2-(2-methylphenoxy)benzenecarbonitrile 'C19 H11 F4 N3 O3'
#
# COMPACT_ATOMS: atom_id res chain seq x y z
N VAL A 25 27.59 -40.59 -13.62
CA VAL A 25 27.09 -40.10 -12.30
C VAL A 25 27.66 -41.00 -11.19
N GLY A 26 27.18 -40.82 -9.96
CA GLY A 26 27.75 -41.38 -8.71
C GLY A 26 27.37 -40.54 -7.50
N THR A 27 28.10 -40.66 -6.40
CA THR A 27 27.69 -40.09 -5.08
C THR A 27 28.87 -40.06 -4.12
N PHE A 28 28.89 -39.07 -3.23
CA PHE A 28 29.74 -39.06 -2.02
C PHE A 28 29.22 -40.11 -1.06
N LYS A 29 30.10 -40.75 -0.29
CA LYS A 29 29.74 -41.85 0.63
C LYS A 29 30.11 -41.42 2.06
N ALA A 30 29.25 -41.71 3.04
CA ALA A 30 29.44 -41.33 4.46
C ALA A 30 30.69 -42.03 5.00
N LYS A 31 31.02 -43.22 4.48
CA LYS A 31 32.22 -43.99 4.92
C LYS A 31 33.50 -43.18 4.63
N ASP A 32 33.49 -42.21 3.71
CA ASP A 32 34.70 -41.44 3.29
C ASP A 32 34.83 -40.12 4.05
N LEU A 33 33.87 -39.81 4.95
CA LEU A 33 33.83 -38.56 5.75
C LEU A 33 35.21 -38.23 6.30
N ILE A 34 35.71 -37.03 6.01
CA ILE A 34 36.90 -36.44 6.66
C ILE A 34 36.39 -35.44 7.71
N VAL A 35 36.62 -35.75 8.99
CA VAL A 35 36.19 -34.92 10.15
C VAL A 35 37.39 -34.10 10.65
N THR A 36 37.29 -32.78 10.60
CA THR A 36 38.27 -31.80 11.12
C THR A 36 37.65 -31.11 12.33
N PRO A 37 37.82 -31.64 13.55
CA PRO A 37 37.14 -31.08 14.73
C PRO A 37 37.65 -29.65 14.95
N ALA A 38 36.80 -28.79 15.50
CA ALA A 38 37.15 -27.42 15.92
C ALA A 38 37.95 -27.51 17.23
N THR A 39 39.04 -26.75 17.35
CA THR A 39 39.93 -26.77 18.53
C THR A 39 39.36 -25.80 19.58
N ILE A 40 38.56 -24.82 19.16
CA ILE A 40 37.87 -23.82 20.05
C ILE A 40 36.36 -23.99 19.85
N LEU A 41 35.62 -24.21 20.95
CA LEU A 41 34.16 -24.40 20.94
C LEU A 41 33.49 -23.09 21.41
N LYS A 42 32.33 -22.77 20.84
CA LYS A 42 31.50 -21.60 21.21
C LYS A 42 30.55 -21.99 22.34
N GLU A 43 30.22 -21.02 23.20
CA GLU A 43 29.16 -21.16 24.26
CA GLU A 43 29.17 -21.22 24.25
C GLU A 43 27.81 -21.40 23.56
N LYS A 44 26.98 -22.27 24.11
CA LYS A 44 25.61 -22.48 23.60
C LYS A 44 24.73 -21.30 24.03
N PRO A 45 23.67 -20.98 23.26
CA PRO A 45 22.76 -19.88 23.61
C PRO A 45 21.77 -20.33 24.67
N ASP A 46 21.08 -19.38 25.32
CA ASP A 46 20.00 -19.69 26.28
C ASP A 46 18.84 -20.32 25.51
N PRO A 47 18.39 -21.55 25.86
CA PRO A 47 17.24 -22.19 25.20
C PRO A 47 15.94 -21.36 25.13
N ASN A 48 15.74 -20.42 26.07
CA ASN A 48 14.48 -19.64 26.24
C ASN A 48 14.53 -18.31 25.45
N ASN A 49 15.66 -17.97 24.83
CA ASN A 49 15.90 -16.62 24.22
C ASN A 49 16.54 -16.79 22.85
N LEU A 50 15.97 -17.66 22.02
CA LEU A 50 16.52 -18.03 20.70
C LEU A 50 15.71 -17.34 19.61
N VAL A 51 16.36 -16.72 18.63
CA VAL A 51 15.72 -16.17 17.41
C VAL A 51 15.98 -17.17 16.27
N PHE A 52 14.96 -17.46 15.45
CA PHE A 52 15.08 -18.45 14.37
C PHE A 52 16.26 -18.11 13.43
N GLY A 53 17.15 -19.08 13.19
CA GLY A 53 18.17 -19.05 12.12
C GLY A 53 19.20 -17.95 12.27
N THR A 54 19.49 -17.47 13.50
CA THR A 54 20.48 -16.38 13.74
C THR A 54 21.77 -16.97 14.30
N VAL A 55 21.68 -18.05 15.07
CA VAL A 55 22.83 -18.68 15.78
C VAL A 55 23.19 -20.01 15.10
N PHE A 56 24.49 -20.27 14.92
CA PHE A 56 25.01 -21.49 14.25
C PHE A 56 25.93 -22.28 15.19
N THR A 57 26.02 -23.59 14.95
CA THR A 57 26.80 -24.56 15.76
C THR A 57 28.27 -24.48 15.36
N ASP A 58 29.09 -25.41 15.87
CA ASP A 58 30.57 -25.39 15.74
C ASP A 58 30.99 -25.85 14.35
N HIS A 59 30.24 -26.77 13.72
CA HIS A 59 30.67 -27.50 12.50
C HIS A 59 29.59 -27.45 11.43
N MET A 60 30.01 -27.70 10.19
CA MET A 60 29.16 -27.80 8.99
C MET A 60 29.62 -29.01 8.19
N LEU A 61 28.72 -29.57 7.36
CA LEU A 61 29.09 -30.50 6.27
C LEU A 61 29.32 -29.69 5.01
N THR A 62 30.37 -30.02 4.24
CA THR A 62 30.61 -29.51 2.86
C THR A 62 31.00 -30.69 1.97
N VAL A 63 30.45 -30.75 0.75
CA VAL A 63 30.82 -31.72 -0.30
C VAL A 63 30.92 -30.98 -1.63
N GLU A 64 32.11 -31.01 -2.26
CA GLU A 64 32.38 -30.40 -3.59
C GLU A 64 31.96 -31.37 -4.70
N TRP A 65 31.44 -30.85 -5.80
CA TRP A 65 31.15 -31.62 -7.04
C TRP A 65 31.69 -30.87 -8.25
N SER A 66 32.08 -31.61 -9.27
CA SER A 66 32.44 -31.11 -10.62
C SER A 66 31.97 -32.14 -11.64
N SER A 67 31.61 -31.71 -12.85
CA SER A 67 31.23 -32.63 -13.95
C SER A 67 32.43 -33.50 -14.32
N GLU A 68 33.65 -32.98 -14.17
CA GLU A 68 34.88 -33.67 -14.61
C GLU A 68 35.17 -34.86 -13.69
N PHE A 69 35.12 -34.67 -12.37
CA PHE A 69 35.61 -35.67 -11.37
C PHE A 69 34.45 -36.24 -10.53
N GLY A 70 33.28 -35.61 -10.55
CA GLY A 70 32.11 -36.06 -9.77
C GLY A 70 32.19 -35.59 -8.33
N TRP A 71 31.64 -36.37 -7.40
CA TRP A 71 31.58 -35.99 -5.96
C TRP A 71 32.94 -36.23 -5.28
N GLU A 72 33.49 -35.18 -4.67
CA GLU A 72 34.65 -35.29 -3.74
C GLU A 72 34.15 -35.95 -2.45
N LYS A 73 35.08 -36.33 -1.59
CA LYS A 73 34.75 -36.92 -0.26
C LYS A 73 34.13 -35.83 0.62
N PRO A 74 33.09 -36.16 1.42
CA PRO A 74 32.43 -35.19 2.28
C PRO A 74 33.32 -34.81 3.47
N HIS A 75 33.22 -33.56 3.91
CA HIS A 75 33.97 -32.98 5.05
C HIS A 75 32.99 -32.51 6.12
N ILE A 76 33.20 -32.91 7.38
CA ILE A 76 32.65 -32.21 8.57
C ILE A 76 33.79 -31.40 9.15
N LYS A 77 33.62 -30.08 9.24
CA LYS A 77 34.71 -29.14 9.59
C LYS A 77 34.11 -27.92 10.28
N PRO A 78 34.94 -27.03 10.89
CA PRO A 78 34.42 -25.85 11.57
C PRO A 78 33.58 -24.99 10.63
N LEU A 79 32.50 -24.42 11.16
CA LEU A 79 31.69 -23.40 10.43
C LEU A 79 32.65 -22.34 9.91
N GLN A 80 32.48 -21.94 8.65
CA GLN A 80 33.41 -21.02 7.96
C GLN A 80 32.66 -20.34 6.82
N ASN A 81 33.17 -19.19 6.39
CA ASN A 81 32.73 -18.52 5.16
C ASN A 81 32.98 -19.47 3.98
N LEU A 82 32.13 -19.40 2.96
CA LEU A 82 32.34 -20.06 1.66
C LEU A 82 33.20 -19.13 0.80
N SER A 83 34.23 -19.70 0.16
CA SER A 83 35.03 -19.01 -0.89
C SER A 83 34.39 -19.35 -2.24
N LEU A 84 33.61 -18.41 -2.78
CA LEU A 84 32.90 -18.58 -4.06
C LEU A 84 33.51 -17.61 -5.08
N HIS A 85 33.75 -18.10 -6.29
CA HIS A 85 34.00 -17.26 -7.47
C HIS A 85 32.82 -16.33 -7.62
N PRO A 86 33.04 -15.03 -7.90
CA PRO A 86 31.93 -14.08 -7.99
C PRO A 86 30.99 -14.34 -9.19
N GLY A 87 31.36 -15.25 -10.10
CA GLY A 87 30.52 -15.68 -11.22
C GLY A 87 29.60 -16.85 -10.88
N SER A 88 29.76 -17.42 -9.69
CA SER A 88 29.01 -18.60 -9.20
C SER A 88 27.53 -18.47 -9.55
N SER A 89 26.94 -19.49 -10.19
CA SER A 89 25.58 -19.41 -10.77
C SER A 89 24.52 -19.21 -9.67
N ALA A 90 24.81 -19.62 -8.44
CA ALA A 90 23.92 -19.41 -7.28
C ALA A 90 23.71 -17.90 -7.05
N LEU A 91 24.72 -17.08 -7.33
CA LEU A 91 24.67 -15.60 -7.11
C LEU A 91 23.96 -14.88 -8.27
N HIS A 92 23.86 -15.51 -9.44
CA HIS A 92 23.40 -14.84 -10.69
C HIS A 92 22.04 -15.37 -11.15
N TYR A 93 21.87 -16.68 -11.24
CA TYR A 93 20.68 -17.37 -11.82
C TYR A 93 20.02 -18.28 -10.79
N ALA A 94 20.28 -18.05 -9.50
CA ALA A 94 19.60 -18.74 -8.38
C ALA A 94 19.66 -20.25 -8.60
N VAL A 95 20.82 -20.76 -9.02
CA VAL A 95 21.03 -22.22 -9.18
C VAL A 95 21.29 -22.78 -7.78
N GLU A 96 20.21 -23.03 -7.05
CA GLU A 96 20.28 -23.33 -5.60
C GLU A 96 18.97 -23.98 -5.13
N LEU A 97 19.10 -24.84 -4.11
CA LEU A 97 17.95 -25.41 -3.39
C LEU A 97 18.37 -25.68 -1.96
N PHE A 98 17.39 -25.83 -1.07
CA PHE A 98 17.60 -26.06 0.36
C PHE A 98 16.54 -27.02 0.89
N GLU A 99 16.79 -27.52 2.10
CA GLU A 99 15.81 -28.27 2.91
C GLU A 99 15.76 -27.64 4.31
N GLY A 100 14.73 -28.04 5.04
CA GLY A 100 14.48 -27.65 6.44
C GLY A 100 13.89 -28.83 7.17
N LEU A 101 14.61 -29.31 8.18
CA LEU A 101 14.15 -30.40 9.07
C LEU A 101 14.80 -30.16 10.43
N LYS A 102 14.29 -30.84 11.47
CA LYS A 102 14.73 -30.56 12.86
C LYS A 102 15.20 -31.85 13.52
N ALA A 103 16.12 -31.70 14.47
CA ALA A 103 16.51 -32.69 15.50
C ALA A 103 15.90 -32.25 16.83
N PHE A 104 15.32 -33.18 17.58
CA PHE A 104 14.57 -32.90 18.83
C PHE A 104 15.18 -33.69 19.99
N ARG A 105 15.57 -33.02 21.07
CA ARG A 105 15.93 -33.68 22.34
C ARG A 105 14.63 -34.08 23.07
N GLY A 106 14.35 -35.38 23.12
CA GLY A 106 13.10 -35.93 23.70
C GLY A 106 13.10 -35.94 25.22
N VAL A 107 11.96 -36.25 25.83
CA VAL A 107 11.78 -36.29 27.31
C VAL A 107 12.70 -37.37 27.90
N ASP A 108 13.12 -38.34 27.07
CA ASP A 108 14.02 -39.46 27.48
C ASP A 108 15.50 -39.10 27.18
N ASN A 109 15.76 -37.83 26.82
CA ASN A 109 17.10 -37.26 26.52
C ASN A 109 17.72 -37.89 25.24
N LYS A 110 16.94 -38.65 24.45
CA LYS A 110 17.38 -39.23 23.16
C LYS A 110 17.06 -38.23 22.04
N ILE A 111 18.01 -37.99 21.14
CA ILE A 111 17.83 -37.04 20.00
C ILE A 111 17.21 -37.77 18.81
N ARG A 112 16.17 -37.19 18.23
CA ARG A 112 15.36 -37.82 17.16
C ARG A 112 15.24 -36.87 15.97
N LEU A 113 15.35 -37.43 14.76
CA LEU A 113 14.91 -36.77 13.51
C LEU A 113 13.47 -37.19 13.24
N PHE A 114 12.73 -36.37 12.51
CA PHE A 114 11.30 -36.57 12.18
C PHE A 114 11.17 -36.69 10.66
N GLN A 115 10.91 -37.91 10.17
CA GLN A 115 10.63 -38.22 8.74
C GLN A 115 11.75 -37.68 7.84
N PRO A 116 13.04 -37.81 8.22
CA PRO A 116 14.10 -37.13 7.48
C PRO A 116 14.23 -37.66 6.04
N ASN A 117 13.82 -38.91 5.82
CA ASN A 117 13.75 -39.59 4.49
C ASN A 117 12.93 -38.73 3.51
N LEU A 118 11.83 -38.13 3.98
CA LEU A 118 10.91 -37.33 3.12
C LEU A 118 11.62 -36.06 2.66
N ASN A 119 12.48 -35.48 3.51
CA ASN A 119 13.30 -34.29 3.17
C ASN A 119 14.34 -34.67 2.10
N MET A 120 15.02 -35.79 2.28
CA MET A 120 16.04 -36.28 1.30
C MET A 120 15.34 -36.55 -0.04
N ASP A 121 14.14 -37.16 -0.03
CA ASP A 121 13.33 -37.41 -1.26
C ASP A 121 13.13 -36.09 -2.00
N ARG A 122 12.69 -35.06 -1.26
CA ARG A 122 12.31 -33.73 -1.80
C ARG A 122 13.55 -32.98 -2.29
N MET A 123 14.68 -33.11 -1.59
CA MET A 123 15.95 -32.47 -1.99
C MET A 123 16.44 -33.06 -3.32
N TYR A 124 16.41 -34.38 -3.46
CA TYR A 124 16.82 -35.12 -4.70
C TYR A 124 15.99 -34.61 -5.89
N ARG A 125 14.66 -34.63 -5.73
CA ARG A 125 13.70 -34.22 -6.77
C ARG A 125 13.97 -32.75 -7.14
N SER A 126 14.22 -31.90 -6.15
CA SER A 126 14.54 -30.46 -6.35
C SER A 126 15.84 -30.34 -7.12
N ALA A 127 16.85 -31.15 -6.79
CA ALA A 127 18.16 -31.13 -7.47
C ALA A 127 17.96 -31.45 -8.95
N VAL A 128 17.09 -32.42 -9.28
CA VAL A 128 16.84 -32.84 -10.67
C VAL A 128 16.21 -31.66 -11.42
N ARG A 129 15.25 -30.99 -10.78
CA ARG A 129 14.48 -29.87 -11.39
C ARG A 129 15.41 -28.66 -11.58
N ALA A 130 16.42 -28.50 -10.73
CA ALA A 130 17.42 -27.40 -10.77
C ALA A 130 18.56 -27.69 -11.76
N THR A 131 18.73 -28.95 -12.18
CA THR A 131 19.84 -29.47 -13.03
C THR A 131 21.13 -29.54 -12.22
N LEU A 132 21.03 -29.53 -10.89
CA LEU A 132 22.15 -29.85 -9.96
C LEU A 132 22.33 -31.36 -9.94
N PRO A 133 23.55 -31.85 -9.64
CA PRO A 133 23.86 -33.28 -9.75
C PRO A 133 23.13 -34.09 -8.66
N VAL A 134 22.65 -35.28 -9.00
CA VAL A 134 21.99 -36.21 -8.05
C VAL A 134 23.06 -36.76 -7.09
N PHE A 135 22.61 -37.36 -5.99
CA PHE A 135 23.43 -37.99 -4.92
C PHE A 135 22.61 -39.14 -4.28
N ASP A 136 23.26 -40.01 -3.50
CA ASP A 136 22.56 -41.08 -2.76
C ASP A 136 21.92 -40.45 -1.50
N LYS A 137 20.60 -40.60 -1.36
CA LYS A 137 19.80 -39.97 -0.28
C LYS A 137 20.20 -40.55 1.09
N GLU A 138 20.47 -41.86 1.15
CA GLU A 138 20.86 -42.56 2.40
C GLU A 138 22.23 -42.04 2.85
N GLU A 139 23.14 -41.77 1.91
CA GLU A 139 24.52 -41.29 2.21
C GLU A 139 24.46 -39.84 2.74
N LEU A 140 23.58 -39.00 2.20
CA LEU A 140 23.46 -37.62 2.71
C LEU A 140 22.86 -37.67 4.13
N LEU A 141 21.86 -38.51 4.34
CA LEU A 141 21.21 -38.66 5.67
C LEU A 141 22.30 -39.06 6.68
N GLU A 142 23.10 -40.07 6.35
CA GLU A 142 24.13 -40.61 7.28
C GLU A 142 25.15 -39.47 7.54
N CYS A 143 25.48 -38.66 6.53
CA CYS A 143 26.42 -37.52 6.69
C CYS A 143 25.83 -36.49 7.65
N ILE A 144 24.55 -36.16 7.48
CA ILE A 144 23.79 -35.22 8.37
C ILE A 144 23.78 -35.79 9.80
N GLN A 145 23.55 -37.09 9.94
CA GLN A 145 23.45 -37.74 11.27
C GLN A 145 24.80 -37.63 11.98
N GLN A 146 25.90 -37.87 11.28
CA GLN A 146 27.28 -37.71 11.85
C GLN A 146 27.49 -36.25 12.26
N LEU A 147 26.99 -35.30 11.47
CA LEU A 147 27.17 -33.85 11.76
C LEU A 147 26.42 -33.52 13.06
N VAL A 148 25.15 -33.90 13.14
CA VAL A 148 24.29 -33.60 14.32
C VAL A 148 24.89 -34.31 15.54
N LYS A 149 25.44 -35.52 15.36
CA LYS A 149 26.03 -36.31 16.47
C LYS A 149 27.22 -35.53 17.04
N LEU A 150 28.12 -35.07 16.19
CA LEU A 150 29.33 -34.32 16.63
C LEU A 150 28.90 -33.05 17.36
N ASP A 151 27.81 -32.41 16.91
CA ASP A 151 27.32 -31.14 17.48
C ASP A 151 26.07 -31.40 18.34
N GLN A 152 25.96 -32.59 18.95
CA GLN A 152 24.69 -33.05 19.58
C GLN A 152 24.37 -32.20 20.82
N GLU A 153 25.37 -31.66 21.51
CA GLU A 153 25.14 -30.78 22.69
C GLU A 153 24.47 -29.47 22.23
N TRP A 154 24.40 -29.18 20.94
CA TRP A 154 23.69 -27.98 20.40
C TRP A 154 22.18 -28.23 20.33
N VAL A 155 21.74 -29.49 20.30
CA VAL A 155 20.29 -29.81 20.31
C VAL A 155 19.78 -29.38 21.68
N PRO A 156 18.98 -28.29 21.77
CA PRO A 156 18.75 -27.60 23.03
C PRO A 156 18.16 -28.50 24.12
N TYR A 157 18.54 -28.24 25.37
CA TYR A 157 17.99 -28.94 26.56
C TYR A 157 16.70 -28.23 26.96
N SER A 158 15.68 -28.44 26.12
CA SER A 158 14.34 -27.80 26.19
C SER A 158 13.37 -28.61 25.34
N THR A 159 12.17 -28.90 25.85
CA THR A 159 11.16 -29.75 25.17
C THR A 159 10.31 -28.89 24.23
N SER A 160 10.60 -27.59 24.11
CA SER A 160 9.91 -26.68 23.16
C SER A 160 10.92 -26.01 22.21
N ALA A 161 12.15 -26.53 22.12
CA ALA A 161 13.20 -26.07 21.19
C ALA A 161 13.78 -27.26 20.41
N SER A 162 14.54 -26.96 19.36
CA SER A 162 15.01 -27.92 18.34
C SER A 162 16.36 -27.47 17.79
N LEU A 163 17.02 -28.35 17.04
CA LEU A 163 18.16 -27.98 16.18
C LEU A 163 17.64 -27.98 14.74
N TYR A 164 17.67 -26.82 14.08
CA TYR A 164 17.29 -26.68 12.65
C TYR A 164 18.47 -27.15 11.80
N ILE A 165 18.19 -28.11 10.92
CA ILE A 165 19.15 -28.68 9.94
C ILE A 165 18.82 -28.05 8.58
N ARG A 166 19.76 -27.30 8.00
CA ARG A 166 19.61 -26.57 6.71
C ARG A 166 20.57 -27.18 5.70
N PRO A 167 20.18 -28.28 5.01
CA PRO A 167 20.92 -28.74 3.84
C PRO A 167 20.77 -27.69 2.73
N THR A 168 21.85 -27.32 2.07
CA THR A 168 21.88 -26.31 1.00
C THR A 168 22.71 -26.86 -0.16
N PHE A 169 22.31 -26.55 -1.39
CA PHE A 169 22.91 -27.09 -2.63
C PHE A 169 23.02 -25.92 -3.62
N ILE A 170 24.23 -25.51 -3.99
CA ILE A 170 24.46 -24.30 -4.82
C ILE A 170 25.34 -24.63 -6.03
N GLY A 171 24.99 -24.05 -7.19
CA GLY A 171 25.89 -24.00 -8.35
C GLY A 171 27.04 -23.06 -8.09
N THR A 172 28.29 -23.49 -8.36
CA THR A 172 29.53 -22.71 -8.14
C THR A 172 30.33 -22.58 -9.43
N GLU A 173 29.67 -22.84 -10.57
CA GLU A 173 30.18 -22.62 -11.96
C GLU A 173 30.75 -21.21 -12.03
N PRO A 174 32.06 -21.02 -12.33
CA PRO A 174 32.62 -19.67 -12.43
C PRO A 174 32.30 -18.96 -13.74
N SER A 175 31.22 -19.32 -14.41
CA SER A 175 30.86 -18.84 -15.77
C SER A 175 29.49 -18.16 -15.74
N LEU A 176 29.36 -17.07 -16.48
CA LEU A 176 28.13 -16.22 -16.56
C LEU A 176 27.16 -16.83 -17.56
N GLY A 177 27.57 -17.85 -18.31
CA GLY A 177 26.66 -18.66 -19.15
C GLY A 177 25.50 -19.17 -18.34
N VAL A 178 24.26 -18.98 -18.83
CA VAL A 178 23.02 -19.53 -18.24
C VAL A 178 22.93 -21.00 -18.66
N LYS A 179 23.42 -21.92 -17.82
CA LYS A 179 23.55 -23.35 -18.18
C LYS A 179 23.58 -24.22 -16.92
N LYS A 180 23.26 -25.50 -17.10
CA LYS A 180 23.53 -26.60 -16.14
C LYS A 180 24.94 -26.41 -15.59
N PRO A 181 25.09 -26.31 -14.24
CA PRO A 181 26.40 -26.07 -13.65
C PRO A 181 27.32 -27.29 -13.79
N THR A 182 28.63 -27.04 -13.97
CA THR A 182 29.67 -28.09 -14.04
C THR A 182 30.46 -28.10 -12.72
N LYS A 183 29.95 -27.35 -11.74
CA LYS A 183 30.58 -27.18 -10.39
C LYS A 183 29.46 -26.88 -9.40
N ALA A 184 29.40 -27.61 -8.29
CA ALA A 184 28.39 -27.39 -7.24
C ALA A 184 29.00 -27.65 -5.87
N LEU A 185 28.39 -27.07 -4.84
CA LEU A 185 28.69 -27.34 -3.42
C LEU A 185 27.39 -27.72 -2.70
N LEU A 186 27.38 -28.89 -2.06
CA LEU A 186 26.32 -29.30 -1.10
C LEU A 186 26.90 -29.12 0.30
N PHE A 187 26.25 -28.34 1.15
CA PHE A 187 26.68 -28.06 2.53
C PHE A 187 25.47 -28.08 3.46
N VAL A 188 25.71 -28.33 4.75
CA VAL A 188 24.64 -28.41 5.80
C VAL A 188 25.06 -27.53 6.97
N LEU A 189 24.20 -26.57 7.33
CA LEU A 189 24.29 -25.76 8.55
C LEU A 189 23.36 -26.33 9.63
N LEU A 190 23.73 -26.12 10.91
CA LEU A 190 22.89 -26.40 12.09
C LEU A 190 22.70 -25.09 12.87
N SER A 191 21.48 -24.85 13.33
CA SER A 191 21.04 -23.61 14.02
C SER A 191 20.06 -23.97 15.13
N PRO A 192 20.42 -23.80 16.42
CA PRO A 192 19.47 -24.05 17.51
C PRO A 192 18.36 -23.01 17.46
N VAL A 193 17.09 -23.43 17.47
CA VAL A 193 15.90 -22.53 17.40
C VAL A 193 14.94 -22.89 18.52
N GLY A 194 14.27 -21.89 19.09
CA GLY A 194 13.30 -22.05 20.19
C GLY A 194 11.91 -22.34 19.66
N PRO A 195 10.87 -22.20 20.51
CA PRO A 195 9.48 -22.35 20.04
C PRO A 195 9.19 -21.29 18.95
N TYR A 196 8.31 -21.58 18.00
CA TYR A 196 7.96 -20.65 16.90
C TYR A 196 7.53 -19.30 17.48
N PHE A 197 6.64 -19.32 18.48
CA PHE A 197 6.19 -18.11 19.22
C PHE A 197 6.80 -18.16 20.63
N SER A 198 7.42 -17.05 21.07
CA SER A 198 8.10 -16.89 22.39
C SER A 198 7.21 -17.38 23.55
N SER A 199 5.93 -16.99 23.54
CA SER A 199 4.95 -17.28 24.62
C SER A 199 4.79 -18.79 24.81
N GLY A 200 5.04 -19.60 23.78
CA GLY A 200 4.80 -21.07 23.79
C GLY A 200 3.36 -21.41 23.44
N THR A 201 2.38 -20.55 23.77
CA THR A 201 0.95 -20.68 23.40
C THR A 201 0.76 -20.23 21.95
N PHE A 202 -0.41 -20.50 21.35
CA PHE A 202 -0.77 -20.04 19.97
C PHE A 202 -0.90 -18.52 19.93
N ASN A 203 -0.16 -17.86 19.02
CA ASN A 203 -0.36 -16.43 18.65
C ASN A 203 -0.98 -16.39 17.26
N PRO A 204 -2.32 -16.21 17.14
CA PRO A 204 -2.99 -16.37 15.84
C PRO A 204 -2.59 -15.23 14.89
N VAL A 205 -2.41 -15.55 13.60
CA VAL A 205 -1.85 -14.62 12.57
C VAL A 205 -2.99 -14.01 11.75
N SER A 206 -2.76 -12.80 11.23
CA SER A 206 -3.53 -12.14 10.14
C SER A 206 -2.79 -12.37 8.82
N LEU A 207 -3.53 -12.70 7.76
CA LEU A 207 -2.98 -12.92 6.40
C LEU A 207 -3.33 -11.72 5.51
N TRP A 208 -2.35 -11.21 4.78
CA TRP A 208 -2.51 -10.21 3.71
C TRP A 208 -2.74 -10.95 2.39
N ALA A 209 -3.96 -10.86 1.86
CA ALA A 209 -4.40 -11.52 0.61
C ALA A 209 -4.55 -10.43 -0.47
N ASN A 210 -3.56 -10.38 -1.37
CA ASN A 210 -3.50 -9.47 -2.54
C ASN A 210 -3.21 -10.32 -3.77
N PRO A 211 -4.18 -10.47 -4.70
CA PRO A 211 -4.01 -11.35 -5.87
C PRO A 211 -2.97 -10.86 -6.88
N LYS A 212 -2.55 -9.61 -6.77
CA LYS A 212 -1.53 -8.96 -7.63
C LYS A 212 -0.24 -9.79 -7.58
N TYR A 213 0.10 -10.45 -6.46
CA TYR A 213 1.32 -11.30 -6.32
C TYR A 213 0.93 -12.77 -6.41
N VAL A 214 1.72 -13.55 -7.17
CA VAL A 214 1.48 -15.01 -7.40
C VAL A 214 2.78 -15.75 -7.10
N ARG A 215 2.74 -16.69 -6.17
CA ARG A 215 3.92 -17.41 -5.61
C ARG A 215 4.45 -18.42 -6.65
N ALA A 216 3.55 -19.04 -7.41
CA ALA A 216 3.86 -20.21 -8.24
C ALA A 216 2.78 -20.40 -9.30
N TRP A 217 3.15 -21.04 -10.41
CA TRP A 217 2.34 -21.18 -11.64
C TRP A 217 2.54 -22.59 -12.19
N LYS A 218 1.53 -23.15 -12.86
CA LYS A 218 1.65 -24.53 -13.41
C LYS A 218 2.73 -24.46 -14.50
N GLY A 219 3.70 -25.36 -14.46
CA GLY A 219 4.90 -25.40 -15.32
C GLY A 219 6.06 -24.70 -14.66
N GLY A 220 5.84 -24.20 -13.44
CA GLY A 220 6.86 -23.55 -12.61
C GLY A 220 7.54 -24.53 -11.69
N THR A 221 8.16 -24.01 -10.63
CA THR A 221 9.03 -24.76 -9.68
C THR A 221 8.48 -24.64 -8.25
N GLY A 222 7.21 -24.25 -8.10
CA GLY A 222 6.55 -24.00 -6.80
C GLY A 222 6.53 -25.25 -5.92
N ASP A 223 6.55 -26.43 -6.51
CA ASP A 223 6.50 -27.73 -5.79
C ASP A 223 7.92 -28.19 -5.41
N CYS A 224 8.92 -27.33 -5.58
CA CYS A 224 10.33 -27.60 -5.17
C CYS A 224 10.78 -26.54 -4.16
N LYS A 225 11.75 -26.87 -3.32
CA LYS A 225 12.40 -25.92 -2.40
C LYS A 225 13.63 -25.35 -3.13
N MET A 226 13.38 -24.72 -4.27
CA MET A 226 14.39 -23.96 -5.06
C MET A 226 14.34 -22.48 -4.64
N GLY A 227 15.50 -21.90 -4.33
CA GLY A 227 15.66 -20.51 -3.84
C GLY A 227 14.83 -19.50 -4.61
N GLY A 228 14.67 -19.69 -5.94
CA GLY A 228 13.99 -18.76 -6.85
C GLY A 228 12.56 -18.49 -6.43
N ASN A 229 11.93 -19.49 -5.80
CA ASN A 229 10.54 -19.42 -5.33
C ASN A 229 10.41 -18.42 -4.17
N TYR A 230 11.49 -18.13 -3.45
CA TYR A 230 11.42 -17.39 -2.15
C TYR A 230 11.80 -15.91 -2.36
N GLY A 231 12.78 -15.61 -3.21
CA GLY A 231 13.25 -14.23 -3.48
C GLY A 231 12.12 -13.28 -3.85
N SER A 232 11.19 -13.73 -4.68
CA SER A 232 10.04 -12.94 -5.22
C SER A 232 9.01 -12.65 -4.13
N SER A 233 9.11 -13.29 -2.97
CA SER A 233 8.07 -13.27 -1.91
C SER A 233 8.34 -12.14 -0.92
N LEU A 234 9.59 -11.72 -0.76
CA LEU A 234 10.03 -10.73 0.27
C LEU A 234 9.21 -9.43 0.16
N PHE A 235 9.01 -8.93 -1.06
CA PHE A 235 8.29 -7.65 -1.31
C PHE A 235 6.87 -7.76 -0.75
N ALA A 236 6.17 -8.86 -1.07
CA ALA A 236 4.79 -9.11 -0.64
C ALA A 236 4.75 -9.25 0.90
N GLN A 237 5.75 -9.91 1.50
CA GLN A 237 5.84 -10.09 2.97
C GLN A 237 5.94 -8.72 3.64
N CYS A 238 6.75 -7.81 3.09
CA CYS A 238 6.87 -6.42 3.60
C CYS A 238 5.55 -5.68 3.46
N GLU A 239 4.82 -5.91 2.36
CA GLU A 239 3.50 -5.27 2.14
C GLU A 239 2.54 -5.76 3.25
N ALA A 240 2.59 -7.06 3.57
CA ALA A 240 1.77 -7.69 4.62
C ALA A 240 2.05 -7.00 5.97
N VAL A 241 3.32 -6.89 6.35
CA VAL A 241 3.74 -6.30 7.65
C VAL A 241 3.31 -4.84 7.70
N ASP A 242 3.37 -4.10 6.60
CA ASP A 242 2.95 -2.67 6.51
C ASP A 242 1.46 -2.53 6.81
N ASN A 243 0.67 -3.60 6.63
CA ASN A 243 -0.80 -3.62 6.87
C ASN A 243 -1.11 -4.47 8.11
N GLY A 244 -0.15 -4.58 9.03
CA GLY A 244 -0.33 -5.25 10.34
C GLY A 244 -0.73 -6.71 10.20
N CYS A 245 -0.31 -7.37 9.12
CA CYS A 245 -0.43 -8.84 8.92
C CYS A 245 0.95 -9.50 9.15
N GLN A 246 0.97 -10.78 9.49
CA GLN A 246 2.18 -11.53 9.88
C GLN A 246 2.64 -12.44 8.73
N GLN A 247 1.73 -12.84 7.83
CA GLN A 247 2.00 -13.74 6.69
C GLN A 247 1.18 -13.34 5.46
N VAL A 248 1.62 -13.79 4.28
CA VAL A 248 0.94 -13.60 2.97
C VAL A 248 0.01 -14.80 2.74
N LEU A 249 -1.24 -14.56 2.38
CA LEU A 249 -2.10 -15.63 1.82
C LEU A 249 -1.88 -15.60 0.31
N TRP A 250 -1.29 -16.66 -0.23
CA TRP A 250 -0.96 -16.77 -1.66
C TRP A 250 -2.19 -17.21 -2.44
N LEU A 251 -2.75 -16.30 -3.23
CA LEU A 251 -3.89 -16.55 -4.16
C LEU A 251 -3.38 -16.89 -5.57
N TYR A 252 -4.17 -17.69 -6.29
CA TYR A 252 -3.86 -18.21 -7.65
C TYR A 252 -5.14 -18.30 -8.49
N GLY A 253 -5.10 -17.76 -9.70
CA GLY A 253 -6.07 -18.04 -10.77
C GLY A 253 -7.24 -17.08 -10.78
N GLU A 254 -8.07 -17.16 -11.81
CA GLU A 254 -9.20 -16.23 -12.06
C GLU A 254 -10.15 -16.25 -10.86
N ASP A 255 -10.29 -17.38 -10.17
CA ASP A 255 -11.29 -17.58 -9.08
C ASP A 255 -10.63 -17.52 -7.69
N HIS A 256 -9.38 -17.05 -7.60
CA HIS A 256 -8.68 -16.71 -6.33
C HIS A 256 -8.63 -17.92 -5.39
N GLN A 257 -7.97 -18.99 -5.83
CA GLN A 257 -7.68 -20.19 -5.00
C GLN A 257 -6.77 -19.74 -3.85
N ILE A 258 -7.09 -20.16 -2.61
CA ILE A 258 -6.16 -20.03 -1.45
C ILE A 258 -5.22 -21.24 -1.50
N THR A 259 -3.91 -21.02 -1.57
CA THR A 259 -2.90 -22.07 -1.84
C THR A 259 -2.04 -22.32 -0.60
N GLU A 260 -1.38 -21.28 -0.10
CA GLU A 260 -0.36 -21.40 0.96
C GLU A 260 -0.41 -20.18 1.88
N VAL A 261 -0.04 -20.38 3.13
CA VAL A 261 0.12 -19.30 4.15
C VAL A 261 1.62 -19.05 4.29
N GLY A 262 2.13 -18.03 3.61
CA GLY A 262 3.57 -17.73 3.57
C GLY A 262 4.35 -18.91 3.05
N THR A 263 5.22 -19.49 3.87
CA THR A 263 6.02 -20.71 3.58
C THR A 263 5.45 -21.89 4.37
N MET A 264 4.12 -21.90 4.56
CA MET A 264 3.36 -22.96 5.27
C MET A 264 2.21 -23.45 4.38
N ASN A 265 1.92 -24.74 4.43
CA ASN A 265 0.72 -25.32 3.76
C ASN A 265 -0.53 -24.87 4.50
N LEU A 266 -1.64 -24.76 3.77
CA LEU A 266 -2.93 -24.20 4.26
C LEU A 266 -3.89 -25.37 4.49
N PHE A 267 -4.49 -25.41 5.68
CA PHE A 267 -5.58 -26.35 6.05
C PHE A 267 -6.83 -25.55 6.42
N LEU A 268 -7.99 -25.99 5.92
CA LEU A 268 -9.32 -25.46 6.29
C LEU A 268 -10.16 -26.58 6.93
N TYR A 269 -10.61 -26.38 8.17
CA TYR A 269 -11.51 -27.29 8.92
C TYR A 269 -12.90 -26.64 8.95
N TRP A 270 -13.91 -27.29 8.38
CA TRP A 270 -15.21 -26.66 8.07
C TRP A 270 -16.30 -27.70 7.75
N ILE A 271 -17.55 -27.26 7.72
CA ILE A 271 -18.69 -27.98 7.10
C ILE A 271 -18.66 -27.64 5.61
N ASN A 272 -18.52 -28.64 4.75
CA ASN A 272 -18.38 -28.45 3.29
C ASN A 272 -19.76 -28.17 2.69
N GLU A 273 -19.81 -27.98 1.37
CA GLU A 273 -21.04 -27.62 0.60
C GLU A 273 -22.08 -28.74 0.73
N ASP A 274 -21.66 -29.97 1.04
CA ASP A 274 -22.51 -31.18 1.18
C ASP A 274 -23.00 -31.33 2.64
N GLY A 275 -22.71 -30.36 3.52
CA GLY A 275 -23.09 -30.39 4.95
C GLY A 275 -22.26 -31.38 5.77
N GLU A 276 -21.07 -31.78 5.29
CA GLU A 276 -20.17 -32.76 5.95
C GLU A 276 -18.98 -32.04 6.60
N GLU A 277 -18.59 -32.51 7.79
CA GLU A 277 -17.36 -32.09 8.53
C GLU A 277 -16.15 -32.51 7.68
N GLU A 278 -15.31 -31.56 7.28
CA GLU A 278 -14.20 -31.79 6.31
C GLU A 278 -12.93 -31.06 6.77
N LEU A 279 -11.79 -31.74 6.74
CA LEU A 279 -10.45 -31.11 6.70
C LEU A 279 -10.03 -31.04 5.23
N ALA A 280 -9.91 -29.83 4.69
CA ALA A 280 -9.56 -29.58 3.28
C ALA A 280 -8.18 -28.92 3.22
N THR A 281 -7.40 -29.26 2.20
CA THR A 281 -6.11 -28.61 1.86
C THR A 281 -6.00 -28.62 0.34
N PRO A 282 -5.38 -27.59 -0.28
CA PRO A 282 -5.20 -27.59 -1.72
C PRO A 282 -4.36 -28.78 -2.18
N PRO A 283 -4.68 -29.36 -3.35
CA PRO A 283 -4.00 -30.57 -3.83
C PRO A 283 -2.67 -30.25 -4.53
N LEU A 284 -1.82 -31.27 -4.66
CA LEU A 284 -0.46 -31.18 -5.25
C LEU A 284 -0.60 -31.22 -6.77
N ASP A 285 -0.98 -30.09 -7.37
CA ASP A 285 -1.21 -29.94 -8.83
C ASP A 285 -0.09 -29.11 -9.44
N GLY A 286 1.01 -28.89 -8.71
CA GLY A 286 2.23 -28.23 -9.19
C GLY A 286 2.53 -26.92 -8.48
N ILE A 287 1.52 -26.26 -7.88
CA ILE A 287 1.70 -24.89 -7.30
C ILE A 287 1.78 -24.96 -5.77
N ILE A 288 1.80 -26.17 -5.19
CA ILE A 288 1.88 -26.42 -3.71
C ILE A 288 3.18 -27.15 -3.41
N LEU A 289 3.98 -26.65 -2.47
CA LEU A 289 5.16 -27.37 -1.91
C LEU A 289 4.63 -28.57 -1.15
N PRO A 290 4.97 -29.83 -1.51
CA PRO A 290 4.52 -30.99 -0.75
C PRO A 290 5.21 -31.04 0.61
N GLY A 291 4.59 -30.41 1.60
CA GLY A 291 5.14 -30.30 2.97
C GLY A 291 5.16 -31.66 3.65
N VAL A 292 6.15 -31.88 4.51
CA VAL A 292 6.22 -33.08 5.38
C VAL A 292 5.08 -33.00 6.40
N THR A 293 4.95 -31.84 7.05
CA THR A 293 3.90 -31.63 8.08
C THR A 293 2.54 -31.87 7.43
N ARG A 294 2.34 -31.34 6.22
CA ARG A 294 1.10 -31.51 5.42
C ARG A 294 0.78 -33.02 5.28
N ARG A 295 1.77 -33.82 4.87
CA ARG A 295 1.65 -35.29 4.69
C ARG A 295 1.25 -35.92 6.02
N CYS A 296 1.94 -35.57 7.11
CA CYS A 296 1.70 -36.13 8.46
C CYS A 296 0.28 -35.82 8.91
N ILE A 297 -0.22 -34.61 8.65
CA ILE A 297 -1.58 -34.17 9.08
C ILE A 297 -2.63 -34.98 8.30
N LEU A 298 -2.46 -35.12 6.99
CA LEU A 298 -3.40 -35.91 6.15
C LEU A 298 -3.37 -37.36 6.62
N ASP A 299 -2.19 -37.94 6.84
CA ASP A 299 -2.03 -39.34 7.32
C ASP A 299 -2.83 -39.51 8.62
N LEU A 300 -2.67 -38.60 9.58
CA LEU A 300 -3.35 -38.63 10.89
C LEU A 300 -4.88 -38.57 10.67
N ALA A 301 -5.36 -37.56 9.96
CA ALA A 301 -6.81 -37.33 9.76
C ALA A 301 -7.45 -38.53 9.03
N HIS A 302 -6.77 -39.14 8.06
CA HIS A 302 -7.23 -40.37 7.36
C HIS A 302 -7.38 -41.50 8.38
N GLN A 303 -6.35 -41.70 9.22
CA GLN A 303 -6.25 -42.80 10.21
C GLN A 303 -7.36 -42.64 11.26
N TRP A 304 -7.61 -41.41 11.73
CA TRP A 304 -8.63 -41.11 12.77
C TRP A 304 -10.03 -41.51 12.28
N GLY A 305 -10.35 -41.19 11.01
CA GLY A 305 -11.57 -41.63 10.34
C GLY A 305 -12.82 -41.02 10.95
N GLU A 306 -12.69 -39.83 11.54
CA GLU A 306 -13.76 -39.12 12.30
C GLU A 306 -14.46 -38.08 11.42
N PHE A 307 -13.85 -37.69 10.29
CA PHE A 307 -14.42 -36.68 9.37
C PHE A 307 -13.79 -36.86 7.98
N LYS A 308 -14.40 -36.24 6.97
CA LYS A 308 -13.94 -36.30 5.57
C LYS A 308 -12.60 -35.57 5.44
N VAL A 309 -11.68 -36.14 4.67
CA VAL A 309 -10.36 -35.53 4.36
C VAL A 309 -10.25 -35.34 2.85
N SER A 310 -10.24 -34.10 2.40
CA SER A 310 -10.30 -33.72 0.96
C SER A 310 -9.08 -32.89 0.59
N GLU A 311 -8.26 -33.44 -0.30
CA GLU A 311 -7.33 -32.66 -1.17
C GLU A 311 -8.20 -32.09 -2.30
N ARG A 312 -8.49 -30.77 -2.22
CA ARG A 312 -9.43 -30.11 -3.15
C ARG A 312 -9.14 -28.61 -3.24
N TYR A 313 -9.65 -27.97 -4.27
CA TYR A 313 -9.52 -26.52 -4.54
C TYR A 313 -10.42 -25.77 -3.54
N LEU A 314 -9.86 -24.73 -2.92
CA LEU A 314 -10.57 -23.79 -2.00
C LEU A 314 -10.36 -22.37 -2.51
N THR A 315 -11.45 -21.62 -2.76
CA THR A 315 -11.41 -20.23 -3.24
C THR A 315 -11.84 -19.27 -2.11
N MET A 316 -11.49 -18.00 -2.24
CA MET A 316 -11.92 -16.95 -1.30
C MET A 316 -13.45 -16.90 -1.22
N ASP A 317 -14.16 -17.22 -2.32
CA ASP A 317 -15.64 -17.21 -2.36
C ASP A 317 -16.18 -18.43 -1.62
N ASP A 318 -15.52 -19.58 -1.75
CA ASP A 318 -15.88 -20.80 -0.96
C ASP A 318 -15.81 -20.42 0.53
N LEU A 319 -14.74 -19.72 0.92
CA LEU A 319 -14.43 -19.37 2.32
C LEU A 319 -15.44 -18.35 2.84
N THR A 320 -15.67 -17.25 2.12
CA THR A 320 -16.54 -16.15 2.56
C THR A 320 -18.01 -16.62 2.60
N THR A 321 -18.42 -17.46 1.64
CA THR A 321 -19.76 -18.09 1.57
C THR A 321 -19.95 -18.97 2.82
N ALA A 322 -18.93 -19.75 3.19
CA ALA A 322 -18.95 -20.62 4.40
C ALA A 322 -19.03 -19.79 5.69
N LEU A 323 -18.33 -18.65 5.77
CA LEU A 323 -18.31 -17.79 6.99
C LEU A 323 -19.69 -17.15 7.18
N GLU A 324 -20.38 -16.74 6.12
CA GLU A 324 -21.76 -16.19 6.14
C GLU A 324 -22.75 -17.23 6.66
N GLY A 325 -22.45 -18.52 6.43
CA GLY A 325 -23.27 -19.68 6.86
C GLY A 325 -22.76 -20.30 8.15
N ASN A 326 -21.77 -19.70 8.81
CA ASN A 326 -21.15 -20.16 10.08
C ASN A 326 -20.66 -21.60 9.93
N ARG A 327 -20.11 -21.94 8.76
CA ARG A 327 -19.68 -23.32 8.38
C ARG A 327 -18.18 -23.51 8.68
N VAL A 328 -17.44 -22.45 9.02
CA VAL A 328 -15.96 -22.53 9.21
C VAL A 328 -15.66 -22.71 10.69
N ARG A 329 -14.83 -23.71 11.03
CA ARG A 329 -14.36 -24.02 12.41
C ARG A 329 -12.95 -23.44 12.61
N GLU A 330 -11.97 -23.92 11.85
CA GLU A 330 -10.52 -23.59 12.02
C GLU A 330 -9.85 -23.42 10.65
N MET A 331 -8.90 -22.50 10.56
CA MET A 331 -7.90 -22.39 9.47
C MET A 331 -6.51 -22.37 10.13
N PHE A 332 -5.56 -23.14 9.62
CA PHE A 332 -4.18 -23.14 10.17
C PHE A 332 -3.16 -23.40 9.06
N GLY A 333 -1.99 -22.79 9.23
CA GLY A 333 -0.78 -23.13 8.47
C GLY A 333 -0.12 -24.35 9.07
N SER A 334 0.63 -25.10 8.26
CA SER A 334 1.41 -26.28 8.67
C SER A 334 2.82 -26.17 8.08
N GLY A 335 3.82 -26.68 8.79
CA GLY A 335 5.22 -26.65 8.37
C GLY A 335 6.14 -26.99 9.52
N THR A 336 7.40 -27.28 9.20
CA THR A 336 8.47 -27.64 10.16
C THR A 336 8.62 -26.47 11.15
N ALA A 337 8.42 -25.25 10.68
CA ALA A 337 8.64 -23.99 11.44
C ALA A 337 7.72 -23.97 12.65
N CYS A 338 6.44 -24.07 12.36
CA CYS A 338 5.30 -23.91 13.29
C CYS A 338 4.32 -25.02 12.94
N VAL A 339 4.40 -26.13 13.66
CA VAL A 339 3.71 -27.40 13.32
C VAL A 339 2.29 -27.08 12.84
N VAL A 340 1.59 -26.24 13.61
CA VAL A 340 0.19 -25.80 13.37
C VAL A 340 0.07 -24.34 13.79
N CYS A 341 -0.15 -23.42 12.84
CA CYS A 341 -0.25 -21.96 13.07
C CYS A 341 -1.67 -21.49 12.77
N PRO A 342 -2.51 -21.26 13.80
CA PRO A 342 -3.86 -20.76 13.59
C PRO A 342 -3.88 -19.41 12.87
N VAL A 343 -4.87 -19.23 11.99
CA VAL A 343 -5.23 -17.97 11.30
C VAL A 343 -6.51 -17.43 11.94
N SER A 344 -6.55 -16.14 12.29
CA SER A 344 -7.72 -15.46 12.91
C SER A 344 -8.38 -14.48 11.93
N ASP A 345 -7.66 -13.99 10.93
CA ASP A 345 -8.12 -12.86 10.08
C ASP A 345 -7.43 -12.88 8.71
N ILE A 346 -8.15 -12.44 7.68
CA ILE A 346 -7.65 -12.27 6.28
C ILE A 346 -8.05 -10.88 5.80
N LEU A 347 -7.08 -10.05 5.41
CA LEU A 347 -7.33 -8.74 4.73
C LEU A 347 -7.34 -8.99 3.22
N TYR A 348 -8.45 -8.65 2.57
CA TYR A 348 -8.76 -9.01 1.16
C TYR A 348 -9.77 -8.01 0.59
N LYS A 349 -9.41 -7.31 -0.47
CA LYS A 349 -10.25 -6.28 -1.13
C LYS A 349 -10.64 -5.20 -0.11
N GLY A 350 -9.73 -4.85 0.80
CA GLY A 350 -9.89 -3.74 1.76
C GLY A 350 -10.88 -4.04 2.87
N GLU A 351 -11.21 -5.31 3.12
CA GLU A 351 -12.07 -5.71 4.27
C GLU A 351 -11.29 -6.68 5.15
N THR A 352 -11.44 -6.58 6.47
CA THR A 352 -10.91 -7.54 7.47
C THR A 352 -11.93 -8.69 7.58
N ILE A 353 -11.57 -9.91 7.18
CA ILE A 353 -12.45 -11.12 7.24
C ILE A 353 -12.00 -11.95 8.43
N HIS A 354 -12.87 -12.09 9.44
CA HIS A 354 -12.56 -12.86 10.68
C HIS A 354 -12.75 -14.35 10.41
N ILE A 355 -11.73 -15.15 10.75
CA ILE A 355 -11.81 -16.64 10.79
C ILE A 355 -11.94 -17.05 12.26
N PRO A 356 -13.00 -17.79 12.65
CA PRO A 356 -13.27 -18.05 14.06
C PRO A 356 -12.46 -19.22 14.65
N THR A 357 -11.25 -19.45 14.16
CA THR A 357 -10.36 -20.56 14.58
C THR A 357 -10.26 -20.60 16.11
N MET A 358 -9.91 -19.47 16.73
CA MET A 358 -9.59 -19.37 18.19
C MET A 358 -10.87 -19.48 19.02
N GLU A 359 -12.04 -19.23 18.42
CA GLU A 359 -13.34 -19.36 19.13
C GLU A 359 -13.84 -20.81 19.06
N ASN A 360 -13.24 -21.65 18.20
CA ASN A 360 -13.59 -23.09 18.10
C ASN A 360 -12.46 -23.95 18.71
N GLY A 361 -11.73 -23.40 19.69
CA GLY A 361 -10.77 -24.13 20.54
C GLY A 361 -9.40 -23.44 20.56
N PRO A 362 -8.56 -23.62 19.52
CA PRO A 362 -8.91 -24.39 18.33
C PRO A 362 -8.71 -25.89 18.56
N LYS A 363 -9.79 -26.66 18.43
CA LYS A 363 -9.88 -28.07 18.92
C LYS A 363 -8.95 -28.95 18.08
N LEU A 364 -9.11 -28.95 16.75
CA LEU A 364 -8.36 -29.84 15.83
C LEU A 364 -6.89 -29.40 15.76
N ALA A 365 -6.64 -28.09 15.61
CA ALA A 365 -5.27 -27.54 15.59
C ALA A 365 -4.52 -28.00 16.84
N SER A 366 -5.13 -27.87 18.02
CA SER A 366 -4.54 -28.23 19.34
C SER A 366 -4.23 -29.73 19.36
N ARG A 367 -5.16 -30.55 18.87
CA ARG A 367 -5.00 -32.02 18.81
C ARG A 367 -3.82 -32.39 17.90
N ILE A 368 -3.75 -31.78 16.72
CA ILE A 368 -2.66 -32.04 15.73
C ILE A 368 -1.33 -31.58 16.34
N LEU A 369 -1.28 -30.40 16.93
CA LEU A 369 -0.04 -29.89 17.57
C LEU A 369 0.46 -30.92 18.59
N SER A 370 -0.42 -31.37 19.47
CA SER A 370 -0.10 -32.31 20.58
C SER A 370 0.43 -33.62 20.02
N LYS A 371 -0.19 -34.15 18.97
CA LYS A 371 0.18 -35.48 18.42
C LYS A 371 1.60 -35.40 17.84
N LEU A 372 1.86 -34.40 17.00
CA LEU A 372 3.17 -34.28 16.32
C LEU A 372 4.25 -33.94 17.36
N THR A 373 3.96 -33.04 18.29
CA THR A 373 4.90 -32.63 19.37
C THR A 373 5.28 -33.87 20.20
N ASP A 374 4.27 -34.66 20.60
CA ASP A 374 4.47 -35.89 21.40
C ASP A 374 5.37 -36.88 20.65
N ILE A 375 5.24 -36.97 19.32
CA ILE A 375 6.06 -37.91 18.50
C ILE A 375 7.49 -37.38 18.44
N GLN A 376 7.64 -36.11 18.05
CA GLN A 376 8.92 -35.39 17.91
C GLN A 376 9.77 -35.53 19.18
N TYR A 377 9.15 -35.38 20.36
CA TYR A 377 9.88 -35.32 21.66
C TYR A 377 9.85 -36.67 22.37
N GLY A 378 9.42 -37.72 21.67
CA GLY A 378 9.53 -39.12 22.14
C GLY A 378 8.55 -39.43 23.26
N ARG A 379 7.54 -38.58 23.46
CA ARG A 379 6.46 -38.82 24.47
C ARG A 379 5.66 -40.06 24.06
N GLU A 380 5.65 -40.37 22.76
CA GLU A 380 4.92 -41.54 22.18
C GLU A 380 5.81 -42.16 21.11
N GLU A 381 5.79 -43.49 20.96
CA GLU A 381 6.66 -44.18 19.97
C GLU A 381 6.06 -43.99 18.58
N ARG A 382 6.90 -43.92 17.54
CA ARG A 382 6.44 -43.87 16.12
C ARG A 382 7.56 -44.23 15.14
N ASP A 383 7.10 -44.84 14.04
CA ASP A 383 7.83 -45.10 12.77
C ASP A 383 8.37 -43.79 12.21
N TRP A 384 7.73 -42.65 12.51
CA TRP A 384 8.07 -41.31 11.97
C TRP A 384 9.38 -40.76 12.55
N THR A 385 9.89 -41.34 13.63
CA THR A 385 11.14 -40.87 14.30
C THR A 385 12.25 -41.91 14.17
N ILE A 386 13.47 -41.42 13.91
CA ILE A 386 14.75 -42.18 13.99
C ILE A 386 15.55 -41.56 15.13
N VAL A 387 16.02 -42.37 16.07
CA VAL A 387 17.01 -41.98 17.11
C VAL A 387 18.37 -41.82 16.42
N LEU A 388 19.25 -40.98 16.96
CA LEU A 388 20.54 -40.61 16.32
C LEU A 388 21.52 -41.80 16.27
N SER A 389 22.16 -41.99 15.11
CA SER A 389 23.27 -42.95 14.83
C SER A 389 24.34 -42.90 15.91
N VAL B 25 17.86 6.08 3.36
CA VAL B 25 18.00 5.79 1.90
C VAL B 25 19.08 6.72 1.32
N GLY B 26 20.36 6.36 1.56
CA GLY B 26 21.58 7.02 1.06
C GLY B 26 22.18 6.24 -0.10
N THR B 27 23.46 6.49 -0.40
CA THR B 27 24.16 5.89 -1.56
C THR B 27 25.68 5.98 -1.38
N PHE B 28 26.41 5.03 -1.93
CA PHE B 28 27.87 5.11 -2.19
C PHE B 28 28.07 6.16 -3.28
N LYS B 29 29.18 6.89 -3.22
CA LYS B 29 29.50 7.99 -4.15
C LYS B 29 30.81 7.63 -4.88
N ALA B 30 30.87 7.87 -6.19
CA ALA B 30 32.04 7.57 -7.05
C ALA B 30 33.25 8.38 -6.56
N LYS B 31 33.00 9.57 -5.98
CA LYS B 31 34.04 10.47 -5.40
C LYS B 31 34.88 9.71 -4.35
N ASP B 32 34.30 8.70 -3.69
CA ASP B 32 34.91 8.01 -2.51
C ASP B 32 35.64 6.72 -2.93
N LEU B 33 35.61 6.38 -4.23
CA LEU B 33 36.25 5.16 -4.81
C LEU B 33 37.64 4.95 -4.20
N ILE B 34 37.86 3.79 -3.61
CA ILE B 34 39.21 3.31 -3.18
C ILE B 34 39.68 2.30 -4.23
N VAL B 35 40.73 2.66 -4.96
CA VAL B 35 41.34 1.86 -6.07
C VAL B 35 42.57 1.14 -5.52
N THR B 36 42.55 -0.19 -5.56
CA THR B 36 43.69 -1.08 -5.23
C THR B 36 44.14 -1.76 -6.51
N PRO B 37 45.06 -1.15 -7.32
CA PRO B 37 45.45 -1.75 -8.59
C PRO B 37 46.13 -3.10 -8.33
N ALA B 38 46.01 -4.04 -9.28
CA ALA B 38 46.66 -5.37 -9.23
C ALA B 38 48.13 -5.20 -9.57
N THR B 39 49.01 -5.87 -8.84
CA THR B 39 50.48 -5.79 -9.07
C THR B 39 50.87 -6.79 -10.16
N ILE B 40 50.05 -7.83 -10.38
CA ILE B 40 50.28 -8.86 -11.45
C ILE B 40 49.11 -8.83 -12.44
N LEU B 41 49.40 -8.59 -13.73
CA LEU B 41 48.38 -8.44 -14.80
C LEU B 41 48.34 -9.73 -15.64
N LYS B 42 47.14 -10.15 -16.06
CA LYS B 42 46.90 -11.37 -16.86
C LYS B 42 46.97 -11.03 -18.35
N GLU B 43 47.41 -11.99 -19.17
CA GLU B 43 47.37 -11.89 -20.64
C GLU B 43 45.91 -11.85 -21.10
N LYS B 44 45.62 -11.05 -22.11
CA LYS B 44 44.27 -10.96 -22.72
C LYS B 44 44.05 -12.19 -23.58
N PRO B 45 42.77 -12.62 -23.79
CA PRO B 45 42.47 -13.81 -24.59
C PRO B 45 42.48 -13.47 -26.09
N ASP B 46 42.55 -14.46 -26.98
CA ASP B 46 42.32 -14.22 -28.44
C ASP B 46 40.84 -13.88 -28.62
N PRO B 47 40.47 -12.70 -29.18
CA PRO B 47 39.07 -12.35 -29.43
C PRO B 47 38.23 -13.36 -30.24
N ASN B 48 38.86 -14.16 -31.09
CA ASN B 48 38.22 -15.09 -32.05
C ASN B 48 38.03 -16.49 -31.45
N ASN B 49 38.52 -16.75 -30.22
CA ASN B 49 38.34 -18.05 -29.53
C ASN B 49 37.82 -17.82 -28.11
N LEU B 50 36.77 -17.02 -27.99
CA LEU B 50 36.16 -16.60 -26.71
C LEU B 50 34.86 -17.35 -26.50
N VAL B 51 34.68 -17.95 -25.33
CA VAL B 51 33.38 -18.52 -24.87
C VAL B 51 32.75 -17.50 -23.92
N PHE B 52 31.46 -17.22 -24.08
CA PHE B 52 30.76 -16.13 -23.35
C PHE B 52 30.91 -16.36 -21.83
N GLY B 53 31.33 -15.32 -21.10
CA GLY B 53 31.28 -15.27 -19.62
C GLY B 53 32.23 -16.26 -18.95
N THR B 54 33.32 -16.64 -19.62
CA THR B 54 34.31 -17.66 -19.23
C THR B 54 35.56 -16.98 -18.66
N VAL B 55 35.96 -15.86 -19.30
CA VAL B 55 37.22 -15.13 -19.00
C VAL B 55 36.85 -13.82 -18.31
N PHE B 56 37.60 -13.47 -17.26
CA PHE B 56 37.40 -12.23 -16.46
C PHE B 56 38.66 -11.35 -16.51
N THR B 57 38.45 -10.05 -16.34
CA THR B 57 39.48 -9.00 -16.40
C THR B 57 40.26 -8.99 -15.07
N ASP B 58 41.12 -7.98 -14.89
CA ASP B 58 42.07 -7.87 -13.76
C ASP B 58 41.34 -7.44 -12.48
N HIS B 59 40.31 -6.61 -12.59
CA HIS B 59 39.69 -5.88 -11.45
C HIS B 59 38.17 -6.04 -11.45
N MET B 60 37.58 -5.81 -10.28
CA MET B 60 36.12 -5.81 -10.05
C MET B 60 35.78 -4.59 -9.18
N LEU B 61 34.54 -4.12 -9.25
CA LEU B 61 33.95 -3.18 -8.27
C LEU B 61 33.24 -4.00 -7.19
N THR B 62 33.40 -3.64 -5.92
CA THR B 62 32.64 -4.19 -4.76
C THR B 62 32.20 -3.02 -3.88
N VAL B 63 30.95 -3.06 -3.40
CA VAL B 63 30.39 -2.09 -2.42
C VAL B 63 29.55 -2.87 -1.39
N GLU B 64 29.94 -2.79 -0.12
CA GLU B 64 29.24 -3.41 1.04
C GLU B 64 28.09 -2.49 1.49
N TRP B 65 26.99 -3.09 1.92
CA TRP B 65 25.85 -2.37 2.55
C TRP B 65 25.42 -3.14 3.80
N SER B 66 24.91 -2.40 4.79
CA SER B 66 24.26 -2.92 6.00
C SER B 66 23.13 -1.94 6.36
N SER B 67 22.05 -2.44 6.98
CA SER B 67 20.93 -1.60 7.47
C SER B 67 21.47 -0.64 8.53
N GLU B 68 22.46 -1.07 9.30
CA GLU B 68 23.00 -0.33 10.48
C GLU B 68 23.76 0.92 10.01
N PHE B 69 24.65 0.79 9.02
CA PHE B 69 25.58 1.88 8.61
C PHE B 69 25.26 2.41 7.20
N GLY B 70 24.49 1.66 6.40
CA GLY B 70 24.20 2.03 5.00
C GLY B 70 25.33 1.61 4.08
N TRP B 71 25.57 2.39 3.01
CA TRP B 71 26.59 2.06 1.98
C TRP B 71 28.00 2.40 2.48
N GLU B 72 28.89 1.41 2.48
CA GLU B 72 30.36 1.62 2.63
C GLU B 72 30.87 2.29 1.35
N LYS B 73 32.11 2.78 1.38
CA LYS B 73 32.74 3.40 0.19
C LYS B 73 33.04 2.31 -0.84
N PRO B 74 32.84 2.58 -2.15
CA PRO B 74 33.06 1.58 -3.19
C PRO B 74 34.56 1.32 -3.41
N HIS B 75 34.91 0.07 -3.74
CA HIS B 75 36.28 -0.40 -4.02
C HIS B 75 36.38 -0.89 -5.46
N ILE B 76 37.39 -0.44 -6.21
CA ILE B 76 37.89 -1.16 -7.42
C ILE B 76 39.18 -1.86 -6.99
N LYS B 77 39.23 -3.18 -7.12
CA LYS B 77 40.32 -4.02 -6.58
C LYS B 77 40.49 -5.25 -7.46
N PRO B 78 41.56 -6.05 -7.28
CA PRO B 78 41.78 -7.25 -8.10
C PRO B 78 40.58 -8.19 -8.00
N LEU B 79 40.26 -8.85 -9.10
CA LEU B 79 39.31 -9.99 -9.12
C LEU B 79 39.71 -10.97 -8.02
N GLN B 80 38.73 -11.41 -7.23
CA GLN B 80 38.96 -12.27 -6.04
C GLN B 80 37.70 -13.06 -5.77
N ASN B 81 37.83 -14.19 -5.09
CA ASN B 81 36.67 -14.92 -4.52
C ASN B 81 35.97 -13.98 -3.52
N LEU B 82 34.65 -14.12 -3.40
CA LEU B 82 33.83 -13.49 -2.36
C LEU B 82 33.87 -14.41 -1.13
N SER B 83 34.08 -13.84 0.06
CA SER B 83 33.95 -14.55 1.36
C SER B 83 32.52 -14.29 1.85
N LEU B 84 31.63 -15.27 1.68
CA LEU B 84 30.21 -15.15 2.08
C LEU B 84 29.94 -16.08 3.26
N HIS B 85 29.19 -15.59 4.24
CA HIS B 85 28.57 -16.44 5.28
C HIS B 85 27.73 -17.48 4.57
N PRO B 86 27.78 -18.77 4.97
CA PRO B 86 27.03 -19.81 4.28
C PRO B 86 25.49 -19.67 4.43
N GLY B 87 25.03 -18.76 5.29
CA GLY B 87 23.60 -18.45 5.48
C GLY B 87 23.12 -17.33 4.57
N SER B 88 24.04 -16.70 3.82
CA SER B 88 23.77 -15.56 2.92
C SER B 88 22.47 -15.82 2.12
N SER B 89 21.53 -14.88 2.13
CA SER B 89 20.17 -15.07 1.56
C SER B 89 20.22 -15.31 0.04
N ALA B 90 21.26 -14.83 -0.64
CA ALA B 90 21.49 -15.06 -2.09
C ALA B 90 21.60 -16.56 -2.36
N LEU B 91 22.16 -17.33 -1.42
CA LEU B 91 22.43 -18.79 -1.58
C LEU B 91 21.17 -19.60 -1.22
N HIS B 92 20.21 -19.03 -0.48
CA HIS B 92 19.06 -19.78 0.10
C HIS B 92 17.73 -19.38 -0.55
N TYR B 93 17.44 -18.07 -0.64
CA TYR B 93 16.14 -17.50 -1.08
C TYR B 93 16.36 -16.61 -2.31
N ALA B 94 17.47 -16.77 -3.03
CA ALA B 94 17.72 -16.11 -4.32
C ALA B 94 17.50 -14.59 -4.17
N VAL B 95 17.95 -14.01 -3.07
CA VAL B 95 17.89 -12.54 -2.86
C VAL B 95 19.05 -11.95 -3.68
N GLU B 96 18.81 -11.77 -4.98
CA GLU B 96 19.86 -11.43 -5.94
C GLU B 96 19.25 -10.88 -7.23
N LEU B 97 19.99 -9.98 -7.89
CA LEU B 97 19.65 -9.47 -9.23
C LEU B 97 20.95 -9.09 -9.94
N PHE B 98 20.87 -8.98 -11.26
CA PHE B 98 22.03 -8.67 -12.12
C PHE B 98 21.58 -7.78 -13.28
N GLU B 99 22.58 -7.22 -13.95
CA GLU B 99 22.41 -6.51 -15.23
C GLU B 99 23.40 -7.08 -16.24
N GLY B 100 23.16 -6.75 -17.50
CA GLY B 100 24.00 -7.09 -18.66
C GLY B 100 24.05 -5.92 -19.60
N LEU B 101 25.23 -5.36 -19.82
CA LEU B 101 25.45 -4.28 -20.82
C LEU B 101 26.89 -4.43 -21.31
N LYS B 102 27.25 -3.75 -22.41
CA LYS B 102 28.55 -3.96 -23.08
C LYS B 102 29.26 -2.62 -23.26
N ALA B 103 30.59 -2.68 -23.32
CA ALA B 103 31.50 -1.62 -23.76
C ALA B 103 32.04 -2.04 -25.13
N PHE B 104 32.11 -1.11 -26.08
CA PHE B 104 32.48 -1.38 -27.48
C PHE B 104 33.66 -0.49 -27.89
N ARG B 105 34.74 -1.11 -28.37
CA ARG B 105 35.87 -0.38 -29.01
C ARG B 105 35.46 -0.04 -30.44
N GLY B 106 35.23 1.25 -30.71
CA GLY B 106 34.71 1.73 -32.00
C GLY B 106 35.78 1.76 -33.08
N VAL B 107 35.36 2.01 -34.33
CA VAL B 107 36.27 2.10 -35.51
C VAL B 107 37.25 3.25 -35.30
N ASP B 108 36.91 4.21 -34.44
CA ASP B 108 37.75 5.41 -34.12
C ASP B 108 38.59 5.13 -32.86
N ASN B 109 38.61 3.90 -32.37
CA ASN B 109 39.38 3.43 -31.18
C ASN B 109 38.91 4.09 -29.87
N LYS B 110 37.75 4.77 -29.88
CA LYS B 110 37.07 5.31 -28.68
C LYS B 110 36.13 4.26 -28.10
N ILE B 111 36.15 4.04 -26.79
CA ILE B 111 35.27 3.04 -26.11
C ILE B 111 33.94 3.70 -25.76
N ARG B 112 32.84 3.02 -26.06
CA ARG B 112 31.46 3.53 -25.87
C ARG B 112 30.63 2.52 -25.08
N LEU B 113 29.82 3.02 -24.15
CA LEU B 113 28.68 2.30 -23.54
C LEU B 113 27.43 2.62 -24.38
N PHE B 114 26.47 1.70 -24.36
CA PHE B 114 25.22 1.78 -25.17
C PHE B 114 24.02 1.83 -24.21
N GLN B 115 23.39 3.01 -24.09
CA GLN B 115 22.14 3.25 -23.30
C GLN B 115 22.33 2.75 -21.86
N PRO B 116 23.49 2.99 -21.19
CA PRO B 116 23.74 2.37 -19.90
C PRO B 116 22.76 2.88 -18.82
N ASN B 117 22.22 4.08 -19.01
CA ASN B 117 21.16 4.71 -18.17
C ASN B 117 19.97 3.75 -18.02
N LEU B 118 19.59 3.07 -19.11
CA LEU B 118 18.40 2.17 -19.14
C LEU B 118 18.68 0.95 -18.25
N ASN B 119 19.93 0.48 -18.22
CA ASN B 119 20.37 -0.64 -17.37
C ASN B 119 20.30 -0.23 -15.90
N MET B 120 20.80 0.96 -15.58
CA MET B 120 20.77 1.49 -14.18
C MET B 120 19.31 1.65 -13.74
N ASP B 121 18.42 2.15 -14.60
CA ASP B 121 16.96 2.29 -14.32
C ASP B 121 16.42 0.92 -13.91
N ARG B 122 16.73 -0.09 -14.72
CA ARG B 122 16.18 -1.48 -14.62
C ARG B 122 16.75 -2.15 -13.37
N MET B 123 18.02 -1.91 -13.05
CA MET B 123 18.69 -2.48 -11.86
C MET B 123 18.02 -1.92 -10.59
N TYR B 124 17.81 -0.61 -10.54
CA TYR B 124 17.17 0.10 -9.40
C TYR B 124 15.78 -0.51 -9.15
N ARG B 125 14.96 -0.56 -10.20
CA ARG B 125 13.57 -1.08 -10.16
C ARG B 125 13.61 -2.54 -9.67
N SER B 126 14.54 -3.34 -10.17
CA SER B 126 14.73 -4.76 -9.77
C SER B 126 15.11 -4.81 -8.29
N ALA B 127 16.00 -3.92 -7.84
CA ALA B 127 16.43 -3.86 -6.43
C ALA B 127 15.23 -3.60 -5.52
N VAL B 128 14.33 -2.72 -5.95
CA VAL B 128 13.12 -2.35 -5.16
C VAL B 128 12.23 -3.59 -5.05
N ARG B 129 12.06 -4.32 -6.15
CA ARG B 129 11.16 -5.50 -6.24
C ARG B 129 11.77 -6.65 -5.41
N ALA B 130 13.10 -6.70 -5.27
CA ALA B 130 13.85 -7.70 -4.48
C ALA B 130 13.93 -7.33 -2.98
N THR B 131 13.66 -6.08 -2.62
CA THR B 131 13.82 -5.46 -1.27
C THR B 131 15.30 -5.30 -0.91
N LEU B 132 16.17 -5.30 -1.92
CA LEU B 132 17.58 -4.88 -1.78
C LEU B 132 17.63 -3.35 -1.70
N PRO B 133 18.65 -2.78 -1.03
CA PRO B 133 18.67 -1.35 -0.76
C PRO B 133 18.92 -0.54 -2.03
N VAL B 134 18.24 0.61 -2.16
CA VAL B 134 18.38 1.50 -3.34
C VAL B 134 19.77 2.17 -3.29
N PHE B 135 20.17 2.76 -4.41
CA PHE B 135 21.47 3.47 -4.61
C PHE B 135 21.24 4.57 -5.67
N ASP B 136 22.16 5.53 -5.78
CA ASP B 136 22.11 6.57 -6.84
C ASP B 136 22.60 5.92 -8.16
N LYS B 137 21.76 5.96 -9.19
CA LYS B 137 22.00 5.33 -10.51
C LYS B 137 23.22 5.99 -11.19
N GLU B 138 23.36 7.31 -11.09
CA GLU B 138 24.48 8.05 -11.74
C GLU B 138 25.80 7.67 -11.05
N GLU B 139 25.78 7.44 -9.73
CA GLU B 139 26.99 7.07 -8.94
C GLU B 139 27.44 5.66 -9.32
N LEU B 140 26.51 4.71 -9.52
CA LEU B 140 26.90 3.34 -9.92
C LEU B 140 27.46 3.39 -11.34
N LEU B 141 26.84 4.16 -12.23
CA LEU B 141 27.33 4.30 -13.63
C LEU B 141 28.76 4.82 -13.59
N GLU B 142 29.02 5.88 -12.83
CA GLU B 142 30.36 6.51 -12.78
C GLU B 142 31.35 5.48 -12.20
N CYS B 143 30.93 4.66 -11.24
CA CYS B 143 31.80 3.61 -10.65
C CYS B 143 32.13 2.56 -11.71
N ILE B 144 31.13 2.13 -12.48
CA ILE B 144 31.30 1.17 -13.62
C ILE B 144 32.27 1.78 -14.64
N GLN B 145 32.10 3.06 -14.94
CA GLN B 145 32.93 3.75 -15.97
C GLN B 145 34.39 3.76 -15.52
N GLN B 146 34.66 4.05 -14.25
CA GLN B 146 36.03 4.01 -13.67
C GLN B 146 36.59 2.59 -13.75
N LEU B 147 35.75 1.57 -13.53
CA LEU B 147 36.20 0.16 -13.57
C LEU B 147 36.61 -0.19 -15.01
N VAL B 148 35.76 0.11 -15.98
CA VAL B 148 36.00 -0.21 -17.40
C VAL B 148 37.21 0.59 -17.86
N LYS B 149 37.39 1.83 -17.37
CA LYS B 149 38.54 2.68 -17.75
C LYS B 149 39.83 2.01 -17.30
N LEU B 150 39.90 1.57 -16.05
CA LEU B 150 41.12 0.93 -15.51
C LEU B 150 41.42 -0.33 -16.31
N ASP B 151 40.40 -1.06 -16.74
CA ASP B 151 40.53 -2.36 -17.44
C ASP B 151 40.20 -2.15 -18.93
N GLN B 152 40.47 -0.95 -19.48
CA GLN B 152 39.99 -0.57 -20.82
C GLN B 152 40.72 -1.40 -21.89
N GLU B 153 41.95 -1.83 -21.65
CA GLU B 153 42.70 -2.68 -22.61
C GLU B 153 42.01 -4.05 -22.75
N TRP B 154 41.06 -4.40 -21.88
CA TRP B 154 40.27 -5.66 -21.97
C TRP B 154 39.15 -5.53 -23.01
N VAL B 155 38.74 -4.31 -23.34
CA VAL B 155 37.72 -4.08 -24.40
C VAL B 155 38.39 -4.50 -25.71
N PRO B 156 37.99 -5.64 -26.32
CA PRO B 156 38.79 -6.28 -27.35
C PRO B 156 39.06 -5.37 -28.56
N TYR B 157 40.23 -5.54 -29.17
CA TYR B 157 40.64 -4.82 -30.41
C TYR B 157 40.06 -5.57 -31.61
N SER B 158 38.75 -5.47 -31.74
CA SER B 158 37.91 -6.25 -32.70
C SER B 158 36.54 -5.57 -32.79
N THR B 159 36.06 -5.38 -34.01
CA THR B 159 34.82 -4.63 -34.35
C THR B 159 33.61 -5.57 -34.21
N SER B 160 33.83 -6.86 -33.87
CA SER B 160 32.76 -7.86 -33.65
C SER B 160 32.86 -8.50 -32.26
N ALA B 161 33.60 -7.86 -31.34
CA ALA B 161 33.72 -8.29 -29.92
C ALA B 161 33.46 -7.09 -29.00
N SER B 162 33.29 -7.37 -27.71
CA SER B 162 32.82 -6.41 -26.68
C SER B 162 33.42 -6.77 -25.32
N LEU B 163 33.27 -5.87 -24.36
CA LEU B 163 33.47 -6.20 -22.92
C LEU B 163 32.08 -6.29 -22.29
N TYR B 164 31.71 -7.46 -21.77
CA TYR B 164 30.45 -7.66 -21.02
C TYR B 164 30.64 -7.13 -19.59
N ILE B 165 29.76 -6.22 -19.20
CA ILE B 165 29.70 -5.61 -17.84
C ILE B 165 28.55 -6.31 -17.10
N ARG B 166 28.87 -7.00 -16.00
CA ARG B 166 27.89 -7.79 -15.17
C ARG B 166 27.79 -7.14 -13.78
N PRO B 167 26.96 -6.09 -13.62
CA PRO B 167 26.61 -5.62 -12.27
C PRO B 167 25.79 -6.71 -11.57
N THR B 168 26.12 -7.01 -10.33
CA THR B 168 25.46 -8.07 -9.52
C THR B 168 25.15 -7.50 -8.14
N PHE B 169 24.02 -7.88 -7.56
CA PHE B 169 23.50 -7.36 -6.28
C PHE B 169 22.96 -8.53 -5.47
N ILE B 170 23.59 -8.87 -4.34
CA ILE B 170 23.25 -10.10 -3.56
C ILE B 170 22.99 -9.74 -2.09
N GLY B 171 21.98 -10.37 -1.50
CA GLY B 171 21.77 -10.39 -0.05
C GLY B 171 22.84 -11.24 0.62
N THR B 172 23.49 -10.73 1.67
CA THR B 172 24.58 -11.42 2.42
C THR B 172 24.22 -11.51 3.91
N GLU B 173 22.93 -11.34 4.22
CA GLU B 173 22.31 -11.57 5.56
C GLU B 173 22.77 -12.93 6.08
N PRO B 174 23.49 -13.01 7.23
CA PRO B 174 23.93 -14.31 7.74
C PRO B 174 22.84 -15.10 8.48
N SER B 175 21.57 -14.83 8.19
CA SER B 175 20.41 -15.38 8.92
C SER B 175 19.52 -16.16 7.97
N LEU B 176 18.97 -17.29 8.45
CA LEU B 176 18.13 -18.22 7.65
C LEU B 176 16.69 -17.70 7.61
N GLY B 177 16.38 -16.69 8.41
CA GLY B 177 15.08 -16.01 8.37
C GLY B 177 14.80 -15.53 6.95
N VAL B 178 13.59 -15.78 6.47
CA VAL B 178 13.09 -15.29 5.15
C VAL B 178 12.64 -13.84 5.38
N LYS B 179 13.52 -12.87 5.10
CA LYS B 179 13.25 -11.44 5.35
C LYS B 179 14.09 -10.56 4.40
N LYS B 180 13.63 -9.31 4.24
CA LYS B 180 14.41 -8.17 3.69
C LYS B 180 15.81 -8.23 4.30
N PRO B 181 16.87 -8.30 3.45
CA PRO B 181 18.24 -8.43 3.96
C PRO B 181 18.71 -7.17 4.69
N THR B 182 19.51 -7.33 5.76
CA THR B 182 20.13 -6.22 6.54
C THR B 182 21.61 -6.13 6.17
N LYS B 183 22.01 -6.87 5.14
CA LYS B 183 23.41 -6.96 4.63
C LYS B 183 23.35 -7.30 3.14
N ALA B 184 24.04 -6.55 2.30
CA ALA B 184 24.10 -6.81 0.85
C ALA B 184 25.48 -6.45 0.32
N LEU B 185 25.80 -7.05 -0.84
CA LEU B 185 27.00 -6.72 -1.64
C LEU B 185 26.55 -6.39 -3.06
N LEU B 186 26.93 -5.21 -3.56
CA LEU B 186 26.84 -4.84 -5.00
C LEU B 186 28.27 -4.94 -5.56
N PHE B 187 28.47 -5.74 -6.60
CA PHE B 187 29.77 -5.92 -7.28
C PHE B 187 29.57 -5.95 -8.79
N VAL B 188 30.63 -5.62 -9.53
CA VAL B 188 30.63 -5.59 -11.03
C VAL B 188 31.82 -6.39 -11.54
N LEU B 189 31.54 -7.41 -12.35
CA LEU B 189 32.55 -8.18 -13.12
C LEU B 189 32.62 -7.65 -14.55
N LEU B 190 33.80 -7.79 -15.16
CA LEU B 190 34.01 -7.56 -16.61
C LEU B 190 34.50 -8.85 -17.26
N SER B 191 33.98 -9.18 -18.43
CA SER B 191 34.26 -10.42 -19.18
C SER B 191 34.32 -10.10 -20.67
N PRO B 192 35.51 -10.21 -21.31
CA PRO B 192 35.60 -9.97 -22.76
C PRO B 192 34.87 -11.09 -23.48
N VAL B 193 33.96 -10.75 -24.40
CA VAL B 193 33.21 -11.76 -25.20
C VAL B 193 33.40 -11.43 -26.68
N GLY B 194 33.50 -12.49 -27.49
CA GLY B 194 33.68 -12.41 -28.95
C GLY B 194 32.32 -12.28 -29.64
N PRO B 195 32.25 -12.48 -30.97
CA PRO B 195 30.96 -12.49 -31.67
C PRO B 195 30.05 -13.59 -31.08
N TYR B 196 28.73 -13.37 -31.07
CA TYR B 196 27.75 -14.32 -30.49
C TYR B 196 27.96 -15.70 -31.12
N PHE B 197 28.05 -15.75 -32.45
CA PHE B 197 28.36 -16.98 -33.22
C PHE B 197 29.79 -16.87 -33.75
N SER B 198 30.63 -17.86 -33.42
CA SER B 198 32.09 -17.84 -33.71
C SER B 198 32.32 -17.66 -35.22
N SER B 199 31.50 -18.28 -36.08
CA SER B 199 31.43 -18.08 -37.56
C SER B 199 31.86 -16.66 -37.98
N THR B 201 28.83 -14.14 -40.01
CA THR B 201 27.43 -13.95 -40.50
C THR B 201 26.49 -14.86 -39.68
N PHE B 202 25.17 -14.71 -39.86
CA PHE B 202 24.08 -15.27 -39.03
C PHE B 202 24.10 -16.80 -39.00
N ASN B 203 24.04 -17.39 -37.80
CA ASN B 203 23.67 -18.83 -37.61
C ASN B 203 22.24 -18.91 -37.09
N PRO B 204 21.24 -19.22 -37.94
CA PRO B 204 19.85 -19.24 -37.49
C PRO B 204 19.62 -20.38 -36.50
N VAL B 205 18.80 -20.13 -35.47
CA VAL B 205 18.55 -21.07 -34.33
C VAL B 205 17.24 -21.83 -34.57
N SER B 206 17.17 -23.04 -34.01
CA SER B 206 15.93 -23.82 -33.78
C SER B 206 15.44 -23.59 -32.35
N LEU B 207 14.13 -23.38 -32.18
CA LEU B 207 13.49 -23.17 -30.86
C LEU B 207 12.73 -24.44 -30.47
N TRP B 208 12.89 -24.89 -29.23
CA TRP B 208 12.08 -25.95 -28.59
C TRP B 208 10.89 -25.30 -27.88
N ALA B 209 9.69 -25.49 -28.43
CA ALA B 209 8.41 -24.95 -27.92
C ALA B 209 7.61 -26.07 -27.26
N ASN B 210 7.62 -26.09 -25.92
CA ASN B 210 6.90 -27.05 -25.05
C ASN B 210 6.13 -26.27 -23.99
N PRO B 211 4.78 -26.22 -24.08
CA PRO B 211 3.98 -25.41 -23.17
C PRO B 211 3.97 -25.90 -21.72
N LYS B 212 4.45 -27.12 -21.47
CA LYS B 212 4.58 -27.73 -20.12
C LYS B 212 5.37 -26.79 -19.20
N TYR B 213 6.36 -26.04 -19.71
CA TYR B 213 7.21 -25.10 -18.93
C TYR B 213 6.75 -23.67 -19.16
N VAL B 214 6.87 -22.85 -18.12
CA VAL B 214 6.49 -21.41 -18.08
C VAL B 214 7.69 -20.65 -17.50
N ARG B 215 8.11 -19.57 -18.15
CA ARG B 215 9.26 -18.73 -17.74
C ARG B 215 8.82 -17.78 -16.62
N ALA B 216 7.60 -17.28 -16.73
CA ALA B 216 7.09 -16.12 -15.96
C ALA B 216 5.57 -16.06 -16.07
N TRP B 217 4.91 -15.45 -15.08
CA TRP B 217 3.43 -15.43 -14.95
C TRP B 217 2.98 -14.05 -14.46
N LYS B 218 1.74 -13.64 -14.74
CA LYS B 218 1.16 -12.41 -14.16
C LYS B 218 1.19 -12.55 -12.64
N GLY B 219 1.74 -11.55 -11.95
CA GLY B 219 1.95 -11.55 -10.51
C GLY B 219 3.34 -12.01 -10.14
N GLY B 220 4.13 -12.38 -11.15
CA GLY B 220 5.51 -12.88 -11.00
C GLY B 220 6.52 -11.75 -11.09
N THR B 221 7.79 -12.11 -11.32
CA THR B 221 8.96 -11.20 -11.35
C THR B 221 9.67 -11.27 -12.71
N GLY B 222 8.97 -11.79 -13.74
CA GLY B 222 9.51 -12.01 -15.09
C GLY B 222 10.03 -10.74 -15.75
N ASP B 223 9.50 -9.57 -15.35
CA ASP B 223 9.87 -8.24 -15.91
C ASP B 223 11.06 -7.65 -15.15
N CYS B 224 11.72 -8.43 -14.30
CA CYS B 224 12.95 -8.02 -13.57
C CYS B 224 14.08 -9.00 -13.90
N LYS B 225 15.33 -8.56 -13.80
CA LYS B 225 16.52 -9.43 -13.93
C LYS B 225 16.90 -9.93 -12.54
N MET B 226 15.95 -10.61 -11.89
CA MET B 226 16.14 -11.30 -10.59
C MET B 226 16.53 -12.76 -10.86
N GLY B 227 17.57 -13.24 -10.18
CA GLY B 227 18.17 -14.57 -10.39
C GLY B 227 17.12 -15.68 -10.45
N GLY B 228 16.05 -15.56 -9.65
CA GLY B 228 15.00 -16.57 -9.47
C GLY B 228 14.35 -16.95 -10.79
N ASN B 229 14.28 -15.98 -11.70
CA ASN B 229 13.66 -16.15 -13.04
C ASN B 229 14.50 -17.11 -13.90
N TYR B 230 15.79 -17.30 -13.61
CA TYR B 230 16.73 -17.97 -14.54
C TYR B 230 16.98 -19.42 -14.09
N GLY B 231 17.08 -19.66 -12.79
CA GLY B 231 17.34 -21.01 -12.23
C GLY B 231 16.33 -22.04 -12.70
N SER B 232 15.05 -21.66 -12.78
CA SER B 232 13.92 -22.55 -13.15
C SER B 232 13.94 -22.88 -14.65
N SER B 233 14.76 -22.20 -15.45
CA SER B 233 14.77 -22.30 -16.93
C SER B 233 15.73 -23.40 -17.40
N LEU B 234 16.74 -23.74 -16.59
CA LEU B 234 17.87 -24.62 -16.98
C LEU B 234 17.35 -25.97 -17.48
N PHE B 235 16.37 -26.55 -16.78
CA PHE B 235 15.80 -27.88 -17.11
C PHE B 235 15.26 -27.87 -18.54
N ALA B 236 14.45 -26.86 -18.88
CA ALA B 236 13.83 -26.69 -20.21
C ALA B 236 14.92 -26.47 -21.27
N GLN B 237 15.97 -25.70 -20.95
CA GLN B 237 17.09 -25.41 -21.86
C GLN B 237 17.79 -26.73 -22.21
N CYS B 238 18.02 -27.60 -21.23
CA CYS B 238 18.63 -28.95 -21.44
C CYS B 238 17.71 -29.80 -22.32
N GLU B 239 16.40 -29.70 -22.13
CA GLU B 239 15.43 -30.47 -22.95
C GLU B 239 15.54 -29.99 -24.40
N ALA B 240 15.69 -28.68 -24.61
CA ALA B 240 15.86 -28.06 -25.95
C ALA B 240 17.11 -28.63 -26.64
N VAL B 241 18.24 -28.61 -25.94
CA VAL B 241 19.54 -29.09 -26.48
C VAL B 241 19.44 -30.58 -26.83
N ASP B 242 18.74 -31.37 -26.01
CA ASP B 242 18.55 -32.84 -26.22
C ASP B 242 17.78 -33.09 -27.52
N ASN B 243 17.00 -32.10 -28.01
CA ASN B 243 16.20 -32.20 -29.25
C ASN B 243 16.81 -31.32 -30.33
N GLY B 244 18.12 -31.09 -30.28
CA GLY B 244 18.89 -30.38 -31.32
C GLY B 244 18.39 -28.97 -31.56
N CYS B 245 17.81 -28.32 -30.54
CA CYS B 245 17.45 -26.87 -30.54
C CYS B 245 18.48 -26.10 -29.72
N GLN B 246 18.61 -24.79 -29.98
CA GLN B 246 19.64 -23.92 -29.35
C GLN B 246 19.03 -23.07 -28.24
N GLN B 247 17.72 -22.79 -28.33
CA GLN B 247 16.99 -21.93 -27.37
C GLN B 247 15.59 -22.49 -27.14
N VAL B 248 14.98 -22.07 -26.03
CA VAL B 248 13.56 -22.37 -25.67
C VAL B 248 12.68 -21.25 -26.20
N LEU B 249 11.59 -21.59 -26.90
CA LEU B 249 10.51 -20.63 -27.17
C LEU B 249 9.54 -20.71 -25.99
N TRP B 250 9.47 -19.65 -25.20
CA TRP B 250 8.67 -19.60 -23.95
C TRP B 250 7.23 -19.30 -24.32
N LEU B 251 6.35 -20.30 -24.15
CA LEU B 251 4.88 -20.21 -24.36
C LEU B 251 4.20 -19.91 -23.03
N TYR B 252 3.06 -19.22 -23.08
CA TYR B 252 2.28 -18.74 -21.91
C TYR B 252 0.80 -18.71 -22.21
N GLY B 253 0.00 -19.31 -21.33
CA GLY B 253 -1.47 -19.17 -21.31
C GLY B 253 -2.14 -20.28 -22.11
N GLU B 254 -3.46 -20.37 -21.97
CA GLU B 254 -4.34 -21.38 -22.62
C GLU B 254 -4.12 -21.35 -24.13
N ASP B 255 -3.83 -20.17 -24.71
CA ASP B 255 -3.77 -19.96 -26.19
C ASP B 255 -2.32 -19.91 -26.71
N HIS B 256 -1.34 -20.31 -25.87
CA HIS B 256 0.08 -20.54 -26.27
C HIS B 256 0.65 -19.26 -26.90
N GLN B 257 0.67 -18.15 -26.14
CA GLN B 257 1.37 -16.91 -26.55
C GLN B 257 2.86 -17.20 -26.68
N ILE B 258 3.50 -16.76 -27.77
CA ILE B 258 4.98 -16.75 -27.92
C ILE B 258 5.48 -15.46 -27.25
N THR B 259 6.35 -15.58 -26.24
CA THR B 259 6.73 -14.47 -25.35
C THR B 259 8.21 -14.09 -25.59
N GLU B 260 9.12 -15.04 -25.42
CA GLU B 260 10.58 -14.79 -25.41
C GLU B 260 11.30 -15.98 -26.05
N VAL B 261 12.45 -15.70 -26.66
CA VAL B 261 13.38 -16.71 -27.22
C VAL B 261 14.53 -16.83 -26.22
N GLY B 262 14.49 -17.84 -25.36
CA GLY B 262 15.46 -18.02 -24.26
C GLY B 262 15.50 -16.79 -23.37
N THR B 263 16.63 -16.10 -23.32
CA THR B 263 16.82 -14.83 -22.57
C THR B 263 16.91 -13.66 -23.56
N MET B 264 16.15 -13.75 -24.67
CA MET B 264 16.05 -12.72 -25.74
C MET B 264 14.58 -12.39 -25.97
N ASN B 265 14.27 -11.12 -26.24
CA ASN B 265 12.92 -10.66 -26.64
C ASN B 265 12.63 -11.16 -28.05
N LEU B 266 11.36 -11.41 -28.36
CA LEU B 266 10.89 -12.02 -29.64
C LEU B 266 10.29 -10.92 -30.53
N PHE B 267 10.74 -10.87 -31.79
CA PHE B 267 10.18 -10.01 -32.85
C PHE B 267 9.67 -10.88 -33.99
N LEU B 268 8.48 -10.56 -34.50
CA LEU B 268 7.87 -11.18 -35.71
C LEU B 268 7.66 -10.10 -36.77
N TYR B 269 8.27 -10.27 -37.95
CA TYR B 269 8.09 -9.41 -39.14
C TYR B 269 7.21 -10.18 -40.13
N TRP B 270 6.04 -9.63 -40.47
CA TRP B 270 4.97 -10.39 -41.17
C TRP B 270 3.90 -9.45 -41.74
N ILE B 271 3.04 -10.00 -42.60
CA ILE B 271 1.74 -9.40 -43.01
C ILE B 271 0.74 -9.82 -41.93
N ASN B 272 0.12 -8.85 -41.25
CA ASN B 272 -0.80 -9.13 -40.12
C ASN B 272 -2.17 -9.56 -40.68
N GLU B 273 -3.13 -9.82 -39.78
CA GLU B 273 -4.50 -10.30 -40.11
C GLU B 273 -5.23 -9.27 -40.99
N ASP B 274 -4.84 -7.99 -40.95
CA ASP B 274 -5.44 -6.88 -41.71
C ASP B 274 -4.74 -6.70 -43.08
N GLY B 275 -3.82 -7.59 -43.44
CA GLY B 275 -3.05 -7.53 -44.71
C GLY B 275 -2.00 -6.43 -44.71
N GLU B 276 -1.57 -5.94 -43.54
CA GLU B 276 -0.59 -4.84 -43.37
C GLU B 276 0.78 -5.41 -42.96
N GLU B 277 1.85 -4.83 -43.51
CA GLU B 277 3.26 -5.11 -43.14
C GLU B 277 3.47 -4.65 -41.70
N GLU B 278 3.88 -5.55 -40.81
CA GLU B 278 3.92 -5.29 -39.34
C GLU B 278 5.20 -5.88 -38.73
N LEU B 279 5.89 -5.10 -37.90
CA LEU B 279 6.85 -5.62 -36.91
C LEU B 279 6.09 -5.73 -35.58
N ALA B 280 5.91 -6.96 -35.09
CA ALA B 280 5.17 -7.25 -33.83
C ALA B 280 6.14 -7.80 -32.79
N THR B 281 5.92 -7.45 -31.52
CA THR B 281 6.63 -8.01 -30.35
C THR B 281 5.63 -8.08 -29.20
N PRO B 282 5.71 -9.08 -28.30
CA PRO B 282 4.81 -9.14 -27.15
C PRO B 282 4.94 -7.91 -26.27
N PRO B 283 3.81 -7.45 -25.68
CA PRO B 283 3.79 -6.23 -24.86
C PRO B 283 4.26 -6.49 -23.42
N LEU B 284 4.62 -5.41 -22.74
CA LEU B 284 5.14 -5.40 -21.34
C LEU B 284 3.94 -5.49 -20.39
N ASP B 285 3.37 -6.69 -20.24
CA ASP B 285 2.16 -6.95 -19.42
C ASP B 285 2.55 -7.70 -18.14
N GLY B 286 3.85 -7.76 -17.82
CA GLY B 286 4.38 -8.37 -16.59
C GLY B 286 5.26 -9.58 -16.86
N ILE B 287 5.10 -10.28 -17.99
CA ILE B 287 5.78 -11.58 -18.24
C ILE B 287 6.95 -11.39 -19.22
N ILE B 288 7.23 -10.16 -19.66
CA ILE B 288 8.32 -9.83 -20.63
C ILE B 288 9.36 -8.96 -19.93
N LEU B 289 10.63 -9.36 -20.00
CA LEU B 289 11.76 -8.50 -19.55
C LEU B 289 11.83 -7.31 -20.49
N PRO B 290 11.69 -6.05 -20.02
CA PRO B 290 11.80 -4.88 -20.89
C PRO B 290 13.24 -4.70 -21.35
N GLY B 291 13.59 -5.34 -22.47
CA GLY B 291 14.95 -5.35 -23.01
C GLY B 291 15.33 -3.98 -23.52
N VAL B 292 16.61 -3.63 -23.41
CA VAL B 292 17.18 -2.38 -24.00
C VAL B 292 17.13 -2.51 -25.52
N THR B 293 17.61 -3.66 -26.04
CA THR B 293 17.66 -3.90 -27.50
C THR B 293 16.22 -3.79 -28.03
N ARG B 294 15.26 -4.40 -27.32
CA ARG B 294 13.81 -4.37 -27.66
C ARG B 294 13.36 -2.91 -27.84
N ARG B 295 13.66 -2.05 -26.86
CA ARG B 295 13.32 -0.60 -26.85
C ARG B 295 13.93 0.07 -28.10
N CYS B 296 15.23 -0.17 -28.34
CA CYS B 296 15.97 0.44 -29.46
C CYS B 296 15.34 0.04 -30.79
N ILE B 297 14.94 -1.22 -30.93
CA ILE B 297 14.36 -1.73 -32.22
C ILE B 297 13.00 -1.08 -32.46
N LEU B 298 12.14 -1.00 -31.44
CA LEU B 298 10.83 -0.32 -31.55
C LEU B 298 11.05 1.16 -31.90
N ASP B 299 11.97 1.84 -31.20
CA ASP B 299 12.29 3.26 -31.45
C ASP B 299 12.67 3.43 -32.93
N LEU B 300 13.55 2.58 -33.45
CA LEU B 300 14.02 2.63 -34.86
C LEU B 300 12.84 2.44 -35.81
N ALA B 301 12.06 1.36 -35.65
CA ALA B 301 10.94 1.02 -36.54
C ALA B 301 9.89 2.13 -36.55
N HIS B 302 9.61 2.75 -35.40
CA HIS B 302 8.68 3.91 -35.28
C HIS B 302 9.23 5.08 -36.11
N GLN B 303 10.52 5.37 -35.95
CA GLN B 303 11.24 6.51 -36.59
C GLN B 303 11.25 6.34 -38.11
N TRP B 304 11.49 5.12 -38.60
CA TRP B 304 11.56 4.79 -40.05
C TRP B 304 10.21 5.07 -40.72
N GLY B 305 9.11 4.69 -40.05
CA GLY B 305 7.73 5.01 -40.46
C GLY B 305 7.34 4.32 -41.76
N GLU B 306 7.95 3.17 -42.05
CA GLU B 306 7.80 2.42 -43.34
C GLU B 306 6.78 1.29 -43.18
N PHE B 307 6.43 0.89 -41.96
CA PHE B 307 5.47 -0.23 -41.72
C PHE B 307 4.89 -0.10 -40.31
N LYS B 308 3.80 -0.82 -40.04
CA LYS B 308 3.11 -0.80 -38.73
C LYS B 308 4.01 -1.44 -37.67
N VAL B 309 4.05 -0.85 -36.47
CA VAL B 309 4.82 -1.36 -35.30
C VAL B 309 3.84 -1.60 -34.16
N SER B 310 3.64 -2.87 -33.79
CA SER B 310 2.59 -3.31 -32.84
C SER B 310 3.22 -4.06 -31.66
N GLU B 311 3.09 -3.50 -30.46
CA GLU B 311 3.26 -4.25 -29.18
C GLU B 311 1.94 -4.97 -28.94
N ARG B 312 1.88 -6.28 -29.19
CA ARG B 312 0.61 -7.06 -29.21
C ARG B 312 0.89 -8.54 -28.90
N TYR B 313 -0.16 -9.30 -28.55
CA TYR B 313 -0.08 -10.76 -28.31
C TYR B 313 0.08 -11.48 -29.65
N LEU B 314 1.00 -12.45 -29.68
CA LEU B 314 1.23 -13.39 -30.79
C LEU B 314 1.13 -14.81 -30.26
N THR B 315 0.28 -15.64 -30.85
CA THR B 315 0.08 -17.07 -30.46
C THR B 315 0.69 -17.99 -31.53
N MET B 316 0.96 -19.25 -31.16
CA MET B 316 1.44 -20.28 -32.09
C MET B 316 0.43 -20.45 -33.25
N ASP B 317 -0.87 -20.25 -33.00
CA ASP B 317 -1.93 -20.35 -34.03
C ASP B 317 -1.86 -19.16 -34.98
N ASP B 318 -1.61 -17.96 -34.44
CA ASP B 318 -1.40 -16.74 -35.28
C ASP B 318 -0.25 -17.04 -36.25
N LEU B 319 0.83 -17.63 -35.73
CA LEU B 319 2.08 -17.88 -36.47
C LEU B 319 1.86 -18.96 -37.54
N THR B 320 1.28 -20.11 -37.17
CA THR B 320 1.11 -21.26 -38.09
C THR B 320 0.09 -20.91 -39.18
N THR B 321 -0.96 -20.17 -38.83
CA THR B 321 -1.99 -19.64 -39.78
C THR B 321 -1.29 -18.74 -40.82
N ALA B 322 -0.40 -17.86 -40.35
CA ALA B 322 0.37 -16.92 -41.19
C ALA B 322 1.34 -17.68 -42.12
N LEU B 323 1.99 -18.74 -41.64
CA LEU B 323 2.99 -19.52 -42.42
C LEU B 323 2.28 -20.26 -43.56
N GLU B 324 1.07 -20.81 -43.32
CA GLU B 324 0.30 -21.52 -44.37
C GLU B 324 -0.20 -20.51 -45.43
N GLY B 325 -0.31 -19.22 -45.09
CA GLY B 325 -0.70 -18.13 -46.00
C GLY B 325 0.50 -17.34 -46.51
N ASN B 326 1.72 -17.82 -46.24
CA ASN B 326 3.01 -17.20 -46.69
C ASN B 326 3.09 -15.74 -46.26
N ARG B 327 2.59 -15.43 -45.06
CA ARG B 327 2.47 -14.05 -44.52
C ARG B 327 3.69 -13.72 -43.64
N VAL B 328 4.53 -14.70 -43.32
CA VAL B 328 5.68 -14.52 -42.38
C VAL B 328 6.94 -14.26 -43.22
N ARG B 329 7.66 -13.18 -42.88
CA ARG B 329 8.93 -12.78 -43.53
C ARG B 329 10.09 -13.23 -42.64
N GLU B 330 10.19 -12.68 -41.42
CA GLU B 330 11.33 -12.89 -40.49
C GLU B 330 10.82 -13.05 -39.06
N MET B 331 11.48 -13.91 -38.29
CA MET B 331 11.41 -13.98 -36.81
C MET B 331 12.84 -13.85 -36.28
N PHE B 332 13.05 -13.03 -35.25
CA PHE B 332 14.38 -12.89 -34.62
C PHE B 332 14.25 -12.62 -33.12
N GLY B 333 15.23 -13.12 -32.37
CA GLY B 333 15.47 -12.74 -30.98
C GLY B 333 16.24 -11.44 -30.94
N SER B 334 16.08 -10.67 -29.87
CA SER B 334 16.81 -9.41 -29.62
C SER B 334 17.35 -9.44 -28.19
N GLY B 335 18.52 -8.85 -27.97
CA GLY B 335 19.16 -8.80 -26.65
C GLY B 335 20.58 -8.33 -26.77
N THR B 336 21.18 -7.97 -25.65
CA THR B 336 22.59 -7.52 -25.52
C THR B 336 23.49 -8.63 -26.07
N ALA B 337 23.11 -9.89 -25.86
CA ALA B 337 23.91 -11.09 -26.20
C ALA B 337 24.16 -11.13 -27.71
N CYS B 338 23.07 -11.12 -28.46
CA CYS B 338 23.01 -11.27 -29.92
C CYS B 338 21.98 -10.26 -30.40
N VAL B 339 22.44 -9.10 -30.84
CA VAL B 339 21.61 -7.89 -31.13
C VAL B 339 20.34 -8.33 -31.86
N VAL B 340 20.51 -9.17 -32.90
CA VAL B 340 19.42 -9.74 -33.75
C VAL B 340 19.79 -11.18 -34.08
N CYS B 341 19.03 -12.15 -33.55
CA CYS B 341 19.27 -13.60 -33.74
C CYS B 341 18.13 -14.20 -34.55
N PRO B 342 18.32 -14.45 -35.86
CA PRO B 342 17.29 -15.08 -36.68
C PRO B 342 16.88 -16.45 -36.16
N VAL B 343 15.58 -16.76 -36.27
CA VAL B 343 14.96 -18.09 -36.01
C VAL B 343 14.62 -18.72 -37.36
N SER B 344 14.99 -19.97 -37.58
CA SER B 344 14.70 -20.72 -38.84
C SER B 344 13.63 -21.81 -38.62
N ASP B 345 13.46 -22.29 -37.38
CA ASP B 345 12.64 -23.50 -37.11
C ASP B 345 12.13 -23.49 -35.67
N ILE B 346 10.93 -24.02 -35.47
CA ILE B 346 10.29 -24.21 -34.14
C ILE B 346 9.79 -25.67 -34.05
N LEU B 347 10.26 -26.43 -33.07
CA LEU B 347 9.74 -27.79 -32.75
C LEU B 347 8.60 -27.63 -31.74
N TYR B 348 7.41 -28.12 -32.10
CA TYR B 348 6.12 -27.87 -31.40
C TYR B 348 5.14 -28.98 -31.77
N LYS B 349 4.64 -29.71 -30.77
CA LYS B 349 3.68 -30.85 -30.94
C LYS B 349 4.29 -31.89 -31.89
N GLY B 350 5.60 -32.12 -31.76
CA GLY B 350 6.34 -33.21 -32.44
C GLY B 350 6.54 -32.95 -33.93
N GLU B 351 6.38 -31.71 -34.40
CA GLU B 351 6.64 -31.34 -35.81
C GLU B 351 7.71 -30.25 -35.82
N THR B 352 8.60 -30.25 -36.82
CA THR B 352 9.51 -29.12 -37.15
C THR B 352 8.72 -28.13 -38.00
N ILE B 353 8.49 -26.91 -37.51
CA ILE B 353 7.81 -25.80 -38.25
C ILE B 353 8.90 -24.85 -38.77
N HIS B 354 9.02 -24.73 -40.09
CA HIS B 354 10.04 -23.86 -40.73
C HIS B 354 9.55 -22.40 -40.72
N ILE B 355 10.41 -21.50 -40.26
CA ILE B 355 10.24 -20.03 -40.37
C ILE B 355 11.15 -19.55 -41.49
N PRO B 356 10.62 -18.89 -42.55
CA PRO B 356 11.41 -18.59 -43.73
C PRO B 356 12.29 -17.33 -43.61
N THR B 357 12.74 -17.01 -42.39
CA THR B 357 13.55 -15.81 -42.07
C THR B 357 14.72 -15.69 -43.07
N MET B 358 15.51 -16.76 -43.20
CA MET B 358 16.78 -16.76 -43.98
C MET B 358 16.49 -16.73 -45.48
N GLU B 359 15.28 -17.10 -45.91
CA GLU B 359 14.89 -17.05 -47.33
C GLU B 359 14.35 -15.66 -47.70
N ASN B 360 14.08 -14.80 -46.70
CA ASN B 360 13.63 -13.40 -46.92
C ASN B 360 14.77 -12.43 -46.57
N GLY B 361 16.02 -12.89 -46.69
CA GLY B 361 17.24 -12.06 -46.61
C GLY B 361 18.24 -12.63 -45.60
N PRO B 362 18.07 -12.39 -44.28
CA PRO B 362 16.89 -11.70 -43.75
C PRO B 362 17.05 -10.17 -43.83
N LYS B 363 16.16 -9.50 -44.56
CA LYS B 363 16.32 -8.09 -44.99
C LYS B 363 16.26 -7.16 -43.77
N LEU B 364 15.20 -7.24 -42.98
CA LEU B 364 14.95 -6.32 -41.83
C LEU B 364 15.92 -6.65 -40.70
N ALA B 365 16.10 -7.93 -40.37
CA ALA B 365 17.05 -8.37 -39.32
C ALA B 365 18.43 -7.79 -39.63
N SER B 366 18.89 -7.92 -40.88
CA SER B 366 20.21 -7.45 -41.35
C SER B 366 20.29 -5.93 -41.18
N ARG B 367 19.24 -5.22 -41.56
CA ARG B 367 19.18 -3.74 -41.46
C ARG B 367 19.27 -3.31 -39.99
N ILE B 368 18.50 -3.96 -39.10
CA ILE B 368 18.47 -3.65 -37.64
C ILE B 368 19.85 -3.95 -37.06
N LEU B 369 20.43 -5.11 -37.36
CA LEU B 369 21.79 -5.48 -36.87
C LEU B 369 22.76 -4.37 -37.23
N SER B 370 22.77 -3.96 -38.50
CA SER B 370 23.74 -2.96 -39.03
C SER B 370 23.53 -1.60 -38.35
N LYS B 371 22.31 -1.18 -38.11
CA LYS B 371 22.04 0.15 -37.50
C LYS B 371 22.57 0.17 -36.06
N LEU B 372 22.24 -0.84 -35.26
CA LEU B 372 22.69 -0.92 -33.85
C LEU B 372 24.20 -1.11 -33.78
N THR B 373 24.76 -1.96 -34.63
CA THR B 373 26.23 -2.23 -34.69
C THR B 373 26.95 -0.93 -35.04
N ASP B 374 26.45 -0.19 -36.04
CA ASP B 374 27.04 1.10 -36.50
C ASP B 374 27.05 2.09 -35.33
N ILE B 375 26.00 2.10 -34.49
CA ILE B 375 25.92 3.05 -33.34
C ILE B 375 26.91 2.61 -32.26
N GLN B 376 26.84 1.33 -31.88
CA GLN B 376 27.70 0.67 -30.86
C GLN B 376 29.18 0.93 -31.14
N TYR B 377 29.61 0.80 -32.40
CA TYR B 377 31.05 0.82 -32.77
C TYR B 377 31.41 2.21 -33.33
N GLY B 378 30.53 3.20 -33.18
CA GLY B 378 30.84 4.61 -33.47
C GLY B 378 30.93 4.92 -34.95
N ARG B 379 30.44 4.02 -35.80
CA ARG B 379 30.37 4.24 -37.27
C ARG B 379 29.43 5.41 -37.57
N GLU B 380 28.49 5.68 -36.66
CA GLU B 380 27.50 6.79 -36.78
C GLU B 380 27.31 7.41 -35.40
N GLU B 381 27.09 8.72 -35.31
CA GLU B 381 26.91 9.43 -34.02
C GLU B 381 25.52 9.09 -33.48
N ARG B 382 25.37 9.07 -32.15
CA ARG B 382 24.06 8.80 -31.50
C ARG B 382 24.06 9.33 -30.06
N ASP B 383 22.87 9.81 -29.65
CA ASP B 383 22.45 10.07 -28.25
C ASP B 383 22.57 8.78 -27.41
N TRP B 384 22.44 7.62 -28.05
CA TRP B 384 22.40 6.28 -27.38
C TRP B 384 23.78 5.87 -26.87
N THR B 385 24.85 6.54 -27.29
CA THR B 385 26.24 6.18 -26.88
C THR B 385 26.86 7.28 -26.02
N ILE B 386 27.55 6.86 -24.96
CA ILE B 386 28.43 7.70 -24.10
C ILE B 386 29.86 7.19 -24.32
N VAL B 387 30.78 8.08 -24.66
CA VAL B 387 32.25 7.79 -24.70
C VAL B 387 32.72 7.64 -23.26
N LEU B 388 33.79 6.87 -23.02
CA LEU B 388 34.24 6.49 -21.66
C LEU B 388 34.84 7.71 -20.94
N SER B 389 34.44 7.90 -19.66
CA SER B 389 34.94 8.96 -18.74
C SER B 389 36.47 8.87 -18.67
N VAL C 25 -26.86 -7.88 11.95
CA VAL C 25 -27.08 -8.00 10.47
C VAL C 25 -25.89 -7.31 9.76
N GLY C 26 -25.00 -8.12 9.15
CA GLY C 26 -23.72 -7.69 8.56
C GLY C 26 -23.87 -6.83 7.33
N THR C 27 -24.94 -6.98 6.53
CA THR C 27 -25.22 -6.11 5.37
C THR C 27 -26.71 -6.16 5.01
N PHE C 28 -27.23 -5.06 4.46
CA PHE C 28 -28.52 -5.01 3.73
C PHE C 28 -28.32 -5.79 2.42
N LYS C 29 -29.38 -6.44 1.95
CA LYS C 29 -29.35 -7.27 0.72
C LYS C 29 -30.33 -6.68 -0.28
N ALA C 30 -29.95 -6.61 -1.57
CA ALA C 30 -30.79 -6.11 -2.68
C ALA C 30 -32.05 -6.96 -2.81
N LYS C 31 -31.96 -8.25 -2.46
CA LYS C 31 -33.09 -9.22 -2.42
C LYS C 31 -34.27 -8.66 -1.60
N ASP C 32 -33.99 -7.84 -0.58
CA ASP C 32 -34.98 -7.41 0.45
C ASP C 32 -35.57 -6.03 0.10
N LEU C 33 -35.13 -5.42 -1.00
CA LEU C 33 -35.57 -4.06 -1.46
C LEU C 33 -37.08 -3.90 -1.30
N ILE C 34 -37.51 -2.89 -0.57
CA ILE C 34 -38.94 -2.45 -0.51
C ILE C 34 -39.07 -1.21 -1.39
N VAL C 35 -39.82 -1.33 -2.49
CA VAL C 35 -40.05 -0.27 -3.50
C VAL C 35 -41.41 0.38 -3.22
N THR C 36 -41.41 1.69 -2.94
CA THR C 36 -42.61 2.55 -2.83
C THR C 36 -42.63 3.49 -4.01
N PRO C 37 -43.23 3.12 -5.16
CA PRO C 37 -43.18 3.98 -6.35
C PRO C 37 -43.92 5.29 -6.03
N ALA C 38 -43.52 6.38 -6.67
CA ALA C 38 -44.16 7.71 -6.54
C ALA C 38 -45.44 7.70 -7.38
N THR C 39 -46.52 8.25 -6.86
CA THR C 39 -47.84 8.23 -7.54
C THR C 39 -47.93 9.44 -8.48
N ILE C 40 -47.13 10.49 -8.24
CA ILE C 40 -47.02 11.69 -9.11
C ILE C 40 -45.57 11.80 -9.61
N LEU C 41 -45.35 11.81 -10.93
CA LEU C 41 -44.00 11.85 -11.56
C LEU C 41 -43.74 13.27 -12.09
N LYS C 42 -42.50 13.75 -11.99
CA LYS C 42 -42.08 15.12 -12.37
C LYS C 42 -41.64 15.14 -13.83
N GLU C 43 -41.80 16.28 -14.51
CA GLU C 43 -41.27 16.52 -15.89
C GLU C 43 -39.74 16.49 -15.83
N LYS C 44 -39.10 15.90 -16.84
CA LYS C 44 -37.62 15.88 -16.96
C LYS C 44 -37.14 17.25 -17.43
N PRO C 45 -35.90 17.67 -17.09
CA PRO C 45 -35.39 18.98 -17.45
C PRO C 45 -34.87 19.00 -18.90
N ASP C 46 -34.67 20.17 -19.51
CA ASP C 46 -33.95 20.27 -20.81
C ASP C 46 -32.48 19.93 -20.54
N PRO C 47 -31.89 18.91 -21.21
CA PRO C 47 -30.47 18.59 -21.03
C PRO C 47 -29.46 19.73 -21.27
N ASN C 48 -29.82 20.74 -22.08
CA ASN C 48 -28.94 21.85 -22.53
C ASN C 48 -29.08 23.07 -21.61
N ASN C 49 -29.93 23.03 -20.57
CA ASN C 49 -30.11 24.12 -19.59
C ASN C 49 -30.01 23.57 -18.17
N LEU C 50 -29.00 22.74 -17.93
CA LEU C 50 -28.82 21.94 -16.69
C LEU C 50 -27.66 22.55 -15.91
N VAL C 51 -27.87 22.85 -14.64
CA VAL C 51 -26.78 23.20 -13.68
C VAL C 51 -26.49 21.95 -12.84
N PHE C 52 -25.20 21.63 -12.67
CA PHE C 52 -24.76 20.40 -11.96
C PHE C 52 -25.40 20.34 -10.57
N GLY C 53 -26.00 19.18 -10.25
CA GLY C 53 -26.43 18.82 -8.87
C GLY C 53 -27.55 19.70 -8.32
N THR C 54 -28.37 20.26 -9.20
CA THR C 54 -29.47 21.23 -8.91
C THR C 54 -30.82 20.48 -8.96
N VAL C 55 -30.95 19.55 -9.90
CA VAL C 55 -32.23 18.85 -10.23
C VAL C 55 -32.10 17.40 -9.78
N PHE C 56 -33.16 16.87 -9.15
CA PHE C 56 -33.21 15.48 -8.63
C PHE C 56 -34.35 14.69 -9.29
N THR C 57 -34.17 13.37 -9.34
CA THR C 57 -35.11 12.42 -9.98
C THR C 57 -36.29 12.15 -9.03
N ASP C 58 -37.13 11.17 -9.36
CA ASP C 58 -38.40 10.88 -8.65
C ASP C 58 -38.14 10.14 -7.33
N HIS C 59 -37.11 9.31 -7.28
CA HIS C 59 -36.88 8.32 -6.19
C HIS C 59 -35.46 8.42 -5.65
N MET C 60 -35.28 7.90 -4.43
CA MET C 60 -33.96 7.77 -3.73
C MET C 60 -33.90 6.40 -3.10
N LEU C 61 -32.69 5.89 -2.87
CA LEU C 61 -32.44 4.72 -1.98
C LEU C 61 -32.17 5.26 -0.57
N THR C 62 -32.74 4.64 0.46
CA THR C 62 -32.39 4.87 1.89
C THR C 62 -32.24 3.51 2.58
N VAL C 63 -31.21 3.36 3.41
CA VAL C 63 -30.99 2.18 4.29
C VAL C 63 -30.56 2.66 5.67
N GLU C 64 -31.35 2.34 6.71
CA GLU C 64 -31.08 2.67 8.12
C GLU C 64 -30.13 1.62 8.72
N TRP C 65 -29.23 2.05 9.61
CA TRP C 65 -28.37 1.15 10.42
C TRP C 65 -28.39 1.59 11.89
N SER C 66 -28.22 0.62 12.78
CA SER C 66 -28.02 0.80 14.23
C SER C 66 -27.04 -0.28 14.71
N SER C 67 -26.23 0.01 15.73
CA SER C 67 -25.31 -0.99 16.34
C SER C 67 -26.15 -2.14 16.95
N GLU C 68 -27.36 -1.82 17.42
CA GLU C 68 -28.21 -2.80 18.17
C GLU C 68 -28.75 -3.87 17.18
N PHE C 69 -29.28 -3.46 16.03
CA PHE C 69 -30.03 -4.36 15.10
C PHE C 69 -29.28 -4.56 13.78
N GLY C 70 -28.29 -3.73 13.47
CA GLY C 70 -27.55 -3.79 12.20
C GLY C 70 -28.32 -3.10 11.08
N TRP C 71 -28.17 -3.59 9.86
CA TRP C 71 -28.79 -2.99 8.65
C TRP C 71 -30.27 -3.37 8.56
N GLU C 72 -31.14 -2.36 8.48
CA GLU C 72 -32.57 -2.53 8.08
C GLU C 72 -32.60 -2.89 6.59
N LYS C 73 -33.77 -3.29 6.10
CA LYS C 73 -33.98 -3.60 4.66
C LYS C 73 -33.91 -2.30 3.88
N PRO C 74 -33.30 -2.29 2.67
CA PRO C 74 -33.19 -1.08 1.87
C PRO C 74 -34.54 -0.69 1.24
N HIS C 75 -34.78 0.61 1.11
CA HIS C 75 -36.01 1.21 0.52
C HIS C 75 -35.63 2.03 -0.71
N ILE C 76 -36.32 1.80 -1.83
CA ILE C 76 -36.41 2.77 -2.95
C ILE C 76 -37.78 3.43 -2.81
N LYS C 77 -37.81 4.75 -2.68
CA LYS C 77 -39.05 5.52 -2.34
C LYS C 77 -38.94 6.92 -2.93
N PRO C 78 -40.04 7.71 -2.93
CA PRO C 78 -40.00 9.07 -3.48
C PRO C 78 -38.92 9.90 -2.80
N LEU C 79 -38.25 10.76 -3.56
CA LEU C 79 -37.36 11.82 -3.02
C LEU C 79 -38.09 12.54 -1.91
N GLN C 80 -37.43 12.75 -0.77
CA GLN C 80 -38.04 13.36 0.44
C GLN C 80 -36.95 13.98 1.30
N ASN C 81 -37.32 14.95 2.12
CA ASN C 81 -36.42 15.48 3.17
C ASN C 81 -36.11 14.34 4.15
N LEU C 82 -34.92 14.35 4.72
CA LEU C 82 -34.49 13.43 5.81
C LEU C 82 -34.93 14.07 7.13
N SER C 83 -35.54 13.28 8.02
CA SER C 83 -35.85 13.67 9.43
C SER C 83 -34.66 13.26 10.30
N LEU C 84 -33.81 14.22 10.66
CA LEU C 84 -32.59 13.96 11.46
C LEU C 84 -32.74 14.61 12.82
N HIS C 85 -32.35 13.88 13.87
CA HIS C 85 -32.13 14.44 15.23
C HIS C 85 -31.11 15.56 15.08
N PRO C 86 -31.33 16.73 15.72
CA PRO C 86 -30.39 17.84 15.56
C PRO C 86 -29.00 17.58 16.19
N GLY C 87 -28.85 16.47 16.93
CA GLY C 87 -27.54 16.03 17.49
C GLY C 87 -26.77 15.12 16.54
N SER C 88 -27.38 14.74 15.41
CA SER C 88 -26.81 13.81 14.41
C SER C 88 -25.33 14.15 14.16
N SER C 89 -24.43 13.18 14.26
CA SER C 89 -22.96 13.38 14.24
C SER C 89 -22.51 13.96 12.88
N ALA C 90 -23.27 13.71 11.81
CA ALA C 90 -23.00 14.28 10.47
C ALA C 90 -23.02 15.80 10.53
N LEU C 91 -23.89 16.37 11.37
CA LEU C 91 -24.10 17.84 11.48
C LEU C 91 -23.04 18.48 12.39
N HIS C 92 -22.37 17.71 13.25
CA HIS C 92 -21.48 18.25 14.32
C HIS C 92 -20.01 17.91 14.05
N TYR C 93 -19.69 16.63 13.79
CA TYR C 93 -18.31 16.08 13.67
C TYR C 93 -18.08 15.50 12.28
N ALA C 94 -18.89 15.88 11.30
CA ALA C 94 -18.69 15.53 9.88
C ALA C 94 -18.51 14.02 9.74
N VAL C 95 -19.33 13.24 10.45
CA VAL C 95 -19.33 11.76 10.34
C VAL C 95 -20.10 11.42 9.08
N GLU C 96 -19.42 11.51 7.94
CA GLU C 96 -20.09 11.47 6.61
C GLU C 96 -19.07 11.20 5.50
N LEU C 97 -19.55 10.52 4.45
CA LEU C 97 -18.77 10.30 3.22
C LEU C 97 -19.75 10.18 2.06
N PHE C 98 -19.24 10.35 0.84
CA PHE C 98 -20.04 10.30 -0.39
C PHE C 98 -19.22 9.66 -1.50
N GLU C 99 -19.92 9.31 -2.57
CA GLU C 99 -19.31 8.89 -3.85
C GLU C 99 -19.94 9.72 -4.98
N GLY C 100 -19.30 9.65 -6.14
CA GLY C 100 -19.72 10.30 -7.38
C GLY C 100 -19.40 9.37 -8.53
N LEU C 101 -20.42 8.92 -9.25
CA LEU C 101 -20.26 8.10 -10.47
C LEU C 101 -21.45 8.42 -11.37
N LYS C 102 -21.38 8.03 -12.65
CA LYS C 102 -22.39 8.44 -13.65
C LYS C 102 -22.96 7.21 -14.36
N ALA C 103 -24.20 7.35 -14.81
CA ALA C 103 -24.89 6.45 -15.77
C ALA C 103 -24.96 7.20 -17.10
N PHE C 104 -24.69 6.51 -18.21
CA PHE C 104 -24.58 7.10 -19.56
C PHE C 104 -25.53 6.39 -20.53
N ARG C 105 -26.38 7.15 -21.21
CA ARG C 105 -27.20 6.62 -22.32
C ARG C 105 -26.33 6.59 -23.58
N GLY C 106 -25.98 5.38 -24.02
CA GLY C 106 -25.05 5.15 -25.14
C GLY C 106 -25.71 5.39 -26.49
N VAL C 107 -24.93 5.40 -27.56
CA VAL C 107 -25.39 5.63 -28.95
C VAL C 107 -26.35 4.51 -29.34
N ASP C 108 -26.28 3.35 -28.67
CA ASP C 108 -27.17 2.17 -28.91
C ASP C 108 -28.37 2.20 -27.96
N ASN C 109 -28.60 3.32 -27.26
CA ASN C 109 -29.71 3.57 -26.30
C ASN C 109 -29.66 2.63 -25.07
N LYS C 110 -28.55 1.92 -24.85
CA LYS C 110 -28.30 1.08 -23.65
C LYS C 110 -27.63 1.94 -22.57
N ILE C 111 -28.11 1.87 -21.33
CA ILE C 111 -27.56 2.66 -20.18
C ILE C 111 -26.40 1.88 -19.55
N ARG C 112 -25.28 2.55 -19.33
CA ARG C 112 -24.03 1.93 -18.84
C ARG C 112 -23.51 2.70 -17.62
N LEU C 113 -23.05 1.95 -16.63
CA LEU C 113 -22.20 2.48 -15.53
C LEU C 113 -20.74 2.28 -15.96
N PHE C 114 -19.85 3.13 -15.43
CA PHE C 114 -18.41 3.17 -15.77
C PHE C 114 -17.60 2.86 -14.50
N GLN C 115 -17.01 1.65 -14.44
CA GLN C 115 -16.10 1.19 -13.37
C GLN C 115 -16.78 1.36 -12.00
N PRO C 116 -18.08 1.03 -11.83
CA PRO C 116 -18.78 1.36 -10.60
C PRO C 116 -18.22 0.59 -9.39
N ASN C 117 -17.61 -0.58 -9.66
CA ASN C 117 -16.90 -1.42 -8.67
C ASN C 117 -15.85 -0.59 -7.91
N LEU C 118 -15.13 0.28 -8.63
CA LEU C 118 -14.02 1.10 -8.07
C LEU C 118 -14.61 2.11 -7.07
N ASN C 119 -15.81 2.63 -7.35
CA ASN C 119 -16.53 3.58 -6.46
C ASN C 119 -16.96 2.85 -5.19
N MET C 120 -17.53 1.64 -5.32
CA MET C 120 -17.95 0.83 -4.16
C MET C 120 -16.72 0.49 -3.30
N ASP C 121 -15.59 0.13 -3.91
CA ASP C 121 -14.32 -0.14 -3.20
C ASP C 121 -13.95 1.06 -2.34
N ARG C 122 -13.99 2.26 -2.95
CA ARG C 122 -13.54 3.55 -2.36
C ARG C 122 -14.50 3.97 -1.25
N MET C 123 -15.80 3.75 -1.44
CA MET C 123 -16.84 4.07 -0.44
C MET C 123 -16.62 3.21 0.81
N TYR C 124 -16.41 1.90 0.64
CA TYR C 124 -16.17 0.93 1.74
C TYR C 124 -14.95 1.39 2.56
N ARG C 125 -13.83 1.63 1.88
CA ARG C 125 -12.55 2.07 2.49
C ARG C 125 -12.78 3.37 3.27
N SER C 126 -13.53 4.31 2.67
CA SER C 126 -13.87 5.60 3.31
C SER C 126 -14.72 5.34 4.56
N ALA C 127 -15.69 4.43 4.47
CA ALA C 127 -16.56 4.07 5.61
C ALA C 127 -15.71 3.54 6.76
N VAL C 128 -14.71 2.74 6.48
CA VAL C 128 -13.82 2.13 7.53
C VAL C 128 -13.05 3.27 8.20
N ARG C 129 -12.54 4.22 7.42
CA ARG C 129 -11.71 5.35 7.89
C ARG C 129 -12.58 6.31 8.72
N ALA C 130 -13.88 6.39 8.42
CA ALA C 130 -14.87 7.26 9.10
C ALA C 130 -15.44 6.58 10.36
N THR C 131 -15.27 5.27 10.51
CA THR C 131 -15.86 4.39 11.58
C THR C 131 -17.36 4.22 11.36
N LEU C 132 -17.83 4.48 10.14
CA LEU C 132 -19.20 4.12 9.70
C LEU C 132 -19.24 2.62 9.41
N PRO C 133 -20.42 1.98 9.56
CA PRO C 133 -20.50 0.52 9.50
C PRO C 133 -20.27 0.02 8.08
N VAL C 134 -19.58 -1.11 7.95
CA VAL C 134 -19.29 -1.75 6.62
C VAL C 134 -20.59 -2.33 6.06
N PHE C 135 -20.60 -2.63 4.77
CA PHE C 135 -21.73 -3.19 3.99
C PHE C 135 -21.17 -4.04 2.84
N ASP C 136 -21.98 -4.88 2.21
CA ASP C 136 -21.55 -5.67 1.02
C ASP C 136 -21.57 -4.75 -0.20
N LYS C 137 -20.44 -4.62 -0.88
CA LYS C 137 -20.25 -3.70 -2.03
C LYS C 137 -21.14 -4.13 -3.20
N GLU C 138 -21.26 -5.44 -3.46
CA GLU C 138 -22.08 -5.96 -4.59
C GLU C 138 -23.56 -5.67 -4.31
N GLU C 139 -24.00 -5.73 -3.04
CA GLU C 139 -25.41 -5.49 -2.65
C GLU C 139 -25.74 -4.00 -2.81
N LEU C 140 -24.82 -3.09 -2.49
CA LEU C 140 -25.09 -1.65 -2.68
C LEU C 140 -25.16 -1.36 -4.18
N LEU C 141 -24.24 -1.95 -4.96
CA LEU C 141 -24.23 -1.73 -6.43
C LEU C 141 -25.59 -2.17 -7.00
N GLU C 142 -26.06 -3.36 -6.62
CA GLU C 142 -27.33 -3.93 -7.15
C GLU C 142 -28.48 -3.00 -6.71
N CYS C 143 -28.42 -2.43 -5.50
CA CYS C 143 -29.45 -1.49 -5.00
C CYS C 143 -29.45 -0.22 -5.86
N ILE C 144 -28.26 0.32 -6.14
CA ILE C 144 -28.07 1.52 -7.02
C ILE C 144 -28.62 1.20 -8.41
N GLN C 145 -28.33 0.00 -8.93
CA GLN C 145 -28.75 -0.40 -10.31
C GLN C 145 -30.28 -0.42 -10.36
N GLN C 146 -30.94 -0.98 -9.36
CA GLN C 146 -32.43 -1.00 -9.26
C GLN C 146 -32.96 0.43 -9.21
N LEU C 147 -32.27 1.33 -8.50
CA LEU C 147 -32.72 2.74 -8.36
C LEU C 147 -32.65 3.41 -9.73
N VAL C 148 -31.51 3.29 -10.41
CA VAL C 148 -31.28 3.92 -11.74
C VAL C 148 -32.28 3.30 -12.73
N LYS C 149 -32.55 2.01 -12.62
CA LYS C 149 -33.49 1.28 -13.52
C LYS C 149 -34.89 1.90 -13.38
N LEU C 150 -35.37 2.04 -12.15
CA LEU C 150 -36.71 2.61 -11.88
C LEU C 150 -36.80 4.03 -12.44
N ASP C 151 -35.71 4.79 -12.35
CA ASP C 151 -35.64 6.21 -12.77
C ASP C 151 -34.84 6.32 -14.08
N GLN C 152 -34.88 5.29 -14.93
CA GLN C 152 -33.96 5.17 -16.09
C GLN C 152 -34.26 6.26 -17.13
N GLU C 153 -35.51 6.69 -17.23
CA GLU C 153 -35.89 7.77 -18.18
C GLU C 153 -35.24 9.10 -17.76
N TRP C 154 -34.65 9.20 -16.56
CA TRP C 154 -33.91 10.39 -16.09
C TRP C 154 -32.50 10.43 -16.69
N VAL C 155 -31.95 9.30 -17.14
CA VAL C 155 -30.62 9.31 -17.81
C VAL C 155 -30.83 10.02 -19.14
N PRO C 156 -30.31 11.25 -19.32
CA PRO C 156 -30.75 12.13 -20.40
C PRO C 156 -30.55 11.51 -21.79
N TYR C 157 -31.45 11.87 -22.71
CA TYR C 157 -31.40 11.46 -24.13
C TYR C 157 -30.47 12.41 -24.88
N SER C 158 -29.17 12.28 -24.59
CA SER C 158 -28.09 13.19 -25.06
C SER C 158 -26.74 12.50 -24.85
N THR C 159 -25.86 12.56 -25.86
CA THR C 159 -24.55 11.86 -25.85
C THR C 159 -23.50 12.72 -25.13
N SER C 160 -23.87 13.89 -24.61
CA SER C 160 -22.97 14.77 -23.83
C SER C 160 -23.56 15.09 -22.45
N ALA C 161 -24.55 14.29 -22.00
CA ALA C 161 -25.14 14.39 -20.65
C ALA C 161 -25.17 13.01 -19.98
N SER C 162 -25.46 13.00 -18.69
CA SER C 162 -25.33 11.81 -17.80
C SER C 162 -26.36 11.90 -16.69
N LEU C 163 -26.53 10.80 -15.95
CA LEU C 163 -27.18 10.82 -14.62
C LEU C 163 -26.07 10.71 -13.57
N TYR C 164 -25.94 11.72 -12.71
CA TYR C 164 -25.01 11.69 -11.55
C TYR C 164 -25.66 10.87 -10.44
N ILE C 165 -24.93 9.85 -9.98
CA ILE C 165 -25.30 8.96 -8.84
C ILE C 165 -24.49 9.42 -7.63
N ARG C 166 -25.17 9.87 -6.58
CA ARG C 166 -24.55 10.40 -5.33
C ARG C 166 -24.90 9.46 -4.17
N PRO C 167 -24.14 8.37 -3.96
CA PRO C 167 -24.24 7.60 -2.73
C PRO C 167 -23.73 8.48 -1.58
N THR C 168 -24.47 8.51 -0.46
CA THR C 168 -24.13 9.33 0.72
C THR C 168 -24.29 8.46 1.96
N PHE C 169 -23.42 8.64 2.95
CA PHE C 169 -23.35 7.83 4.18
C PHE C 169 -23.15 8.77 5.36
N ILE C 170 -24.14 8.89 6.25
CA ILE C 170 -24.11 9.88 7.38
C ILE C 170 -24.32 9.19 8.72
N GLY C 171 -23.57 9.62 9.74
CA GLY C 171 -23.86 9.29 11.15
C GLY C 171 -25.10 10.04 11.61
N THR C 172 -26.05 9.34 12.24
CA THR C 172 -27.34 9.91 12.73
C THR C 172 -27.49 9.67 14.23
N GLU C 173 -26.38 9.37 14.91
CA GLU C 173 -26.25 9.26 16.39
C GLU C 173 -26.87 10.51 17.02
N PRO C 174 -27.92 10.41 17.85
CA PRO C 174 -28.51 11.59 18.48
C PRO C 174 -27.72 12.11 19.70
N SER C 175 -26.43 11.82 19.79
CA SER C 175 -25.59 12.08 20.98
C SER C 175 -24.43 13.01 20.60
N LEU C 176 -24.10 13.96 21.48
CA LEU C 176 -23.07 14.99 21.24
C LEU C 176 -21.69 14.43 21.54
N GLY C 177 -21.62 13.25 22.15
CA GLY C 177 -20.36 12.51 22.33
C GLY C 177 -19.63 12.37 21.00
N VAL C 178 -18.34 12.70 20.99
CA VAL C 178 -17.41 12.51 19.83
C VAL C 178 -17.01 11.04 19.82
N LYS C 179 -17.72 10.21 19.05
CA LYS C 179 -17.55 8.74 19.07
C LYS C 179 -18.05 8.13 17.75
N LYS C 180 -17.56 6.92 17.47
CA LYS C 180 -18.11 5.97 16.49
C LYS C 180 -19.63 5.97 16.63
N PRO C 181 -20.37 6.26 15.54
CA PRO C 181 -21.83 6.32 15.60
C PRO C 181 -22.45 4.94 15.85
N THR C 182 -23.56 4.90 16.59
CA THR C 182 -24.39 3.68 16.83
C THR C 182 -25.65 3.76 15.97
N LYS C 183 -25.70 4.73 15.07
CA LYS C 183 -26.84 5.02 14.18
C LYS C 183 -26.32 5.68 12.90
N ALA C 184 -26.67 5.16 11.72
CA ALA C 184 -26.24 5.74 10.43
C ALA C 184 -27.37 5.59 9.40
N LEU C 185 -27.32 6.43 8.37
CA LEU C 185 -28.19 6.35 7.17
C LEU C 185 -27.28 6.31 5.92
N LEU C 186 -27.43 5.28 5.09
CA LEU C 186 -26.86 5.25 3.72
C LEU C 186 -28.00 5.53 2.75
N PHE C 187 -27.87 6.56 1.90
CA PHE C 187 -28.88 6.94 0.91
C PHE C 187 -28.20 7.28 -0.42
N VAL C 188 -28.95 7.19 -1.52
CA VAL C 188 -28.46 7.49 -2.89
C VAL C 188 -29.43 8.46 -3.57
N LEU C 189 -28.92 9.60 -4.02
CA LEU C 189 -29.62 10.57 -4.89
C LEU C 189 -29.20 10.36 -6.34
N LEU C 190 -30.10 10.69 -7.27
CA LEU C 190 -29.83 10.79 -8.72
C LEU C 190 -30.12 12.22 -9.16
N SER C 191 -29.24 12.77 -10.01
CA SER C 191 -29.29 14.17 -10.51
C SER C 191 -28.86 14.18 -11.98
N PRO C 192 -29.76 14.48 -12.93
CA PRO C 192 -29.37 14.57 -14.34
C PRO C 192 -28.46 15.79 -14.51
N VAL C 193 -27.30 15.61 -15.14
CA VAL C 193 -26.34 16.72 -15.39
C VAL C 193 -25.99 16.74 -16.87
N GLY C 194 -25.86 17.95 -17.40
CA GLY C 194 -25.54 18.22 -18.82
C GLY C 194 -24.03 18.21 -19.02
N PRO C 195 -23.54 18.69 -20.17
CA PRO C 195 -22.09 18.81 -20.38
C PRO C 195 -21.48 19.73 -19.32
N TYR C 196 -20.22 19.47 -18.93
CA TYR C 196 -19.54 20.19 -17.83
C TYR C 196 -19.57 21.70 -18.12
N PHE C 197 -19.26 22.09 -19.36
CA PHE C 197 -19.30 23.50 -19.83
C PHE C 197 -20.57 23.86 -20.63
N SER C 198 -21.03 23.09 -21.63
CA SER C 198 -22.23 23.43 -22.43
C SER C 198 -21.87 24.58 -23.39
N SER C 199 -20.84 24.37 -24.23
CA SER C 199 -20.54 25.18 -25.45
C SER C 199 -19.97 24.28 -26.55
N THR C 201 -17.20 22.86 -27.24
CA THR C 201 -15.97 22.07 -26.93
C THR C 201 -15.33 22.68 -25.68
N PHE C 202 -14.01 22.49 -25.45
CA PHE C 202 -13.27 22.81 -24.20
C PHE C 202 -13.33 24.30 -23.84
N ASN C 203 -13.68 24.62 -22.60
CA ASN C 203 -13.42 25.96 -21.99
C ASN C 203 -12.25 25.84 -21.02
N PRO C 204 -11.03 26.29 -21.40
CA PRO C 204 -9.88 26.16 -20.53
C PRO C 204 -10.01 27.03 -19.28
N VAL C 205 -9.57 26.52 -18.13
CA VAL C 205 -9.73 27.17 -16.80
C VAL C 205 -8.44 27.90 -16.40
N SER C 206 -8.57 28.94 -15.57
CA SER C 206 -7.49 29.59 -14.78
C SER C 206 -7.50 29.01 -13.36
N LEU C 207 -6.32 28.69 -12.82
CA LEU C 207 -6.14 28.17 -11.44
C LEU C 207 -5.57 29.28 -10.56
N TRP C 208 -6.15 29.43 -9.38
CA TRP C 208 -5.63 30.30 -8.27
C TRP C 208 -4.71 29.43 -7.39
N ALA C 209 -3.41 29.68 -7.46
CA ALA C 209 -2.37 28.97 -6.68
C ALA C 209 -1.87 29.88 -5.56
N ASN C 210 -2.32 29.58 -4.32
CA ASN C 210 -1.95 30.30 -3.08
C ASN C 210 -1.55 29.26 -2.04
N PRO C 211 -0.25 29.18 -1.68
CA PRO C 211 0.23 28.12 -0.77
C PRO C 211 -0.27 28.25 0.67
N LYS C 212 -0.84 29.41 1.02
CA LYS C 212 -1.41 29.69 2.36
C LYS C 212 -2.44 28.61 2.73
N TYR C 213 -3.18 28.05 1.76
CA TYR C 213 -4.22 27.00 1.98
C TYR C 213 -3.67 25.63 1.61
N VAL C 214 -4.05 24.61 2.37
CA VAL C 214 -3.64 23.19 2.17
C VAL C 214 -4.89 22.32 2.23
N ARG C 215 -5.15 21.53 1.20
CA ARG C 215 -6.35 20.68 1.02
C ARG C 215 -6.28 19.46 1.94
N ALA C 216 -5.07 18.90 2.12
CA ALA C 216 -4.84 17.59 2.74
C ALA C 216 -3.37 17.43 3.12
N TRP C 217 -3.05 16.58 4.09
CA TRP C 217 -1.70 16.43 4.69
C TRP C 217 -1.41 14.95 4.96
N LYS C 218 -0.12 14.56 5.01
CA LYS C 218 0.28 13.21 5.49
C LYS C 218 -0.28 13.04 6.91
N GLY C 219 -0.98 11.92 7.14
CA GLY C 219 -1.67 11.62 8.40
C GLY C 219 -3.12 12.02 8.35
N GLY C 220 -3.54 12.63 7.23
CA GLY C 220 -4.90 13.17 7.04
C GLY C 220 -5.82 12.16 6.37
N THR C 221 -6.93 12.64 5.82
CA THR C 221 -7.99 11.82 5.17
C THR C 221 -8.18 12.25 3.71
N GLY C 222 -7.21 12.94 3.13
CA GLY C 222 -7.27 13.49 1.75
C GLY C 222 -7.51 12.44 0.69
N ASP C 223 -7.13 11.18 0.96
CA ASP C 223 -7.26 10.06 0.00
C ASP C 223 -8.63 9.37 0.18
N CYS C 224 -9.55 9.98 0.94
CA CYS C 224 -10.94 9.49 1.10
C CYS C 224 -11.92 10.58 0.63
N LYS C 225 -13.12 10.19 0.21
CA LYS C 225 -14.22 11.14 -0.09
C LYS C 225 -15.05 11.33 1.19
N MET C 226 -14.38 11.79 2.24
CA MET C 226 -15.00 12.16 3.54
C MET C 226 -15.30 13.66 3.52
N GLY C 227 -16.52 14.04 3.93
CA GLY C 227 -17.03 15.42 3.87
C GLY C 227 -16.05 16.46 4.41
N GLY C 228 -15.28 16.11 5.44
CA GLY C 228 -14.36 17.01 6.16
C GLY C 228 -13.33 17.62 5.22
N ASN C 229 -12.96 16.87 4.18
CA ASN C 229 -11.95 17.29 3.19
C ASN C 229 -12.49 18.44 2.33
N TYR C 230 -13.81 18.63 2.23
CA TYR C 230 -14.43 19.55 1.25
C TYR C 230 -14.82 20.86 1.93
N GLY C 231 -15.32 20.82 3.16
CA GLY C 231 -15.76 22.01 3.92
C GLY C 231 -14.68 23.06 4.04
N SER C 232 -13.43 22.64 4.26
CA SER C 232 -12.25 23.51 4.48
C SER C 232 -11.81 24.19 3.17
N SER C 233 -12.35 23.76 2.02
CA SER C 233 -11.90 24.19 0.68
C SER C 233 -12.67 25.43 0.21
N LEU C 234 -13.89 25.63 0.73
CA LEU C 234 -14.85 26.62 0.20
C LEU C 234 -14.25 28.03 0.20
N PHE C 235 -13.56 28.39 1.28
CA PHE C 235 -12.96 29.74 1.47
C PHE C 235 -11.98 30.01 0.32
N ALA C 236 -11.08 29.06 0.05
CA ALA C 236 -10.06 29.18 -1.02
C ALA C 236 -10.74 29.25 -2.39
N GLN C 237 -11.81 28.48 -2.60
CA GLN C 237 -12.57 28.46 -3.89
C GLN C 237 -13.14 29.86 -4.13
N CYS C 238 -13.70 30.50 -3.11
CA CYS C 238 -14.25 31.88 -3.18
C CYS C 238 -13.12 32.87 -3.49
N GLU C 239 -11.93 32.65 -2.91
CA GLU C 239 -10.78 33.55 -3.16
C GLU C 239 -10.39 33.41 -4.64
N ALA C 240 -10.42 32.19 -5.19
CA ALA C 240 -10.12 31.91 -6.61
C ALA C 240 -11.08 32.69 -7.51
N VAL C 241 -12.38 32.58 -7.25
CA VAL C 241 -13.44 33.22 -8.08
C VAL C 241 -13.27 34.75 -7.99
N ASP C 242 -12.90 35.29 -6.83
CA ASP C 242 -12.69 36.76 -6.62
C ASP C 242 -11.56 37.26 -7.51
N ASN C 243 -10.64 36.38 -7.93
CA ASN C 243 -9.47 36.72 -8.78
C ASN C 243 -9.66 36.15 -10.19
N GLY C 244 -10.92 35.97 -10.61
CA GLY C 244 -11.27 35.56 -11.98
C GLY C 244 -10.67 34.20 -12.37
N CYS C 245 -10.44 33.32 -11.40
CA CYS C 245 -10.06 31.90 -11.62
C CYS C 245 -11.28 31.00 -11.37
N GLN C 246 -11.29 29.80 -11.95
CA GLN C 246 -12.44 28.87 -11.94
C GLN C 246 -12.21 27.74 -10.93
N GLN C 247 -10.94 27.43 -10.64
CA GLN C 247 -10.54 26.32 -9.71
C GLN C 247 -9.32 26.76 -8.90
N VAL C 248 -9.09 26.06 -7.78
CA VAL C 248 -7.90 26.20 -6.91
C VAL C 248 -6.84 25.19 -7.37
N LEU C 249 -5.60 25.63 -7.57
CA LEU C 249 -4.47 24.70 -7.66
C LEU C 249 -3.97 24.46 -6.24
N TRP C 250 -4.13 23.23 -5.75
CA TRP C 250 -3.79 22.86 -4.35
C TRP C 250 -2.30 22.59 -4.25
N LEU C 251 -1.58 23.48 -3.57
CA LEU C 251 -0.12 23.36 -3.29
C LEU C 251 0.10 22.73 -1.91
N TYR C 252 1.21 22.01 -1.75
CA TYR C 252 1.58 21.24 -0.52
C TYR C 252 3.10 21.20 -0.33
N GLY C 253 3.57 21.51 0.88
CA GLY C 253 4.96 21.27 1.31
C GLY C 253 5.83 22.49 1.09
N GLU C 254 7.05 22.46 1.66
CA GLU C 254 8.07 23.53 1.58
C GLU C 254 8.31 23.94 0.11
N ASP C 255 8.25 22.96 -0.80
CA ASP C 255 8.70 23.13 -2.22
C ASP C 255 7.48 23.27 -3.15
N HIS C 256 6.27 23.50 -2.61
CA HIS C 256 5.05 23.87 -3.36
C HIS C 256 4.74 22.81 -4.43
N GLN C 257 4.51 21.57 -4.02
CA GLN C 257 4.02 20.48 -4.91
C GLN C 257 2.65 20.88 -5.45
N ILE C 258 2.43 20.73 -6.76
CA ILE C 258 1.08 20.83 -7.38
C ILE C 258 0.43 19.45 -7.24
N THR C 259 -0.73 19.37 -6.58
CA THR C 259 -1.36 18.11 -6.15
C THR C 259 -2.65 17.86 -6.93
N GLU C 260 -3.60 18.80 -6.87
CA GLU C 260 -4.96 18.63 -7.42
C GLU C 260 -5.46 19.95 -7.97
N VAL C 261 -6.33 19.88 -8.98
CA VAL C 261 -7.05 21.02 -9.58
C VAL C 261 -8.47 20.98 -9.02
N GLY C 262 -8.75 21.78 -8.00
CA GLY C 262 -10.02 21.76 -7.27
C GLY C 262 -10.33 20.37 -6.75
N THR C 263 -11.40 19.74 -7.24
CA THR C 263 -11.80 18.35 -6.89
C THR C 263 -11.52 17.44 -8.09
N MET C 264 -10.43 17.72 -8.82
CA MET C 264 -9.94 16.95 -9.99
C MET C 264 -8.46 16.59 -9.79
N ASN C 265 -8.05 15.42 -10.24
CA ASN C 265 -6.62 15.00 -10.26
C ASN C 265 -5.90 15.80 -11.35
N LEU C 266 -4.61 16.06 -11.16
CA LEU C 266 -3.77 16.93 -12.02
C LEU C 266 -2.89 16.05 -12.92
N PHE C 267 -2.91 16.30 -14.23
CA PHE C 267 -2.01 15.67 -15.22
C PHE C 267 -1.18 16.74 -15.93
N LEU C 268 0.12 16.48 -16.06
CA LEU C 268 1.07 17.35 -16.80
C LEU C 268 1.68 16.52 -17.94
N TYR C 269 1.49 16.99 -19.17
CA TYR C 269 2.08 16.40 -20.40
C TYR C 269 3.20 17.34 -20.85
N TRP C 270 4.44 16.83 -20.90
CA TRP C 270 5.66 17.69 -20.98
C TRP C 270 6.90 16.86 -21.35
N ILE C 271 7.97 17.56 -21.74
CA ILE C 271 9.35 17.02 -21.80
C ILE C 271 9.92 17.14 -20.40
N ASN C 272 10.31 16.03 -19.77
CA ASN C 272 10.81 16.01 -18.37
C ASN C 272 12.25 16.50 -18.34
N GLU C 273 12.86 16.53 -17.15
CA GLU C 273 14.24 17.04 -16.89
C GLU C 273 15.26 16.22 -17.67
N ASP C 274 14.93 14.97 -18.03
CA ASP C 274 15.81 14.02 -18.76
C ASP C 274 15.61 14.17 -20.28
N GLY C 275 14.81 15.14 -20.74
CA GLY C 275 14.51 15.37 -22.17
C GLY C 275 13.57 14.32 -22.77
N GLU C 276 12.80 13.62 -21.93
CA GLU C 276 11.85 12.54 -22.34
C GLU C 276 10.40 13.07 -22.30
N GLU C 277 9.62 12.71 -23.31
CA GLU C 277 8.16 12.98 -23.40
C GLU C 277 7.47 12.19 -22.27
N GLU C 278 6.76 12.87 -21.37
CA GLU C 278 6.22 12.28 -20.11
C GLU C 278 4.79 12.77 -19.85
N LEU C 279 3.89 11.86 -19.50
CA LEU C 279 2.62 12.18 -18.80
C LEU C 279 2.88 11.94 -17.32
N ALA C 280 2.85 13.01 -16.52
CA ALA C 280 3.13 12.96 -15.07
C ALA C 280 1.84 13.31 -14.32
N THR C 281 1.62 12.64 -13.19
CA THR C 281 0.57 12.96 -12.21
C THR C 281 1.16 12.75 -10.82
N PRO C 282 0.75 13.51 -9.79
CA PRO C 282 1.22 13.27 -8.43
C PRO C 282 0.83 11.88 -7.94
N PRO C 283 1.71 11.22 -7.15
CA PRO C 283 1.49 9.86 -6.69
C PRO C 283 0.58 9.81 -5.45
N LEU C 284 0.03 8.63 -5.20
CA LEU C 284 -0.91 8.32 -4.09
C LEU C 284 -0.09 8.13 -2.81
N ASP C 285 0.35 9.22 -2.20
CA ASP C 285 1.21 9.22 -0.99
C ASP C 285 0.41 9.65 0.24
N GLY C 286 -0.92 9.68 0.12
CA GLY C 286 -1.85 10.03 1.21
C GLY C 286 -2.63 11.31 0.96
N ILE C 287 -2.11 12.24 0.14
CA ILE C 287 -2.73 13.60 -0.01
C ILE C 287 -3.52 13.72 -1.32
N ILE C 288 -3.58 12.63 -2.10
CA ILE C 288 -4.28 12.59 -3.43
C ILE C 288 -5.46 11.64 -3.34
N LEU C 289 -6.65 12.11 -3.72
CA LEU C 289 -7.84 11.24 -3.87
C LEU C 289 -7.56 10.29 -5.04
N PRO C 290 -7.55 8.96 -4.84
CA PRO C 290 -7.33 8.03 -5.96
C PRO C 290 -8.54 8.04 -6.89
N GLY C 291 -8.51 8.93 -7.89
CA GLY C 291 -9.62 9.13 -8.84
C GLY C 291 -9.76 7.93 -9.74
N VAL C 292 -11.00 7.63 -10.15
CA VAL C 292 -11.28 6.57 -11.15
C VAL C 292 -10.74 7.05 -12.49
N THR C 293 -11.04 8.29 -12.88
CA THR C 293 -10.61 8.86 -14.18
C THR C 293 -9.08 8.79 -14.22
N ARG C 294 -8.42 9.18 -13.11
CA ARG C 294 -6.94 9.15 -12.95
C ARG C 294 -6.41 7.74 -13.30
N ARG C 295 -7.00 6.71 -12.70
CA ARG C 295 -6.63 5.27 -12.92
C ARG C 295 -6.79 4.94 -14.41
N CYS C 296 -7.93 5.28 -15.00
CA CYS C 296 -8.26 4.98 -16.42
C CYS C 296 -7.22 5.63 -17.34
N ILE C 297 -6.84 6.87 -17.06
CA ILE C 297 -5.89 7.63 -17.92
C ILE C 297 -4.50 6.98 -17.85
N LEU C 298 -4.03 6.64 -16.65
CA LEU C 298 -2.72 5.94 -16.48
C LEU C 298 -2.76 4.58 -17.20
N ASP C 299 -3.84 3.81 -17.02
CA ASP C 299 -4.01 2.49 -17.69
C ASP C 299 -3.86 2.67 -19.21
N LEU C 300 -4.55 3.66 -19.78
CA LEU C 300 -4.52 3.95 -21.23
C LEU C 300 -3.09 4.32 -21.67
N ALA C 301 -2.48 5.30 -21.01
CA ALA C 301 -1.14 5.81 -21.38
C ALA C 301 -0.09 4.70 -21.29
N HIS C 302 -0.18 3.81 -20.30
CA HIS C 302 0.73 2.62 -20.15
C HIS C 302 0.55 1.72 -21.38
N GLN C 303 -0.70 1.42 -21.73
CA GLN C 303 -1.11 0.51 -22.83
C GLN C 303 -0.61 1.05 -24.18
N TRP C 304 -0.74 2.37 -24.41
CA TRP C 304 -0.36 3.04 -25.68
C TRP C 304 1.16 2.90 -25.91
N GLY C 305 1.95 3.09 -24.86
CA GLY C 305 3.40 2.84 -24.86
C GLY C 305 4.16 3.79 -25.77
N GLU C 306 3.63 5.01 -25.97
CA GLU C 306 4.16 6.02 -26.92
C GLU C 306 5.02 7.05 -26.18
N PHE C 307 4.93 7.13 -24.85
CA PHE C 307 5.71 8.08 -24.02
C PHE C 307 5.78 7.56 -22.59
N LYS C 308 6.68 8.12 -21.79
CA LYS C 308 6.90 7.73 -20.37
C LYS C 308 5.68 8.15 -19.55
N VAL C 309 5.26 7.30 -18.62
CA VAL C 309 4.13 7.56 -17.68
C VAL C 309 4.66 7.48 -16.24
N SER C 310 4.68 8.62 -15.55
CA SER C 310 5.34 8.78 -14.23
C SER C 310 4.34 9.26 -13.18
N GLU C 311 4.08 8.44 -12.16
CA GLU C 311 3.50 8.89 -10.87
C GLU C 311 4.66 9.48 -10.06
N ARG C 312 4.76 10.81 -9.97
CA ARG C 312 5.92 11.52 -9.39
C ARG C 312 5.52 12.90 -8.87
N TYR C 313 6.36 13.51 -8.02
CA TYR C 313 6.14 14.87 -7.50
C TYR C 313 6.43 15.89 -8.62
N LEU C 314 5.54 16.88 -8.72
CA LEU C 314 5.68 18.07 -9.60
C LEU C 314 5.53 19.30 -8.73
N THR C 315 6.50 20.21 -8.77
CA THR C 315 6.52 21.49 -8.01
C THR C 315 6.27 22.65 -8.97
N MET C 316 5.86 23.80 -8.42
CA MET C 316 5.68 25.04 -9.21
C MET C 316 7.00 25.41 -9.92
N ASP C 317 8.15 25.11 -9.31
CA ASP C 317 9.48 25.42 -9.89
C ASP C 317 9.78 24.46 -11.04
N ASP C 318 9.40 23.19 -10.91
CA ASP C 318 9.53 22.21 -12.02
C ASP C 318 8.76 22.76 -13.23
N LEU C 319 7.54 23.25 -12.98
CA LEU C 319 6.58 23.71 -14.01
C LEU C 319 7.11 25.00 -14.67
N THR C 320 7.48 26.00 -13.87
CA THR C 320 7.90 27.36 -14.30
C THR C 320 9.21 27.23 -15.11
N THR C 321 10.12 26.38 -14.63
CA THR C 321 11.43 26.08 -15.29
C THR C 321 11.14 25.47 -16.68
N ALA C 322 10.20 24.53 -16.75
CA ALA C 322 9.78 23.85 -18.00
C ALA C 322 9.15 24.84 -18.99
N LEU C 323 8.32 25.78 -18.51
CA LEU C 323 7.61 26.75 -19.38
C LEU C 323 8.61 27.71 -20.02
N GLU C 324 9.64 28.14 -19.28
CA GLU C 324 10.68 29.06 -19.82
C GLU C 324 11.54 28.31 -20.86
N GLY C 325 11.59 26.98 -20.81
CA GLY C 325 12.32 26.12 -21.75
C GLY C 325 11.40 25.49 -22.80
N ASN C 326 10.14 25.94 -22.87
CA ASN C 326 9.14 25.49 -23.87
C ASN C 326 8.95 23.97 -23.81
N ARG C 327 9.03 23.39 -22.61
CA ARG C 327 9.00 21.92 -22.40
C ARG C 327 7.58 21.44 -22.08
N VAL C 328 6.63 22.36 -21.85
CA VAL C 328 5.25 22.01 -21.41
C VAL C 328 4.34 21.99 -22.65
N ARG C 329 3.60 20.89 -22.83
CA ARG C 329 2.64 20.68 -23.95
C ARG C 329 1.22 20.97 -23.43
N GLU C 330 0.73 20.17 -22.48
CA GLU C 330 -0.66 20.24 -21.95
C GLU C 330 -0.67 20.04 -20.43
N MET C 331 -1.57 20.75 -19.75
CA MET C 331 -1.99 20.48 -18.35
C MET C 331 -3.51 20.30 -18.35
N PHE C 332 -4.03 19.29 -17.65
CA PHE C 332 -5.48 19.07 -17.54
C PHE C 332 -5.85 18.45 -16.19
N GLY C 333 -7.04 18.80 -15.71
CA GLY C 333 -7.71 18.12 -14.60
C GLY C 333 -8.39 16.87 -15.13
N SER C 334 -8.55 15.87 -14.27
CA SER C 334 -9.30 14.62 -14.55
C SER C 334 -10.27 14.36 -13.40
N GLY C 335 -11.43 13.80 -13.72
CA GLY C 335 -12.46 13.48 -12.73
C GLY C 335 -13.76 13.14 -13.41
N THR C 336 -14.70 12.56 -12.66
CA THR C 336 -16.04 12.17 -13.12
C THR C 336 -16.75 13.42 -13.64
N ALA C 337 -16.49 14.58 -13.05
CA ALA C 337 -17.15 15.87 -13.33
C ALA C 337 -16.92 16.26 -14.79
N CYS C 338 -15.64 16.35 -15.13
CA CYS C 338 -15.11 16.84 -16.41
C CYS C 338 -13.95 15.92 -16.76
N VAL C 339 -14.23 14.92 -17.59
CA VAL C 339 -13.31 13.76 -17.82
C VAL C 339 -11.88 14.29 -18.02
N VAL C 340 -11.73 15.34 -18.84
CA VAL C 340 -10.45 16.03 -19.12
C VAL C 340 -10.72 17.54 -19.22
N CYS C 341 -10.20 18.32 -18.27
CA CYS C 341 -10.40 19.78 -18.17
C CYS C 341 -9.08 20.49 -18.41
N PRO C 342 -8.83 21.04 -19.61
CA PRO C 342 -7.62 21.79 -19.89
C PRO C 342 -7.45 23.00 -18.96
N VAL C 343 -6.20 23.26 -18.57
CA VAL C 343 -5.73 24.46 -17.84
C VAL C 343 -4.98 25.35 -18.83
N SER C 344 -5.28 26.65 -18.86
CA SER C 344 -4.62 27.65 -19.74
C SER C 344 -3.73 28.62 -18.95
N ASP C 345 -3.97 28.80 -17.65
CA ASP C 345 -3.32 29.87 -16.85
C ASP C 345 -3.30 29.52 -15.35
N ILE C 346 -2.24 29.94 -14.66
CA ILE C 346 -2.07 29.78 -13.19
C ILE C 346 -1.66 31.14 -12.61
N LEU C 347 -2.45 31.67 -11.68
CA LEU C 347 -2.09 32.90 -10.91
C LEU C 347 -1.34 32.44 -9.65
N TYR C 348 -0.11 32.93 -9.47
CA TYR C 348 0.87 32.47 -8.45
C TYR C 348 1.88 33.59 -8.18
N LYS C 349 1.98 34.04 -6.93
CA LYS C 349 2.88 35.16 -6.51
C LYS C 349 2.56 36.42 -7.33
N GLY C 350 1.28 36.66 -7.62
CA GLY C 350 0.77 37.88 -8.26
C GLY C 350 1.13 37.99 -9.74
N GLU C 351 1.50 36.89 -10.40
CA GLU C 351 1.78 36.88 -11.85
C GLU C 351 0.83 35.86 -12.51
N THR C 352 0.33 36.16 -13.70
CA THR C 352 -0.44 35.21 -14.55
C THR C 352 0.59 34.38 -15.34
N ILE C 353 0.67 33.06 -15.09
CA ILE C 353 1.57 32.11 -15.81
C ILE C 353 0.74 31.37 -16.85
N HIS C 354 1.04 31.56 -18.13
CA HIS C 354 0.31 30.90 -19.25
C HIS C 354 0.79 29.46 -19.41
N ILE C 355 -0.14 28.52 -19.48
CA ILE C 355 0.10 27.10 -19.85
C ILE C 355 -0.40 26.93 -21.29
N PRO C 356 0.47 26.51 -22.24
CA PRO C 356 0.11 26.51 -23.65
C PRO C 356 -0.70 25.29 -24.11
N THR C 357 -1.52 24.73 -23.22
CA THR C 357 -2.35 23.53 -23.46
C THR C 357 -3.11 23.69 -24.79
N MET C 358 -3.86 24.78 -24.94
CA MET C 358 -4.80 25.00 -26.08
C MET C 358 -4.02 25.31 -27.36
N GLU C 359 -2.76 25.72 -27.27
CA GLU C 359 -1.90 25.98 -28.45
C GLU C 359 -1.23 24.68 -28.91
N ASN C 360 -1.27 23.62 -28.10
CA ASN C 360 -0.73 22.27 -28.47
C ASN C 360 -1.89 21.31 -28.74
N GLY C 361 -3.05 21.82 -29.19
CA GLY C 361 -4.18 21.05 -29.71
C GLY C 361 -5.49 21.41 -29.02
N PRO C 362 -5.75 20.89 -27.78
CA PRO C 362 -4.80 20.05 -27.05
C PRO C 362 -4.88 18.60 -27.51
N LYS C 363 -3.77 18.06 -28.02
CA LYS C 363 -3.72 16.80 -28.80
C LYS C 363 -4.04 15.62 -27.87
N LEU C 364 -3.30 15.48 -26.77
CA LEU C 364 -3.42 14.32 -25.84
C LEU C 364 -4.73 14.42 -25.05
N ALA C 365 -5.05 15.59 -24.51
CA ALA C 365 -6.30 15.84 -23.76
C ALA C 365 -7.48 15.41 -24.63
N SER C 366 -7.50 15.83 -25.90
CA SER C 366 -8.60 15.55 -26.86
C SER C 366 -8.69 14.03 -27.09
N ARG C 367 -7.53 13.38 -27.26
CA ARG C 367 -7.47 11.91 -27.48
C ARG C 367 -8.02 11.17 -26.25
N ILE C 368 -7.61 11.56 -25.05
CA ILE C 368 -8.04 10.94 -23.77
C ILE C 368 -9.56 11.16 -23.61
N LEU C 369 -10.04 12.38 -23.83
CA LEU C 369 -11.50 12.69 -23.72
C LEU C 369 -12.26 11.73 -24.65
N SER C 370 -11.84 11.61 -25.91
CA SER C 370 -12.53 10.79 -26.94
C SER C 370 -12.52 9.32 -26.55
N LYS C 371 -11.43 8.79 -26.00
CA LYS C 371 -11.34 7.35 -25.65
C LYS C 371 -12.33 7.04 -24.52
N LEU C 372 -12.33 7.84 -23.45
CA LEU C 372 -13.21 7.61 -22.28
C LEU C 372 -14.66 7.84 -22.69
N THR C 373 -14.94 8.90 -23.46
CA THR C 373 -16.30 9.24 -23.95
C THR C 373 -16.82 8.10 -24.81
N ASP C 374 -16.00 7.57 -25.73
CA ASP C 374 -16.37 6.45 -26.62
C ASP C 374 -16.73 5.22 -25.78
N ILE C 375 -16.03 4.97 -24.67
CA ILE C 375 -16.30 3.78 -23.80
C ILE C 375 -17.61 4.02 -23.04
N GLN C 376 -17.71 5.18 -22.38
CA GLN C 376 -18.88 5.62 -21.58
C GLN C 376 -20.17 5.51 -22.40
N TYR C 377 -20.16 5.94 -23.66
CA TYR C 377 -21.37 6.07 -24.51
C TYR C 377 -21.49 4.86 -25.43
N GLY C 378 -20.69 3.81 -25.21
CA GLY C 378 -20.84 2.50 -25.89
C GLY C 378 -20.40 2.53 -27.34
N ARG C 379 -19.69 3.58 -27.76
CA ARG C 379 -19.11 3.67 -29.14
C ARG C 379 -18.07 2.57 -29.34
N GLU C 380 -17.48 2.08 -28.25
CA GLU C 380 -16.47 0.99 -28.28
C GLU C 380 -16.74 0.07 -27.09
N GLU C 381 -16.54 -1.24 -27.25
CA GLU C 381 -16.80 -2.25 -26.20
C GLU C 381 -15.70 -2.13 -25.13
N ARG C 382 -16.02 -2.41 -23.86
CA ARG C 382 -15.04 -2.32 -22.75
C ARG C 382 -15.48 -3.15 -21.55
N ASP C 383 -14.48 -3.77 -20.89
CA ASP C 383 -14.54 -4.34 -19.51
C ASP C 383 -14.97 -3.27 -18.51
N TRP C 384 -14.66 -1.99 -18.79
CA TRP C 384 -14.88 -0.84 -17.87
C TRP C 384 -16.37 -0.50 -17.76
N THR C 385 -17.23 -1.00 -18.65
CA THR C 385 -18.68 -0.68 -18.65
C THR C 385 -19.53 -1.92 -18.31
N ILE C 386 -20.56 -1.71 -17.49
CA ILE C 386 -21.65 -2.67 -17.21
C ILE C 386 -22.93 -2.05 -17.77
N VAL C 387 -23.67 -2.79 -18.60
CA VAL C 387 -25.04 -2.44 -19.05
C VAL C 387 -25.98 -2.63 -17.84
N LEU C 388 -27.09 -1.90 -17.78
CA LEU C 388 -28.01 -1.89 -16.62
C LEU C 388 -28.74 -3.22 -16.46
N SER C 389 -28.80 -3.73 -15.21
CA SER C 389 -29.56 -4.92 -14.75
C SER C 389 -31.00 -4.88 -15.27
N GLY D 26 -26.44 41.48 7.10
CA GLY D 26 -27.36 41.73 8.22
C GLY D 26 -27.29 40.63 9.28
N THR D 27 -28.31 40.56 10.13
CA THR D 27 -28.36 39.66 11.31
C THR D 27 -29.80 39.49 11.77
N PHE D 28 -30.11 38.33 12.35
CA PHE D 28 -31.31 38.09 13.17
C PHE D 28 -31.13 38.89 14.46
N LYS D 29 -32.24 39.37 15.03
CA LYS D 29 -32.24 40.22 16.23
C LYS D 29 -33.04 39.50 17.31
N ALA D 30 -32.56 39.52 18.56
CA ALA D 30 -33.21 38.88 19.73
C ALA D 30 -34.58 39.52 19.97
N LYS D 31 -34.73 40.81 19.63
CA LYS D 31 -36.02 41.54 19.79
C LYS D 31 -37.12 40.88 18.94
N ASP D 32 -36.79 40.10 17.89
CA ASP D 32 -37.77 39.51 16.95
C ASP D 32 -38.13 38.06 17.34
N LEU D 33 -37.51 37.52 18.39
CA LEU D 33 -37.70 36.12 18.85
C LEU D 33 -39.17 35.76 18.85
N ILE D 34 -39.53 34.68 18.13
CA ILE D 34 -40.86 34.05 18.19
C ILE D 34 -40.74 32.81 19.08
N VAL D 35 -41.39 32.86 20.25
CA VAL D 35 -41.31 31.80 21.31
C VAL D 35 -42.59 30.97 21.22
N THR D 36 -42.46 29.68 20.92
CA THR D 36 -43.56 28.69 20.83
C THR D 36 -43.37 27.70 21.98
N PRO D 37 -43.96 27.95 23.17
CA PRO D 37 -43.70 27.11 24.33
C PRO D 37 -44.24 25.71 24.05
N ALA D 38 -43.63 24.69 24.65
CA ALA D 38 -44.10 23.28 24.60
C ALA D 38 -45.31 23.13 25.53
N THR D 39 -46.36 22.44 25.09
CA THR D 39 -47.57 22.18 25.92
C THR D 39 -47.31 20.92 26.77
N ILE D 40 -46.38 20.06 26.35
CA ILE D 40 -45.99 18.82 27.10
C ILE D 40 -44.51 18.94 27.51
N LEU D 41 -44.24 18.92 28.82
CA LEU D 41 -42.87 19.08 29.38
C LEU D 41 -42.36 17.70 29.82
N LYS D 42 -41.07 17.45 29.63
CA LYS D 42 -40.38 16.19 29.99
C LYS D 42 -39.88 16.30 31.43
N GLU D 43 -39.85 15.16 32.14
CA GLU D 43 -39.21 15.07 33.48
CA GLU D 43 -39.20 14.99 33.47
C GLU D 43 -37.69 15.22 33.28
N LYS D 44 -37.05 15.90 34.22
CA LYS D 44 -35.58 16.11 34.24
C LYS D 44 -34.90 14.80 34.63
N PRO D 45 -33.63 14.59 34.22
CA PRO D 45 -32.88 13.41 34.61
C PRO D 45 -32.31 13.57 36.04
N ASP D 46 -31.88 12.47 36.66
CA ASP D 46 -31.20 12.54 37.99
C ASP D 46 -29.84 13.21 37.78
N PRO D 47 -29.54 14.32 38.50
CA PRO D 47 -28.23 14.99 38.42
C PRO D 47 -26.98 14.10 38.63
N ASN D 48 -27.12 12.99 39.38
CA ASN D 48 -26.01 12.09 39.79
C ASN D 48 -25.79 10.95 38.78
N ASN D 49 -26.61 10.83 37.74
CA ASN D 49 -26.62 9.67 36.80
C ASN D 49 -26.73 10.18 35.37
N LEU D 50 -25.91 11.17 35.02
CA LEU D 50 -25.97 11.88 33.70
C LEU D 50 -24.81 11.41 32.83
N VAL D 51 -25.09 11.06 31.58
CA VAL D 51 -24.06 10.76 30.53
C VAL D 51 -23.97 11.99 29.62
N PHE D 52 -22.74 12.40 29.27
CA PHE D 52 -22.52 13.62 28.44
C PHE D 52 -23.31 13.54 27.13
N GLY D 53 -24.10 14.58 26.82
CA GLY D 53 -24.69 14.84 25.50
C GLY D 53 -25.72 13.80 25.07
N THR D 54 -26.39 13.09 26.00
CA THR D 54 -27.39 12.04 25.66
C THR D 54 -28.81 12.56 25.87
N VAL D 55 -29.01 13.44 26.85
CA VAL D 55 -30.35 13.98 27.24
C VAL D 55 -30.46 15.44 26.78
N PHE D 56 -31.62 15.80 26.23
CA PHE D 56 -31.91 17.17 25.71
C PHE D 56 -33.12 17.79 26.43
N THR D 57 -33.14 19.12 26.46
CA THR D 57 -34.16 19.94 27.18
C THR D 57 -35.42 20.03 26.32
N ASP D 58 -36.37 20.88 26.72
CA ASP D 58 -37.73 20.98 26.12
C ASP D 58 -37.69 21.74 24.80
N HIS D 59 -36.79 22.72 24.68
CA HIS D 59 -36.80 23.73 23.59
C HIS D 59 -35.43 23.85 22.94
N MET D 60 -35.41 24.39 21.73
CA MET D 60 -34.19 24.69 20.94
C MET D 60 -34.38 26.07 20.31
N LEU D 61 -33.27 26.73 19.97
CA LEU D 61 -33.27 27.91 19.06
C LEU D 61 -33.05 27.40 17.64
N THR D 62 -33.79 27.95 16.66
CA THR D 62 -33.52 27.78 15.20
C THR D 62 -33.62 29.16 14.53
N VAL D 63 -32.68 29.48 13.63
CA VAL D 63 -32.76 30.67 12.73
C VAL D 63 -32.34 30.27 11.31
N GLU D 64 -33.25 30.47 10.34
CA GLU D 64 -33.06 30.18 8.90
C GLU D 64 -32.32 31.34 8.23
N TRP D 65 -31.46 31.05 7.26
CA TRP D 65 -30.78 32.05 6.41
C TRP D 65 -30.86 31.62 4.95
N SER D 66 -30.90 32.60 4.05
CA SER D 66 -30.80 32.43 2.58
C SER D 66 -30.03 33.63 2.04
N SER D 67 -29.27 33.47 0.96
CA SER D 67 -28.57 34.59 0.28
C SER D 67 -29.60 35.58 -0.24
N GLU D 68 -30.78 35.10 -0.63
CA GLU D 68 -31.84 35.92 -1.27
C GLU D 68 -32.43 36.91 -0.27
N PHE D 69 -32.79 36.46 0.95
CA PHE D 69 -33.55 37.28 1.93
C PHE D 69 -32.71 37.59 3.18
N GLY D 70 -31.61 36.89 3.41
CA GLY D 70 -30.80 37.05 4.62
C GLY D 70 -31.38 36.27 5.79
N TRP D 71 -31.20 36.78 7.00
CA TRP D 71 -31.64 36.09 8.25
C TRP D 71 -33.14 36.26 8.46
N GLU D 72 -33.87 35.14 8.59
CA GLU D 72 -35.27 35.11 9.09
C GLU D 72 -35.25 35.44 10.59
N LYS D 73 -36.43 35.64 11.18
CA LYS D 73 -36.56 35.88 12.64
C LYS D 73 -36.20 34.60 13.39
N PRO D 74 -35.50 34.70 14.54
CA PRO D 74 -35.16 33.53 15.34
C PRO D 74 -36.40 32.96 16.06
N HIS D 75 -36.43 31.64 16.21
CA HIS D 75 -37.51 30.86 16.88
C HIS D 75 -36.92 30.13 18.09
N ILE D 76 -37.55 30.25 19.26
CA ILE D 76 -37.41 29.28 20.37
C ILE D 76 -38.67 28.43 20.35
N LYS D 77 -38.53 27.12 20.18
CA LYS D 77 -39.67 26.19 19.95
C LYS D 77 -39.30 24.83 20.52
N PRO D 78 -40.26 23.88 20.60
CA PRO D 78 -39.98 22.55 21.13
C PRO D 78 -38.85 21.88 20.34
N LEU D 79 -38.00 21.13 21.05
CA LEU D 79 -36.99 20.25 20.42
C LEU D 79 -37.71 19.38 19.38
N GLN D 80 -37.13 19.26 18.19
CA GLN D 80 -37.75 18.55 17.05
C GLN D 80 -36.64 18.09 16.10
N ASN D 81 -36.93 17.07 15.30
CA ASN D 81 -36.08 16.66 14.16
C ASN D 81 -35.98 17.86 13.19
N LEU D 82 -34.83 17.99 12.53
CA LEU D 82 -34.63 18.95 11.42
C LEU D 82 -35.10 18.29 10.13
N SER D 83 -35.88 19.01 9.33
CA SER D 83 -36.31 18.58 7.96
C SER D 83 -35.29 19.16 6.97
N LEU D 84 -34.35 18.33 6.51
CA LEU D 84 -33.26 18.76 5.60
C LEU D 84 -33.45 18.09 4.26
N HIS D 85 -33.28 18.86 3.18
CA HIS D 85 -33.09 18.32 1.80
C HIS D 85 -31.89 17.38 1.86
N PRO D 86 -31.97 16.19 1.23
CA PRO D 86 -30.88 15.23 1.30
C PRO D 86 -29.60 15.69 0.57
N GLY D 87 -29.65 16.81 -0.15
CA GLY D 87 -28.50 17.43 -0.81
C GLY D 87 -27.77 18.44 0.07
N SER D 88 -28.35 18.73 1.24
CA SER D 88 -27.82 19.74 2.20
C SER D 88 -26.30 19.60 2.34
N SER D 89 -25.55 20.69 2.19
CA SER D 89 -24.06 20.67 2.09
C SER D 89 -23.43 20.16 3.40
N ALA D 90 -24.13 20.32 4.53
CA ALA D 90 -23.68 19.80 5.84
C ALA D 90 -23.53 18.28 5.76
N LEU D 91 -24.37 17.59 4.99
CA LEU D 91 -24.38 16.11 4.88
C LEU D 91 -23.31 15.61 3.89
N HIS D 92 -22.83 16.46 2.99
CA HIS D 92 -21.95 16.06 1.84
C HIS D 92 -20.53 16.58 2.00
N TYR D 93 -20.36 17.89 2.26
CA TYR D 93 -19.06 18.61 2.27
C TYR D 93 -18.80 19.23 3.64
N ALA D 94 -19.48 18.74 4.69
CA ALA D 94 -19.21 19.12 6.09
C ALA D 94 -19.22 20.65 6.21
N VAL D 95 -20.19 21.31 5.57
CA VAL D 95 -20.36 22.78 5.68
C VAL D 95 -21.07 23.01 7.01
N GLU D 96 -20.30 23.03 8.09
CA GLU D 96 -20.84 23.02 9.46
C GLU D 96 -19.80 23.45 10.48
N LEU D 97 -20.25 24.06 11.56
CA LEU D 97 -19.42 24.41 12.74
C LEU D 97 -20.31 24.39 13.98
N PHE D 98 -19.68 24.29 15.14
CA PHE D 98 -20.37 24.21 16.45
C PHE D 98 -19.57 24.97 17.50
N GLU D 99 -20.22 25.20 18.63
CA GLU D 99 -19.58 25.70 19.87
C GLU D 99 -19.98 24.79 21.02
N GLY D 100 -19.24 24.92 22.11
CA GLY D 100 -19.47 24.24 23.39
C GLY D 100 -19.20 25.22 24.51
N LEU D 101 -20.23 25.52 25.30
CA LEU D 101 -20.11 26.36 26.52
C LEU D 101 -21.17 25.86 27.50
N LYS D 102 -21.07 26.27 28.77
CA LYS D 102 -21.92 25.71 29.85
C LYS D 102 -22.61 26.85 30.61
N ALA D 103 -23.79 26.53 31.15
CA ALA D 103 -24.52 27.30 32.17
C ALA D 103 -24.38 26.55 33.50
N PHE D 104 -24.13 27.26 34.59
CA PHE D 104 -23.83 26.68 35.92
C PHE D 104 -24.81 27.25 36.96
N ARG D 105 -25.50 26.37 37.69
CA ARG D 105 -26.30 26.77 38.88
C ARG D 105 -25.33 26.94 40.05
N GLY D 106 -25.11 28.18 40.48
CA GLY D 106 -24.13 28.53 41.53
C GLY D 106 -24.65 28.21 42.93
N VAL D 107 -23.77 28.32 43.94
CA VAL D 107 -24.12 28.05 45.37
C VAL D 107 -25.22 29.00 45.83
N ASP D 108 -25.37 30.15 45.16
CA ASP D 108 -26.39 31.20 45.46
C ASP D 108 -27.64 30.99 44.60
N ASN D 109 -27.74 29.84 43.91
CA ASN D 109 -28.88 29.42 43.05
C ASN D 109 -29.06 30.35 41.82
N LYS D 110 -28.08 31.22 41.54
CA LYS D 110 -28.06 32.10 40.33
C LYS D 110 -27.35 31.36 39.19
N ILE D 111 -27.93 31.37 37.99
CA ILE D 111 -27.36 30.67 36.81
C ILE D 111 -26.39 31.61 36.09
N ARG D 112 -25.20 31.10 35.78
CA ARG D 112 -24.09 31.89 35.21
C ARG D 112 -23.55 31.21 33.94
N LEU D 113 -23.26 32.01 32.93
CA LEU D 113 -22.43 31.63 31.77
C LEU D 113 -20.98 32.02 32.10
N PHE D 114 -20.02 31.31 31.50
CA PHE D 114 -18.56 31.48 31.71
C PHE D 114 -17.91 31.91 30.38
N GLN D 115 -17.51 33.18 30.29
CA GLN D 115 -16.78 33.79 29.16
C GLN D 115 -17.52 33.54 27.85
N PRO D 116 -18.86 33.66 27.79
CA PRO D 116 -19.61 33.25 26.60
C PRO D 116 -19.24 34.09 25.37
N ASN D 117 -18.80 35.33 25.60
CA ASN D 117 -18.29 36.27 24.56
C ASN D 117 -17.19 35.59 23.73
N LEU D 118 -16.31 34.83 24.37
CA LEU D 118 -15.15 34.16 23.71
C LEU D 118 -15.66 33.08 22.76
N ASN D 119 -16.76 32.41 23.13
CA ASN D 119 -17.40 31.37 22.29
C ASN D 119 -18.02 32.04 21.06
N MET D 120 -18.74 33.15 21.24
CA MET D 120 -19.35 33.91 20.13
C MET D 120 -18.24 34.42 19.19
N ASP D 121 -17.12 34.92 19.72
CA ASP D 121 -15.95 35.36 18.91
C ASP D 121 -15.50 34.22 18.00
N ARG D 122 -15.34 33.03 18.60
CA ARG D 122 -14.78 31.82 17.94
C ARG D 122 -15.78 31.28 16.90
N MET D 123 -17.07 31.33 17.20
CA MET D 123 -18.13 30.86 16.27
C MET D 123 -18.16 31.77 15.03
N TYR D 124 -18.10 33.09 15.21
CA TYR D 124 -18.09 34.09 14.11
C TYR D 124 -16.92 33.80 13.18
N ARG D 125 -15.72 33.70 13.75
CA ARG D 125 -14.46 33.47 13.01
C ARG D 125 -14.55 32.14 12.26
N SER D 126 -15.11 31.11 12.91
CA SER D 126 -15.34 29.78 12.30
C SER D 126 -16.30 29.91 11.12
N ALA D 127 -17.37 30.68 11.29
CA ALA D 127 -18.38 30.90 10.23
C ALA D 127 -17.71 31.52 9.00
N VAL D 128 -16.80 32.47 9.22
CA VAL D 128 -16.09 33.17 8.11
C VAL D 128 -15.23 32.16 7.36
N ARG D 129 -14.53 31.29 8.09
CA ARG D 129 -13.60 30.28 7.52
C ARG D 129 -14.39 29.21 6.77
N ALA D 130 -15.63 28.94 7.20
CA ALA D 130 -16.55 27.95 6.58
C ALA D 130 -17.29 28.52 5.37
N THR D 131 -17.33 29.85 5.22
CA THR D 131 -18.09 30.63 4.19
C THR D 131 -19.58 30.60 4.53
N LEU D 132 -19.92 30.27 5.77
CA LEU D 132 -21.29 30.44 6.31
C LEU D 132 -21.51 31.91 6.63
N PRO D 133 -22.77 32.39 6.60
CA PRO D 133 -23.04 33.82 6.71
C PRO D 133 -22.75 34.32 8.13
N VAL D 134 -22.20 35.54 8.23
CA VAL D 134 -21.91 36.18 9.55
C VAL D 134 -23.25 36.59 10.19
N PHE D 135 -23.20 36.90 11.49
CA PHE D 135 -24.34 37.31 12.35
C PHE D 135 -23.80 38.25 13.43
N ASP D 136 -24.68 38.99 14.13
CA ASP D 136 -24.28 39.82 15.29
C ASP D 136 -24.09 38.89 16.50
N LYS D 137 -22.89 38.91 17.09
CA LYS D 137 -22.48 38.02 18.22
C LYS D 137 -23.34 38.33 19.46
N GLU D 138 -23.64 39.59 19.72
CA GLU D 138 -24.42 40.04 20.91
C GLU D 138 -25.86 39.52 20.75
N GLU D 139 -26.39 39.51 19.53
CA GLU D 139 -27.78 39.06 19.24
C GLU D 139 -27.89 37.54 19.42
N LEU D 140 -26.87 36.78 19.02
CA LEU D 140 -26.90 35.31 19.22
C LEU D 140 -26.81 35.03 20.72
N LEU D 141 -25.94 35.75 21.44
CA LEU D 141 -25.79 35.56 22.91
C LEU D 141 -27.15 35.79 23.57
N GLU D 142 -27.83 36.89 23.24
CA GLU D 142 -29.12 37.25 23.87
C GLU D 142 -30.13 36.16 23.52
N CYS D 143 -30.10 35.61 22.31
CA CYS D 143 -31.02 34.52 21.89
C CYS D 143 -30.76 33.27 22.72
N ILE D 144 -29.47 32.91 22.91
CA ILE D 144 -29.05 31.76 23.76
C ILE D 144 -29.52 32.00 25.20
N GLN D 145 -29.37 33.23 25.70
CA GLN D 145 -29.73 33.56 27.10
C GLN D 145 -31.24 33.36 27.29
N GLN D 146 -32.06 33.82 26.34
CA GLN D 146 -33.54 33.62 26.37
C GLN D 146 -33.85 32.11 26.35
N LEU D 147 -33.09 31.33 25.58
CA LEU D 147 -33.34 29.86 25.47
C LEU D 147 -33.06 29.21 26.84
N VAL D 148 -31.90 29.50 27.41
CA VAL D 148 -31.46 28.91 28.71
C VAL D 148 -32.46 29.38 29.79
N LYS D 149 -32.93 30.63 29.72
CA LYS D 149 -33.88 31.20 30.71
C LYS D 149 -35.18 30.38 30.67
N LEU D 150 -35.74 30.16 29.49
CA LEU D 150 -37.01 29.40 29.33
C LEU D 150 -36.82 27.98 29.87
N ASP D 151 -35.63 27.40 29.67
CA ASP D 151 -35.33 26.00 30.07
C ASP D 151 -34.43 26.01 31.31
N GLN D 152 -34.54 27.03 32.17
CA GLN D 152 -33.56 27.26 33.27
C GLN D 152 -33.67 26.14 34.31
N GLU D 153 -34.84 25.53 34.50
CA GLU D 153 -35.00 24.40 35.45
C GLU D 153 -34.19 23.17 34.96
N TRP D 154 -33.69 23.18 33.73
CA TRP D 154 -32.82 22.09 33.20
C TRP D 154 -31.37 22.26 33.69
N VAL D 155 -30.97 23.45 34.11
CA VAL D 155 -29.61 23.67 34.68
C VAL D 155 -29.61 22.91 36.01
N PRO D 156 -28.87 21.78 36.10
CA PRO D 156 -29.06 20.83 37.18
C PRO D 156 -28.90 21.44 38.57
N TYR D 157 -29.66 20.93 39.54
CA TYR D 157 -29.57 21.31 40.96
C TYR D 157 -28.47 20.45 41.58
N SER D 158 -27.24 20.76 41.20
CA SER D 158 -25.98 20.06 41.56
C SER D 158 -24.81 21.00 41.27
N THR D 159 -23.86 21.07 42.22
CA THR D 159 -22.71 21.99 42.20
C THR D 159 -21.55 21.33 41.41
N SER D 160 -21.75 20.11 40.90
CA SER D 160 -20.76 19.40 40.05
C SER D 160 -21.36 19.01 38.69
N ALA D 161 -22.50 19.61 38.30
CA ALA D 161 -23.15 19.43 36.99
C ALA D 161 -23.45 20.78 36.33
N SER D 162 -23.84 20.76 35.07
CA SER D 162 -23.95 21.96 34.20
C SER D 162 -25.04 21.72 33.15
N LEU D 163 -25.44 22.77 32.45
CA LEU D 163 -26.20 22.66 31.19
C LEU D 163 -25.22 22.94 30.04
N TYR D 164 -25.01 21.97 29.16
CA TYR D 164 -24.18 22.12 27.94
C TYR D 164 -25.02 22.83 26.87
N ILE D 165 -24.49 23.94 26.36
CA ILE D 165 -25.07 24.77 25.28
C ILE D 165 -24.31 24.44 24.01
N ARG D 166 -24.99 23.89 23.00
CA ARG D 166 -24.40 23.46 21.70
C ARG D 166 -24.98 24.32 20.58
N PRO D 167 -24.40 25.52 20.33
CA PRO D 167 -24.72 26.26 19.12
C PRO D 167 -24.18 25.48 17.92
N THR D 168 -24.99 25.33 16.87
CA THR D 168 -24.64 24.57 15.65
C THR D 168 -25.04 25.39 14.43
N PHE D 169 -24.23 25.33 13.38
CA PHE D 169 -24.39 26.15 12.16
C PHE D 169 -24.13 25.26 10.95
N ILE D 170 -25.15 25.01 10.12
CA ILE D 170 -25.08 24.03 9.01
C ILE D 170 -25.50 24.68 7.69
N GLY D 171 -24.79 24.35 6.61
CA GLY D 171 -25.26 24.62 5.24
C GLY D 171 -26.42 23.71 4.89
N THR D 172 -27.50 24.27 4.33
CA THR D 172 -28.75 23.52 3.96
C THR D 172 -29.06 23.73 2.47
N GLU D 173 -28.05 24.18 1.71
CA GLU D 173 -28.07 24.31 0.22
C GLU D 173 -28.56 22.99 -0.36
N PRO D 174 -29.69 22.94 -1.11
CA PRO D 174 -30.16 21.69 -1.70
C PRO D 174 -29.39 21.26 -2.96
N SER D 175 -28.15 21.71 -3.13
CA SER D 175 -27.36 21.53 -4.37
C SER D 175 -26.07 20.77 -4.05
N LEU D 176 -25.67 19.87 -4.96
CA LEU D 176 -24.49 19.00 -4.81
C LEU D 176 -23.23 19.75 -5.26
N GLY D 177 -23.38 20.94 -5.84
CA GLY D 177 -22.25 21.84 -6.13
C GLY D 177 -21.42 22.07 -4.87
N VAL D 178 -20.10 21.91 -4.97
CA VAL D 178 -19.12 22.23 -3.89
C VAL D 178 -18.93 23.75 -3.90
N LYS D 179 -19.68 24.49 -3.09
CA LYS D 179 -19.74 25.96 -3.15
C LYS D 179 -20.21 26.54 -1.81
N LYS D 180 -19.87 27.81 -1.59
CA LYS D 180 -20.47 28.69 -0.56
C LYS D 180 -21.98 28.46 -0.55
N PRO D 181 -22.57 28.08 0.59
CA PRO D 181 -24.00 27.81 0.66
C PRO D 181 -24.84 29.09 0.49
N THR D 182 -26.00 28.98 -0.15
CA THR D 182 -27.00 30.08 -0.32
C THR D 182 -28.18 29.84 0.62
N LYS D 183 -28.02 28.87 1.53
CA LYS D 183 -29.05 28.43 2.51
C LYS D 183 -28.33 27.85 3.73
N ALA D 184 -28.65 28.32 4.93
CA ALA D 184 -28.05 27.82 6.19
C ALA D 184 -29.09 27.81 7.30
N LEU D 185 -28.84 26.97 8.32
CA LEU D 185 -29.61 26.94 9.58
C LEU D 185 -28.62 27.08 10.75
N LEU D 186 -28.84 28.08 11.60
CA LEU D 186 -28.17 28.20 12.92
C LEU D 186 -29.18 27.77 13.97
N PHE D 187 -28.83 26.77 14.80
CA PHE D 187 -29.69 26.24 15.88
C PHE D 187 -28.86 26.02 17.14
N VAL D 188 -29.52 25.98 18.30
CA VAL D 188 -28.88 25.74 19.62
C VAL D 188 -29.64 24.64 20.36
N LEU D 189 -28.93 23.58 20.75
CA LEU D 189 -29.40 22.52 21.67
C LEU D 189 -28.90 22.79 23.09
N LEU D 190 -29.66 22.34 24.10
CA LEU D 190 -29.27 22.29 25.52
C LEU D 190 -29.31 20.85 25.99
N SER D 191 -28.32 20.44 26.77
CA SER D 191 -28.12 19.06 27.27
C SER D 191 -27.57 19.11 28.69
N PRO D 192 -28.33 18.68 29.72
CA PRO D 192 -27.80 18.62 31.08
C PRO D 192 -26.71 17.55 31.16
N VAL D 193 -25.54 17.90 31.68
CA VAL D 193 -24.39 16.96 31.82
C VAL D 193 -23.87 17.01 33.25
N GLY D 194 -23.41 15.86 33.76
CA GLY D 194 -22.90 15.71 35.13
C GLY D 194 -21.41 16.02 35.19
N PRO D 195 -20.72 15.63 36.29
CA PRO D 195 -19.26 15.77 36.35
C PRO D 195 -18.61 14.96 35.22
N TYR D 196 -17.46 15.39 34.72
CA TYR D 196 -16.76 14.72 33.59
C TYR D 196 -16.52 13.24 33.95
N PHE D 197 -16.02 12.97 35.15
CA PHE D 197 -15.82 11.61 35.72
C PHE D 197 -16.85 11.40 36.84
N SER D 198 -17.57 10.27 36.83
CA SER D 198 -18.68 9.93 37.77
C SER D 198 -18.23 10.10 39.23
N SER D 199 -17.02 9.64 39.57
CA SER D 199 -16.45 9.67 40.93
C SER D 199 -16.38 11.11 41.47
N GLY D 200 -16.28 12.13 40.59
CA GLY D 200 -16.09 13.54 40.98
C GLY D 200 -14.62 13.88 41.19
N THR D 201 -13.81 12.92 41.67
CA THR D 201 -12.34 13.03 41.86
C THR D 201 -11.65 12.86 40.49
N PHE D 202 -10.35 13.16 40.41
CA PHE D 202 -9.52 12.99 39.18
C PHE D 202 -9.37 11.51 38.82
N ASN D 203 -9.76 11.11 37.61
CA ASN D 203 -9.43 9.78 37.01
C ASN D 203 -8.38 10.02 35.93
N PRO D 204 -7.08 9.79 36.20
CA PRO D 204 -6.02 10.16 35.27
C PRO D 204 -6.07 9.29 34.01
N VAL D 205 -5.83 9.89 32.85
CA VAL D 205 -5.99 9.24 31.51
C VAL D 205 -4.63 8.75 30.98
N SER D 206 -4.66 7.71 30.15
CA SER D 206 -3.55 7.24 29.27
C SER D 206 -3.78 7.80 27.86
N LEU D 207 -2.74 8.31 27.22
CA LEU D 207 -2.79 8.86 25.84
C LEU D 207 -2.14 7.85 24.88
N TRP D 208 -2.81 7.59 23.77
CA TRP D 208 -2.27 6.83 22.60
C TRP D 208 -1.61 7.82 21.65
N ALA D 209 -0.28 7.78 21.56
CA ALA D 209 0.53 8.68 20.71
C ALA D 209 1.07 7.88 19.53
N ASN D 210 0.46 8.09 18.36
CA ASN D 210 0.80 7.44 17.07
C ASN D 210 0.90 8.54 16.02
N PRO D 211 2.13 8.84 15.52
CA PRO D 211 2.33 9.96 14.60
C PRO D 211 1.70 9.77 13.22
N LYS D 212 1.30 8.54 12.90
CA LYS D 212 0.61 8.17 11.64
C LYS D 212 -0.63 9.07 11.44
N TYR D 213 -1.31 9.48 12.51
CA TYR D 213 -2.53 10.35 12.46
C TYR D 213 -2.15 11.78 12.81
N VAL D 214 -2.66 12.74 12.04
CA VAL D 214 -2.36 14.19 12.20
C VAL D 214 -3.71 14.92 12.18
N ARG D 215 -3.99 15.66 13.26
CA ARG D 215 -5.29 16.32 13.54
C ARG D 215 -5.46 17.53 12.62
N ALA D 216 -4.36 18.26 12.36
CA ALA D 216 -4.42 19.61 11.75
C ALA D 216 -3.07 19.98 11.14
N TRP D 217 -3.08 20.91 10.20
CA TRP D 217 -1.91 21.28 9.36
C TRP D 217 -1.91 22.78 9.11
N LYS D 218 -0.75 23.40 8.95
CA LYS D 218 -0.65 24.85 8.66
C LYS D 218 -1.35 25.09 7.31
N GLY D 219 -2.27 26.05 7.27
CA GLY D 219 -3.12 26.34 6.10
C GLY D 219 -4.45 25.61 6.19
N GLY D 220 -4.64 24.87 7.27
CA GLY D 220 -5.85 24.07 7.53
C GLY D 220 -6.85 24.83 8.36
N THR D 221 -7.78 24.11 8.99
CA THR D 221 -8.93 24.65 9.75
C THR D 221 -8.87 24.20 11.22
N GLY D 222 -7.70 23.72 11.68
CA GLY D 222 -7.50 23.14 13.02
C GLY D 222 -7.82 24.15 14.13
N ASP D 223 -7.67 25.44 13.87
CA ASP D 223 -7.90 26.53 14.85
C ASP D 223 -9.37 26.97 14.83
N CYS D 224 -10.25 26.22 14.15
CA CYS D 224 -11.72 26.48 14.13
C CYS D 224 -12.45 25.25 14.66
N LYS D 225 -13.64 25.45 15.21
CA LYS D 225 -14.55 24.36 15.62
C LYS D 225 -15.45 24.04 14.42
N MET D 226 -14.82 23.65 13.31
CA MET D 226 -15.50 23.16 12.09
C MET D 226 -15.57 21.62 12.15
N GLY D 227 -16.75 21.06 11.90
CA GLY D 227 -17.03 19.61 12.00
C GLY D 227 -15.97 18.76 11.32
N GLY D 228 -15.40 19.23 10.20
CA GLY D 228 -14.45 18.50 9.35
C GLY D 228 -13.23 18.05 10.14
N ASN D 229 -12.85 18.84 11.16
CA ASN D 229 -11.68 18.58 12.01
C ASN D 229 -11.94 17.33 12.87
N TYR D 230 -13.20 16.96 13.13
CA TYR D 230 -13.55 15.96 14.18
C TYR D 230 -13.84 14.60 13.55
N GLY D 231 -14.47 14.54 12.37
CA GLY D 231 -14.79 13.29 11.65
C GLY D 231 -13.58 12.39 11.47
N SER D 232 -12.43 12.97 11.13
CA SER D 232 -11.16 12.26 10.82
C SER D 232 -10.52 11.70 12.11
N SER D 233 -11.02 12.08 13.29
CA SER D 233 -10.39 11.76 14.60
C SER D 233 -10.94 10.44 15.16
N LEU D 234 -12.16 10.06 14.77
CA LEU D 234 -12.90 8.90 15.35
C LEU D 234 -12.04 7.62 15.25
N PHE D 235 -11.43 7.38 14.10
CA PHE D 235 -10.65 6.14 13.83
C PHE D 235 -9.50 6.06 14.84
N ALA D 236 -8.76 7.15 15.01
CA ALA D 236 -7.62 7.23 15.96
C ALA D 236 -8.12 7.01 17.40
N GLN D 237 -9.28 7.58 17.76
CA GLN D 237 -9.87 7.45 19.10
C GLN D 237 -10.17 5.96 19.37
N CYS D 238 -10.74 5.25 18.40
CA CYS D 238 -11.01 3.79 18.49
C CYS D 238 -9.70 3.01 18.66
N GLU D 239 -8.63 3.43 17.96
CA GLU D 239 -7.32 2.77 18.07
C GLU D 239 -6.79 2.94 19.50
N ALA D 240 -6.98 4.13 20.08
CA ALA D 240 -6.58 4.46 21.45
C ALA D 240 -7.29 3.52 22.43
N VAL D 241 -8.61 3.40 22.32
CA VAL D 241 -9.45 2.58 23.23
C VAL D 241 -9.03 1.11 23.10
N ASP D 242 -8.70 0.64 21.89
CA ASP D 242 -8.27 -0.76 21.63
C ASP D 242 -6.97 -1.07 22.39
N ASN D 243 -6.18 -0.05 22.73
CA ASN D 243 -4.88 -0.19 23.45
C ASN D 243 -5.02 0.35 24.88
N GLY D 244 -6.24 0.33 25.43
CA GLY D 244 -6.52 0.69 26.84
C GLY D 244 -6.10 2.11 27.17
N CYS D 245 -6.13 3.02 26.19
CA CYS D 245 -5.98 4.49 26.38
C CYS D 245 -7.36 5.14 26.27
N GLN D 246 -7.51 6.34 26.86
CA GLN D 246 -8.80 7.05 26.97
C GLN D 246 -8.85 8.21 25.96
N GLN D 247 -7.69 8.72 25.53
CA GLN D 247 -7.57 9.90 24.62
C GLN D 247 -6.38 9.74 23.69
N VAL D 248 -6.41 10.48 22.57
CA VAL D 248 -5.33 10.53 21.55
C VAL D 248 -4.40 11.68 21.90
N LEU D 249 -3.08 11.44 21.93
CA LEU D 249 -2.11 12.55 21.95
C LEU D 249 -1.79 12.87 20.50
N TRP D 250 -2.19 14.05 20.04
CA TRP D 250 -2.02 14.50 18.64
C TRP D 250 -0.59 15.01 18.45
N LEU D 251 0.23 14.27 17.71
CA LEU D 251 1.60 14.63 17.30
C LEU D 251 1.60 15.28 15.91
N TYR D 252 2.57 16.17 15.67
CA TYR D 252 2.71 17.00 14.44
C TYR D 252 4.19 17.22 14.12
N GLY D 253 4.58 16.97 12.87
CA GLY D 253 5.86 17.43 12.28
C GLY D 253 6.95 16.40 12.44
N GLU D 254 8.09 16.66 11.80
CA GLU D 254 9.27 15.75 11.74
C GLU D 254 9.72 15.40 13.16
N ASP D 255 9.61 16.33 14.11
CA ASP D 255 10.20 16.20 15.47
C ASP D 255 9.10 15.92 16.51
N HIS D 256 7.90 15.54 16.08
CA HIS D 256 6.81 14.99 16.92
C HIS D 256 6.44 15.97 18.03
N GLN D 257 5.97 17.15 17.64
CA GLN D 257 5.38 18.14 18.58
C GLN D 257 4.14 17.53 19.23
N ILE D 258 4.01 17.65 20.56
CA ILE D 258 2.75 17.34 21.28
C ILE D 258 1.87 18.58 21.20
N THR D 259 0.66 18.45 20.66
CA THR D 259 -0.23 19.59 20.30
C THR D 259 -1.46 19.61 21.21
N GLU D 260 -2.23 18.52 21.23
CA GLU D 260 -3.55 18.48 21.91
C GLU D 260 -3.78 17.08 22.49
N VAL D 261 -4.57 17.01 23.55
CA VAL D 261 -5.05 15.75 24.18
C VAL D 261 -6.49 15.58 23.74
N GLY D 262 -6.73 14.76 22.72
CA GLY D 262 -8.06 14.55 22.13
C GLY D 262 -8.64 15.88 21.67
N THR D 263 -9.75 16.31 22.27
CA THR D 263 -10.43 17.59 22.01
C THR D 263 -10.19 18.54 23.20
N MET D 264 -9.00 18.45 23.81
CA MET D 264 -8.54 19.27 24.95
C MET D 264 -7.17 19.86 24.62
N ASN D 265 -6.92 21.09 25.06
CA ASN D 265 -5.58 21.73 24.97
C ASN D 265 -4.64 21.05 25.96
N LEU D 266 -3.35 21.02 25.63
CA LEU D 266 -2.29 20.30 26.40
C LEU D 266 -1.48 21.32 27.20
N PHE D 267 -1.32 21.07 28.50
CA PHE D 267 -0.44 21.84 29.40
C PHE D 267 0.62 20.91 30.00
N LEU D 268 1.87 21.37 30.03
CA LEU D 268 3.01 20.69 30.71
C LEU D 268 3.55 21.61 31.80
N TYR D 269 3.56 21.12 33.05
CA TYR D 269 4.14 21.79 34.22
C TYR D 269 5.44 21.07 34.57
N TRP D 270 6.57 21.78 34.53
CA TRP D 270 7.92 21.14 34.54
C TRP D 270 9.03 22.16 34.84
N ILE D 271 10.24 21.65 35.13
CA ILE D 271 11.51 22.42 35.12
C ILE D 271 11.98 22.41 33.67
N ASN D 272 12.13 23.59 33.05
CA ASN D 272 12.49 23.71 31.62
C ASN D 272 14.00 23.48 31.45
N GLU D 273 14.50 23.58 30.22
CA GLU D 273 15.91 23.32 29.83
C GLU D 273 16.85 24.29 30.59
N ASP D 274 16.34 25.45 31.01
CA ASP D 274 17.10 26.52 31.72
C ASP D 274 17.04 26.32 33.24
N GLY D 275 16.46 25.21 33.72
CA GLY D 275 16.32 24.91 35.17
C GLY D 275 15.26 25.76 35.86
N GLU D 276 14.32 26.34 35.10
CA GLU D 276 13.23 27.23 35.63
C GLU D 276 11.90 26.47 35.66
N GLU D 277 11.11 26.72 36.70
CA GLU D 277 9.72 26.21 36.87
C GLU D 277 8.85 26.87 35.79
N GLU D 278 8.21 26.07 34.92
CA GLU D 278 7.49 26.57 33.71
C GLU D 278 6.15 25.84 33.54
N LEU D 279 5.08 26.58 33.29
CA LEU D 279 3.84 26.05 32.67
C LEU D 279 3.94 26.33 31.17
N ALA D 280 4.04 25.27 30.36
CA ALA D 280 4.17 25.35 28.89
C ALA D 280 2.91 24.79 28.25
N THR D 281 2.49 25.42 27.14
CA THR D 281 1.41 24.93 26.25
C THR D 281 1.82 25.29 24.83
N PRO D 282 1.47 24.46 23.82
CA PRO D 282 1.79 24.80 22.43
C PRO D 282 1.13 26.12 22.02
N PRO D 283 1.82 26.94 21.18
CA PRO D 283 1.31 28.24 20.78
C PRO D 283 0.31 28.14 19.62
N LEU D 284 -0.47 29.20 19.44
CA LEU D 284 -1.54 29.33 18.42
C LEU D 284 -0.91 29.69 17.08
N ASP D 285 -0.31 28.71 16.41
CA ASP D 285 0.41 28.87 15.12
C ASP D 285 -0.42 28.24 13.99
N GLY D 286 -1.70 27.94 14.26
CA GLY D 286 -2.69 27.50 13.25
C GLY D 286 -3.22 26.09 13.52
N ILE D 287 -2.48 25.26 14.24
CA ILE D 287 -2.81 23.81 14.40
C ILE D 287 -3.37 23.54 15.79
N ILE D 288 -3.59 24.57 16.60
CA ILE D 288 -4.18 24.50 17.97
C ILE D 288 -5.53 25.23 17.97
N LEU D 289 -6.58 24.58 18.45
CA LEU D 289 -7.89 25.23 18.74
C LEU D 289 -7.66 26.20 19.89
N PRO D 290 -7.90 27.52 19.73
CA PRO D 290 -7.75 28.47 20.84
C PRO D 290 -8.85 28.25 21.87
N GLY D 291 -8.58 27.38 22.85
CA GLY D 291 -9.55 27.00 23.89
C GLY D 291 -9.82 28.17 24.82
N VAL D 292 -11.05 28.24 25.33
CA VAL D 292 -11.43 29.24 26.37
C VAL D 292 -10.72 28.86 27.67
N THR D 293 -10.79 27.59 28.05
CA THR D 293 -10.16 27.09 29.29
C THR D 293 -8.65 27.40 29.20
N ARG D 294 -8.04 27.13 28.05
CA ARG D 294 -6.61 27.41 27.76
C ARG D 294 -6.30 28.87 28.09
N ARG D 295 -7.11 29.80 27.56
CA ARG D 295 -6.98 31.27 27.78
C ARG D 295 -7.06 31.57 29.28
N CYS D 296 -8.06 31.03 29.96
CA CYS D 296 -8.31 31.27 31.41
C CYS D 296 -7.11 30.78 32.23
N ILE D 297 -6.54 29.64 31.88
CA ILE D 297 -5.39 29.04 32.65
C ILE D 297 -4.16 29.93 32.45
N LEU D 298 -3.87 30.36 31.22
CA LEU D 298 -2.73 31.27 30.94
C LEU D 298 -2.95 32.58 31.69
N ASP D 299 -4.14 33.17 31.61
CA ASP D 299 -4.48 34.44 32.30
C ASP D 299 -4.17 34.30 33.80
N LEU D 300 -4.64 33.21 34.42
CA LEU D 300 -4.42 32.92 35.87
C LEU D 300 -2.92 32.83 36.15
N ALA D 301 -2.20 31.96 35.45
CA ALA D 301 -0.75 31.69 35.69
C ALA D 301 0.08 32.97 35.50
N HIS D 302 -0.26 33.82 34.52
CA HIS D 302 0.40 35.14 34.29
C HIS D 302 0.18 36.02 35.53
N GLN D 303 -1.08 36.10 35.99
CA GLN D 303 -1.52 36.94 37.13
C GLN D 303 -0.82 36.49 38.42
N TRP D 304 -0.71 35.18 38.65
CA TRP D 304 -0.09 34.57 39.87
C TRP D 304 1.37 34.99 39.96
N GLY D 305 2.10 34.94 38.84
CA GLY D 305 3.48 35.44 38.72
C GLY D 305 4.46 34.64 39.56
N GLU D 306 4.16 33.36 39.80
CA GLU D 306 4.92 32.44 40.70
C GLU D 306 5.89 31.57 39.89
N PHE D 307 5.71 31.47 38.57
CA PHE D 307 6.56 30.65 37.68
C PHE D 307 6.44 31.17 36.24
N LYS D 308 7.35 30.76 35.39
CA LYS D 308 7.39 31.16 33.96
C LYS D 308 6.18 30.53 33.24
N VAL D 309 5.56 31.30 32.35
CA VAL D 309 4.42 30.85 31.50
C VAL D 309 4.82 31.03 30.04
N SER D 310 5.01 29.91 29.33
CA SER D 310 5.57 29.86 27.96
C SER D 310 4.55 29.21 27.03
N GLU D 311 4.07 30.00 26.06
CA GLU D 311 3.49 29.48 24.79
C GLU D 311 4.68 29.11 23.90
N ARG D 312 4.97 27.81 23.78
CA ARG D 312 6.20 27.31 23.11
C ARG D 312 5.99 25.89 22.57
N TYR D 313 6.86 25.48 21.64
CA TYR D 313 6.87 24.11 21.06
C TYR D 313 7.38 23.12 22.11
N LEU D 314 6.67 22.00 22.25
CA LEU D 314 7.03 20.84 23.10
C LEU D 314 7.01 19.58 22.24
N THR D 315 8.12 18.84 22.21
CA THR D 315 8.28 17.59 21.44
C THR D 315 8.30 16.39 22.40
N MET D 316 8.05 15.19 21.89
CA MET D 316 8.15 13.93 22.66
C MET D 316 9.56 13.79 23.22
N ASP D 317 10.59 14.29 22.53
CA ASP D 317 12.01 14.20 22.96
C ASP D 317 12.23 15.18 24.12
N ASP D 318 11.64 16.38 24.06
CA ASP D 318 11.69 17.36 25.18
C ASP D 318 11.13 16.67 26.42
N LEU D 319 10.00 15.98 26.26
CA LEU D 319 9.23 15.34 27.37
C LEU D 319 10.03 14.16 27.95
N THR D 320 10.50 13.24 27.10
CA THR D 320 11.19 12.00 27.54
C THR D 320 12.55 12.36 28.16
N THR D 321 13.25 13.36 27.62
CA THR D 321 14.53 13.90 28.18
C THR D 321 14.27 14.45 29.59
N ALA D 322 13.17 15.19 29.77
CA ALA D 322 12.75 15.78 31.07
C ALA D 322 12.40 14.68 32.08
N LEU D 323 11.73 13.60 31.65
CA LEU D 323 11.29 12.51 32.53
C LEU D 323 12.51 11.74 33.06
N GLU D 324 13.52 11.52 32.22
CA GLU D 324 14.79 10.84 32.61
C GLU D 324 15.54 11.69 33.65
N GLY D 325 15.34 13.02 33.64
CA GLY D 325 15.95 13.97 34.58
C GLY D 325 15.01 14.36 35.72
N ASN D 326 13.85 13.71 35.85
CA ASN D 326 12.84 13.96 36.91
C ASN D 326 12.43 15.44 36.93
N ARG D 327 12.32 16.05 35.74
CA ARG D 327 12.05 17.50 35.57
C ARG D 327 10.55 17.74 35.37
N VAL D 328 9.74 16.69 35.19
CA VAL D 328 8.29 16.81 34.89
C VAL D 328 7.51 16.70 36.21
N ARG D 329 6.60 17.65 36.45
CA ARG D 329 5.69 17.68 37.63
C ARG D 329 4.32 17.15 37.22
N GLU D 330 3.63 17.84 36.31
CA GLU D 330 2.22 17.56 35.91
C GLU D 330 2.06 17.74 34.40
N MET D 331 1.23 16.90 33.78
CA MET D 331 0.65 17.09 32.43
C MET D 331 -0.88 17.01 32.58
N PHE D 332 -1.61 17.94 31.98
CA PHE D 332 -3.10 17.91 32.02
C PHE D 332 -3.68 18.45 30.71
N GLY D 333 -4.84 17.90 30.34
CA GLY D 333 -5.71 18.46 29.31
C GLY D 333 -6.55 19.55 29.90
N SER D 334 -7.00 20.51 29.08
CA SER D 334 -7.92 21.60 29.47
C SER D 334 -9.03 21.69 28.43
N GLY D 335 -10.23 22.07 28.87
CA GLY D 335 -11.41 22.22 28.01
C GLY D 335 -12.66 22.39 28.84
N THR D 336 -13.74 22.84 28.20
CA THR D 336 -15.08 23.04 28.81
C THR D 336 -15.56 21.71 29.39
N ALA D 337 -15.19 20.60 28.74
CA ALA D 337 -15.63 19.22 29.10
C ALA D 337 -15.17 18.89 30.51
N CYS D 338 -13.86 18.97 30.70
CA CYS D 338 -13.11 18.57 31.89
C CYS D 338 -12.08 19.65 32.13
N VAL D 339 -12.40 20.59 32.99
CA VAL D 339 -11.66 21.88 33.18
C VAL D 339 -10.16 21.57 33.17
N VAL D 340 -9.74 20.56 33.93
CA VAL D 340 -8.34 20.08 34.08
C VAL D 340 -8.34 18.56 34.18
N CYS D 341 -7.79 17.87 33.18
CA CYS D 341 -7.76 16.39 33.10
C CYS D 341 -6.32 15.92 33.18
N PRO D 342 -5.86 15.41 34.35
CA PRO D 342 -4.51 14.89 34.49
C PRO D 342 -4.23 13.71 33.53
N VAL D 343 -3.01 13.67 33.00
CA VAL D 343 -2.42 12.57 32.20
C VAL D 343 -1.42 11.81 33.09
N SER D 344 -1.48 10.48 33.13
CA SER D 344 -0.59 9.60 33.94
C SER D 344 0.37 8.81 33.06
N ASP D 345 0.04 8.58 31.79
CA ASP D 345 0.78 7.65 30.91
C ASP D 345 0.61 8.01 29.44
N ILE D 346 1.66 7.77 28.65
CA ILE D 346 1.65 7.94 27.16
C ILE D 346 2.21 6.67 26.53
N LEU D 347 1.43 6.01 25.66
CA LEU D 347 1.92 4.87 24.83
C LEU D 347 2.44 5.43 23.51
N TYR D 348 3.72 5.17 23.21
CA TYR D 348 4.50 5.80 22.10
C TYR D 348 5.67 4.88 21.74
N LYS D 349 5.76 4.46 20.47
CA LYS D 349 6.81 3.54 19.98
C LYS D 349 6.79 2.24 20.79
N GLY D 350 5.60 1.75 21.17
CA GLY D 350 5.40 0.45 21.83
C GLY D 350 5.88 0.40 23.27
N GLU D 351 6.10 1.55 23.91
CA GLU D 351 6.51 1.62 25.33
C GLU D 351 5.47 2.45 26.08
N THR D 352 5.15 2.08 27.32
CA THR D 352 4.31 2.88 28.26
C THR D 352 5.26 3.87 28.95
N ILE D 353 5.07 5.18 28.72
CA ILE D 353 5.86 6.27 29.36
C ILE D 353 5.02 6.86 30.49
N HIS D 354 5.48 6.73 31.74
CA HIS D 354 4.76 7.24 32.93
C HIS D 354 5.00 8.74 33.08
N ILE D 355 3.93 9.51 33.25
CA ILE D 355 3.96 10.94 33.64
C ILE D 355 3.58 11.02 35.12
N PRO D 356 4.44 11.60 35.99
CA PRO D 356 4.24 11.54 37.44
C PRO D 356 3.25 12.59 37.98
N THR D 357 2.27 13.00 37.18
CA THR D 357 1.27 14.04 37.51
C THR D 357 0.67 13.76 38.89
N MET D 358 0.14 12.54 39.08
CA MET D 358 -0.65 12.16 40.29
C MET D 358 0.29 12.00 41.50
N GLU D 359 1.60 11.81 41.29
CA GLU D 359 2.58 11.71 42.40
C GLU D 359 3.04 13.11 42.83
N ASN D 360 2.75 14.15 42.03
CA ASN D 360 3.09 15.56 42.38
C ASN D 360 1.81 16.33 42.76
N GLY D 361 0.80 15.62 43.29
CA GLY D 361 -0.41 16.19 43.90
C GLY D 361 -1.68 15.61 43.31
N PRO D 362 -2.14 16.07 42.12
CA PRO D 362 -1.43 17.06 41.33
C PRO D 362 -1.71 18.48 41.81
N LYS D 363 -0.67 19.19 42.23
CA LYS D 363 -0.78 20.44 43.04
C LYS D 363 -1.38 21.56 42.17
N LEU D 364 -0.77 21.83 41.01
CA LEU D 364 -1.18 22.94 40.10
C LEU D 364 -2.53 22.62 39.46
N ALA D 365 -2.70 21.41 38.93
CA ALA D 365 -3.97 20.95 38.33
C ALA D 365 -5.11 21.17 39.32
N SER D 366 -4.93 20.75 40.58
CA SER D 366 -5.94 20.86 41.67
C SER D 366 -6.27 22.33 41.92
N ARG D 367 -5.24 23.18 41.96
CA ARG D 367 -5.40 24.64 42.19
C ARG D 367 -6.21 25.26 41.04
N ILE D 368 -5.86 24.93 39.81
CA ILE D 368 -6.54 25.46 38.59
C ILE D 368 -8.00 24.98 38.59
N LEU D 369 -8.24 23.70 38.84
CA LEU D 369 -9.62 23.15 38.90
C LEU D 369 -10.45 23.97 39.90
N SER D 370 -9.91 24.15 41.10
CA SER D 370 -10.61 24.82 42.23
C SER D 370 -10.94 26.27 41.86
N LYS D 371 -10.01 26.97 41.22
CA LYS D 371 -10.19 28.41 40.90
C LYS D 371 -11.32 28.56 39.87
N LEU D 372 -11.28 27.79 38.78
CA LEU D 372 -12.29 27.89 37.69
C LEU D 372 -13.64 27.40 38.21
N THR D 373 -13.67 26.31 38.98
CA THR D 373 -14.92 25.75 39.56
C THR D 373 -15.55 26.81 40.49
N ASP D 374 -14.75 27.43 41.36
CA ASP D 374 -15.22 28.48 42.29
C ASP D 374 -15.82 29.66 41.51
N ILE D 375 -15.25 30.02 40.35
CA ILE D 375 -15.77 31.17 39.53
C ILE D 375 -17.09 30.74 38.89
N GLN D 376 -17.08 29.59 38.22
CA GLN D 376 -18.23 28.98 37.51
C GLN D 376 -19.46 28.91 38.43
N TYR D 377 -19.28 28.48 39.68
CA TYR D 377 -20.41 28.20 40.61
C TYR D 377 -20.64 29.39 41.56
N GLY D 378 -20.01 30.53 41.29
CA GLY D 378 -20.27 31.80 41.98
C GLY D 378 -19.71 31.83 43.39
N ARG D 379 -18.83 30.88 43.74
CA ARG D 379 -18.15 30.83 45.07
C ARG D 379 -17.26 32.08 45.21
N GLU D 380 -16.83 32.66 44.09
CA GLU D 380 -15.95 33.86 44.05
C GLU D 380 -16.43 34.76 42.91
N GLU D 381 -16.38 36.08 43.09
CA GLU D 381 -16.86 37.05 42.08
C GLU D 381 -15.84 37.11 40.94
N ARG D 382 -16.31 37.36 39.72
CA ARG D 382 -15.44 37.39 38.51
C ARG D 382 -16.16 38.12 37.35
N ASP D 383 -15.34 38.90 36.62
CA ASP D 383 -15.63 39.46 35.27
C ASP D 383 -15.97 38.34 34.30
N TRP D 384 -15.45 37.13 34.52
CA TRP D 384 -15.55 35.96 33.61
C TRP D 384 -16.97 35.39 33.61
N THR D 385 -17.83 35.75 34.56
CA THR D 385 -19.21 35.22 34.67
C THR D 385 -20.24 36.31 34.41
N ILE D 386 -21.28 35.97 33.65
CA ILE D 386 -22.52 36.78 33.45
C ILE D 386 -23.66 36.00 34.08
N VAL D 387 -24.41 36.63 34.99
CA VAL D 387 -25.68 36.09 35.56
C VAL D 387 -26.74 36.17 34.45
N LEU D 388 -27.74 35.29 34.48
CA LEU D 388 -28.74 35.14 33.38
C LEU D 388 -29.66 36.37 33.30
N SER D 389 -29.87 36.86 32.07
CA SER D 389 -30.90 37.87 31.64
C SER D 389 -32.25 37.58 32.30
N1 UTK E . 9.66 -17.99 8.68
C4 UTK E . 8.32 -17.75 8.90
C5 UTK E . 10.34 -20.24 8.07
C6 UTK E . 10.47 -19.44 10.39
C7 UTK E . 9.98 -15.72 7.89
C15 UTK E . 11.17 -21.67 9.90
C17 UTK E . 7.96 -14.13 7.79
C24 UTK E . 12.26 -21.35 5.88
C26 UTK E . 12.35 -21.09 4.53
C28 UTK E . 10.40 -22.46 4.14
C27 UTK E . 13.30 -20.73 6.78
C29 UTK E . 11.43 -21.65 3.68
C25 UTK E . 10.29 -22.70 5.48
C19 UTK E . 11.22 -22.15 6.34
O16 UTK E . 11.06 -22.47 7.64
C11 UTK E . 10.85 -21.46 8.53
C18 UTK E . 11.68 -22.95 10.30
N23 UTK E . 12.11 -23.96 10.60
C12 UTK E . 10.99 -20.65 10.85
F13 UTK E . 10.28 -18.44 11.29
C2 UTK E . 10.16 -19.24 9.02
C3 UTK E . 10.50 -16.99 8.19
O8 UTK E . 11.70 -17.23 8.01
C14 UTK E . 8.63 -15.48 8.09
F21 UTK E . 8.85 -13.31 7.27
F22 UTK E . 7.50 -13.61 8.92
F20 UTK E . 6.97 -14.27 6.94
N9 UTK E . 7.81 -16.49 8.59
O10 UTK E . 7.58 -18.64 9.33
N1 PLP F . 5.22 -24.21 1.64
C2 PLP F . 6.38 -23.78 1.14
C2A PLP F . 6.36 -22.77 0.06
C3 PLP F . 7.59 -24.27 1.64
O3 PLP F . 8.74 -23.80 1.11
C4 PLP F . 7.58 -25.23 2.69
C4A PLP F . 8.87 -25.72 3.19
C5 PLP F . 6.33 -25.68 3.18
C6 PLP F . 5.20 -25.13 2.63
C5A PLP F . 6.18 -26.67 4.31
O4P PLP F . 7.23 -27.68 4.40
P PLP F . 7.42 -28.68 5.67
O1P PLP F . 8.17 -29.89 5.08
O2P PLP F . 8.21 -27.90 6.70
O3P PLP F . 6.04 -29.10 6.16
N1 UTK G . 23.30 -16.98 -23.28
C4 UTK G . 22.45 -17.27 -24.39
C5 UTK G . 23.13 -14.69 -22.44
C6 UTK G . 24.88 -15.38 -23.95
C7 UTK G . 23.04 -19.23 -22.51
C15 UTK G . 24.75 -13.09 -23.21
C17 UTK G . 21.59 -20.86 -23.80
C24 UTK G . 22.65 -13.53 -19.61
C26 UTK G . 21.74 -13.92 -18.63
C28 UTK G . 20.00 -12.77 -19.80
C27 UTK G . 24.10 -13.99 -19.47
C29 UTK G . 20.42 -13.53 -18.72
C25 UTK G . 20.88 -12.38 -20.78
C19 UTK G . 22.22 -12.76 -20.70
O16 UTK G . 23.07 -12.34 -21.70
C11 UTK G . 23.63 -13.37 -22.43
C18 UTK G . 25.34 -11.80 -23.25
N23 UTK G . 25.80 -10.77 -23.34
C12 UTK G . 25.37 -14.10 -23.96
F13 UTK G . 25.42 -16.39 -24.65
C2 UTK G . 23.78 -15.68 -23.19
C3 UTK G . 23.59 -17.97 -22.36
O8 UTK G . 24.32 -17.71 -21.42
C14 UTK G . 22.21 -19.50 -23.60
F21 UTK G . 20.78 -21.08 -22.75
F22 UTK G . 22.49 -21.81 -23.91
F20 UTK G . 20.91 -20.78 -24.94
N9 UTK G . 21.92 -18.53 -24.53
O10 UTK G . 22.17 -16.43 -25.26
N1 PLP H . 14.61 -11.36 -21.98
C2 PLP H . 15.07 -11.76 -20.80
C2A PLP H . 14.30 -12.78 -20.04
C3 PLP H . 16.24 -11.22 -20.28
O3 PLP H . 16.66 -11.66 -19.08
C4 PLP H . 16.95 -10.23 -20.99
C4A PLP H . 18.15 -9.69 -20.37
C5 PLP H . 16.43 -9.83 -22.24
C6 PLP H . 15.28 -10.41 -22.68
C5A PLP H . 17.12 -8.83 -23.15
O4P PLP H . 17.35 -7.52 -22.56
P PLP H . 18.53 -6.56 -23.18
O1P PLP H . 19.82 -7.35 -23.09
O2P PLP H . 18.09 -6.25 -24.62
O3P PLP H . 18.58 -5.34 -22.29
N1 UTK I . -17.63 20.85 -9.26
C4 UTK I . -16.56 21.39 -10.02
C5 UTK I . -17.66 18.43 -8.96
C6 UTK I . -18.95 19.52 -10.67
C7 UTK I . -17.71 22.89 -7.97
C15 UTK I . -19.04 17.15 -10.46
C17 UTK I . -16.09 24.80 -8.44
C24 UTK I . -18.20 16.73 -6.52
C26 UTK I . -17.77 16.90 -5.21
C28 UTK I . -15.72 15.84 -5.75
C27 UTK I . -19.58 17.24 -6.92
C29 UTK I . -16.53 16.45 -4.82
C25 UTK I . -16.13 15.71 -7.06
C19 UTK I . -17.39 16.15 -7.47
O16 UTK I . -17.77 16.00 -8.78
C11 UTK I . -18.15 17.18 -9.38
C18 UTK I . -19.50 15.90 -10.95
N23 UTK I . -19.89 14.90 -11.30
C12 UTK I . -19.44 18.30 -11.11
F13 UTK I . -19.33 20.67 -11.26
C2 UTK I . -18.08 19.58 -9.60
C3 UTK I . -18.20 21.62 -8.24
O8 UTK I . -19.14 21.16 -7.60
C14 UTK I . -16.64 23.40 -8.71
F21 UTK I . -16.57 25.26 -7.28
F22 UTK I . -16.52 25.59 -9.42
F20 UTK I . -14.74 24.74 -8.43
N9 UTK I . -16.08 22.65 -9.73
O10 UTK I . -16.03 20.75 -10.92
N1 PLP J . -9.91 14.64 -6.30
C2 PLP J . -10.76 14.75 -5.28
C2A PLP J . -10.34 15.52 -4.06
C3 PLP J . -12.02 14.16 -5.35
O3 PLP J . -12.85 14.29 -4.29
C4 PLP J . -12.40 13.44 -6.49
C4A PLP J . -13.75 12.83 -6.51
C5 PLP J . -11.47 13.34 -7.56
C6 PLP J . -10.26 13.96 -7.41
C5A PLP J . -11.77 12.66 -8.86
O4P PLP J . -12.15 11.25 -8.73
P PLP J . -12.97 10.53 -9.91
O1P PLP J . -12.02 10.45 -11.11
O2P PLP J . -14.17 11.43 -10.17
O3P PLP J . -13.34 9.14 -9.34
N1 UTK K . -15.56 14.10 24.93
C4 UTK K . -14.34 13.71 25.51
C5 UTK K . -16.06 16.46 24.66
C6 UTK K . -16.91 15.18 26.54
C7 UTK K . -15.56 12.11 23.58
C15 UTK K . -17.47 17.48 26.35
C17 UTK K . -13.62 10.41 23.71
C24 UTK K . -17.07 18.08 22.29
C26 UTK K . -16.69 18.06 20.96
C28 UTK K . -14.73 19.35 21.46
C27 UTK K . -18.34 17.39 22.78
C29 UTK K . -15.54 18.69 20.54
C25 UTK K . -15.10 19.36 22.79
C19 UTK K . -16.26 18.73 23.21
O16 UTK K . -16.63 18.76 24.52
C11 UTK K . -16.70 17.57 25.16
C18 UTK K . -18.09 18.69 26.81
N23 UTK K . -18.61 19.62 27.22
C12 UTK K . -17.58 16.28 27.06
F13 UTK K . -16.94 13.95 27.14
C2 UTK K . -16.17 15.27 25.36
C3 UTK K . -16.16 13.29 23.97
O8 UTK K . -17.24 13.66 23.49
C14 UTK K . -14.34 11.72 24.14
F21 UTK K . -13.26 10.55 22.46
F22 UTK K . -14.40 9.34 23.87
F20 UTK K . -12.52 10.23 24.38
N9 UTK K . -13.76 12.52 25.09
O10 UTK K . -13.79 14.43 26.36
N1 PLP L . -9.19 21.29 21.43
C2 PLP L . -10.04 21.19 20.41
C2A PLP L . -9.57 20.55 19.14
C3 PLP L . -11.36 21.67 20.53
O3 PLP L . -12.19 21.55 19.46
C4 PLP L . -11.79 22.25 21.75
C4A PLP L . -13.16 22.76 21.87
C5 PLP L . -10.86 22.36 22.80
C6 PLP L . -9.59 21.87 22.59
C5A PLP L . -11.23 22.97 24.13
O4P PLP L . -11.80 24.30 24.03
P PLP L . -12.53 24.97 25.31
O1P PLP L . -11.46 25.07 26.41
O2P PLP L . -13.68 24.02 25.63
O3P PLP L . -12.99 26.34 24.80
#